data_6D9L
#
_entry.id   6D9L
#
_cell.length_a   68.045
_cell.length_b   118.253
_cell.length_c   117.827
_cell.angle_alpha   90.000
_cell.angle_beta   95.510
_cell.angle_gamma   90.000
#
_symmetry.space_group_name_H-M   'P 1 21 1'
#
loop_
_entity.id
_entity.type
_entity.pdbx_description
1 polymer 'Uncharacterized protein'
2 polymer "RNA (5'-R(P*UP*UP*AP*CP*UP*GP*CP*GP*CP*AP*GP*GP*UP*GP*AP*CP*GP*A)-3')"
3 polymer "DNA (5'-D(P*TP*CP*GP*TP*CP*AP*CP*CP*TP*GP*AP*GP*CP*AP*GP*TP*AP*AP*C)-3')"
4 non-polymer 'MAGNESIUM ION'
5 water water
#
loop_
_entity_poly.entity_id
_entity_poly.type
_entity_poly.pdbx_seq_one_letter_code
_entity_poly.pdbx_strand_id
1 'polypeptide(L)'
;MHHHHHHDYKDDDDKAPVQAADEMYDSNPHPDRRQLVSNGFEVNLPDQVEVIVRDLPDPSKVKEERTRLMGYWFVHWFDG
KLFHLRIKAGGPNVDGEHRAIRTAEHPWLLRARLDDALEEALPKYAAVKKRPFTFLAQKDELIDAAATAAGLSHRLLNSF
KVIPRFALSPKIYEPVDGTTRVGVFVTIGMRYDIEASLRDLLEAGIDLRGMYVVRRKRQPGERGLLGRVRAISDDMVQLF
EETDLASVNVNDAKLEGSKENFTRCLSALLGHNYKKLLNALDDQEAGYRTGPRFDDAVRRMGEFLAKKPIRLADNINAQV
GDRIVFSNEGQARNVRLAPKVEYVFDRTGAKSAEYAWRGLSQFGPFDRPSFANRSPRILVVYPSSTQGKVENFLSAFRDG
MGSNYSGFSKGFVDLMGLTKVEFVMCPVEVSSADRNGAHTKYNSAIEDKLAGAGEVHAGIVVLFEDHARLPDDRNPYIHT
KSLLLTLGVPTQQVRMPTVLLEPKSLQYTLQNFSIATYAKLNGTPWTVNHDKAINDELVVGMGLAELSGSRTEKRQRFVG
ITTVFAGDGSYLLGNVSKECEYEGYSDAIRESMTGILRELKKRNNWRPGDTVRVVFHAHRPLKRVDVASIVFECTREIGS
DQNIQMAFVTVSHDHPFVLIDRSERGLEAYKGSTARKGVFAPPRGAISRVGRLTRLLAVNSPQLIKRANTPLPTPLLVSL
HPDSTFKDVDYLAEQALKFTSLSWRSTLPAATPVTIFYSERIAELLGRLKSIPNWSSANLNIKLKWSRWFL
;
A,F
2 'polyribonucleotide' UUACUGCGCAGGUGACGA C,H
3 'polydeoxyribonucleotide'
;(DC)(DT)(DG)(DT)(DC)(DG)(DT)(DC)(DA)(DC)(DC)(DT)(DG)(DA)(DG)(DC)(DA)(DG)(DT)(DA)
(DA)(DC)(DT)(DG)
;
G,J
#
# COMPACT_ATOMS: atom_id res chain seq x y z
N ARG A 34 15.60 51.71 -4.45
CA ARG A 34 15.53 50.28 -3.99
C ARG A 34 14.64 49.42 -4.90
N GLN A 35 15.25 48.41 -5.53
CA GLN A 35 14.52 47.44 -6.33
C GLN A 35 15.23 46.08 -6.45
N LEU A 36 14.47 45.02 -6.23
CA LEU A 36 14.91 43.64 -6.38
C LEU A 36 14.03 42.97 -7.43
N VAL A 37 14.65 42.33 -8.41
CA VAL A 37 13.95 41.69 -9.51
C VAL A 37 13.79 40.19 -9.27
N SER A 38 12.65 39.64 -9.66
CA SER A 38 12.33 38.25 -9.42
C SER A 38 12.63 37.39 -10.65
N ASN A 39 12.47 36.08 -10.48
CA ASN A 39 12.61 35.13 -11.59
C ASN A 39 11.25 34.75 -12.19
N GLY A 40 10.27 35.64 -12.07
CA GLY A 40 8.91 35.36 -12.54
C GLY A 40 8.35 36.45 -13.44
N PHE A 41 7.37 36.08 -14.25
CA PHE A 41 6.72 37.03 -15.14
C PHE A 41 5.25 37.18 -14.79
N GLU A 42 4.75 38.40 -14.91
CA GLU A 42 3.32 38.65 -14.75
C GLU A 42 2.55 37.85 -15.81
N VAL A 43 1.40 37.31 -15.42
CA VAL A 43 0.54 36.59 -16.36
C VAL A 43 -0.83 37.26 -16.46
N ASN A 44 -1.08 37.92 -17.59
CA ASN A 44 -2.37 38.53 -17.88
C ASN A 44 -3.43 37.46 -18.04
N LEU A 45 -4.46 37.52 -17.21
CA LEU A 45 -5.54 36.55 -17.23
C LEU A 45 -6.86 37.29 -17.44
N PRO A 46 -7.89 36.58 -17.94
CA PRO A 46 -9.19 37.22 -18.09
C PRO A 46 -9.81 37.53 -16.73
N ASP A 47 -10.47 38.68 -16.63
CA ASP A 47 -11.12 39.09 -15.38
C ASP A 47 -12.09 38.01 -14.89
N GLN A 48 -12.75 37.34 -15.83
CA GLN A 48 -13.81 36.39 -15.51
C GLN A 48 -13.65 35.10 -16.30
N VAL A 49 -14.28 34.03 -15.83
CA VAL A 49 -14.34 32.77 -16.58
C VAL A 49 -15.57 31.96 -16.17
N GLU A 50 -16.29 31.42 -17.15
CA GLU A 50 -17.53 30.69 -16.90
C GLU A 50 -17.24 29.20 -16.69
N VAL A 51 -17.63 28.69 -15.53
CA VAL A 51 -17.26 27.35 -15.09
C VAL A 51 -18.54 26.59 -14.71
N ILE A 52 -18.55 25.28 -14.93
CA ILE A 52 -19.68 24.43 -14.54
C ILE A 52 -19.28 23.59 -13.33
N VAL A 53 -20.14 23.59 -12.31
CA VAL A 53 -19.81 23.04 -11.01
C VAL A 53 -20.88 22.05 -10.54
N ARG A 54 -20.46 21.03 -9.80
CA ARG A 54 -21.39 20.06 -9.22
C ARG A 54 -20.80 19.38 -8.00
N ASP A 55 -21.63 19.22 -6.96
CA ASP A 55 -21.19 18.59 -5.71
C ASP A 55 -20.64 17.19 -5.98
N LEU A 56 -19.53 16.88 -5.31
CA LEU A 56 -18.83 15.62 -5.51
C LEU A 56 -18.03 15.34 -4.23
N PRO A 57 -18.71 14.83 -3.18
CA PRO A 57 -18.08 14.65 -1.87
C PRO A 57 -16.94 13.64 -1.84
N ASP A 58 -17.00 12.63 -2.70
CA ASP A 58 -15.97 11.59 -2.75
C ASP A 58 -14.96 11.86 -3.87
N PRO A 59 -13.72 12.25 -3.51
CA PRO A 59 -12.72 12.55 -4.54
C PRO A 59 -12.23 11.33 -5.34
N SER A 60 -12.63 10.13 -4.92
CA SER A 60 -12.24 8.89 -5.60
C SER A 60 -12.71 8.83 -7.06
N LYS A 61 -13.86 9.43 -7.36
CA LYS A 61 -14.41 9.39 -8.72
C LYS A 61 -13.84 10.46 -9.67
N VAL A 62 -12.92 11.29 -9.19
CA VAL A 62 -12.37 12.40 -9.97
C VAL A 62 -11.44 11.90 -11.09
N LYS A 63 -10.59 10.93 -10.79
CA LYS A 63 -9.61 10.42 -11.75
C LYS A 63 -10.25 9.89 -13.04
N GLU A 64 -11.37 9.18 -12.89
CA GLU A 64 -12.10 8.61 -14.02
C GLU A 64 -12.77 9.69 -14.87
N GLU A 65 -13.20 10.78 -14.23
CA GLU A 65 -13.86 11.88 -14.93
C GLU A 65 -12.85 12.72 -15.71
N ARG A 66 -11.68 12.97 -15.13
CA ARG A 66 -10.61 13.67 -15.84
C ARG A 66 -10.25 12.93 -17.14
N THR A 67 -10.44 11.61 -17.14
CA THR A 67 -10.23 10.78 -18.34
C THR A 67 -11.41 10.85 -19.31
N ARG A 68 -12.63 10.79 -18.80
CA ARG A 68 -13.84 10.87 -19.63
C ARG A 68 -13.93 12.19 -20.40
N LEU A 69 -13.65 13.30 -19.71
CA LEU A 69 -13.79 14.64 -20.30
C LEU A 69 -12.48 15.13 -20.91
N MET A 70 -11.44 14.29 -20.89
CA MET A 70 -10.12 14.66 -21.42
C MET A 70 -10.22 15.26 -22.83
N GLY A 71 -9.48 16.34 -23.05
CA GLY A 71 -9.43 17.00 -24.36
C GLY A 71 -10.35 18.21 -24.47
N TYR A 72 -11.54 18.12 -23.86
CA TYR A 72 -12.57 19.17 -23.98
C TYR A 72 -12.73 20.00 -22.70
N TRP A 73 -12.37 19.44 -21.55
CA TRP A 73 -12.56 20.11 -20.28
C TRP A 73 -11.34 19.97 -19.37
N PHE A 74 -10.95 21.08 -18.74
CA PHE A 74 -10.07 21.02 -17.58
C PHE A 74 -10.95 20.78 -16.36
N VAL A 75 -10.45 19.94 -15.45
CA VAL A 75 -11.22 19.51 -14.29
C VAL A 75 -10.38 19.70 -13.03
N HIS A 76 -11.01 20.17 -11.95
CA HIS A 76 -10.31 20.47 -10.71
C HIS A 76 -11.23 20.29 -9.50
N TRP A 77 -10.75 19.54 -8.51
CA TRP A 77 -11.49 19.29 -7.27
C TRP A 77 -11.03 20.25 -6.16
N PHE A 78 -11.99 20.84 -5.46
CA PHE A 78 -11.69 21.79 -4.37
C PHE A 78 -12.88 21.89 -3.42
N ASP A 79 -12.61 21.71 -2.12
CA ASP A 79 -13.58 21.93 -1.05
C ASP A 79 -14.94 21.23 -1.31
N GLY A 80 -14.86 19.94 -1.64
CA GLY A 80 -16.05 19.10 -1.82
C GLY A 80 -16.81 19.28 -3.13
N LYS A 81 -16.27 20.04 -4.07
CA LYS A 81 -16.95 20.34 -5.32
C LYS A 81 -16.02 20.16 -6.51
N LEU A 82 -16.59 19.78 -7.66
CA LEU A 82 -15.82 19.59 -8.89
C LEU A 82 -16.09 20.75 -9.85
N PHE A 83 -15.03 21.28 -10.45
CA PHE A 83 -15.12 22.42 -11.36
C PHE A 83 -14.69 22.01 -12.76
N HIS A 84 -15.40 22.53 -13.77
CA HIS A 84 -15.18 22.15 -15.17
C HIS A 84 -15.04 23.40 -16.03
N LEU A 85 -13.90 23.53 -16.70
CA LEU A 85 -13.68 24.63 -17.63
C LEU A 85 -13.58 24.03 -19.03
N ARG A 86 -14.49 24.42 -19.92
CA ARG A 86 -14.45 23.97 -21.31
C ARG A 86 -13.23 24.61 -21.98
N ILE A 87 -12.33 23.76 -22.49
CA ILE A 87 -11.09 24.21 -23.16
C ILE A 87 -11.09 23.97 -24.67
N LYS A 88 -12.13 23.30 -25.16
CA LYS A 88 -12.28 23.00 -26.59
C LYS A 88 -13.74 22.69 -26.86
N ALA A 89 -14.24 23.20 -28.00
CA ALA A 89 -15.64 22.98 -28.39
C ALA A 89 -15.88 21.53 -28.77
N GLY A 90 -17.11 21.07 -28.53
CA GLY A 90 -17.49 19.67 -28.81
C GLY A 90 -17.72 18.89 -27.52
N GLY A 91 -18.59 17.89 -27.61
CA GLY A 91 -18.97 17.08 -26.44
C GLY A 91 -17.84 16.19 -25.93
N PRO A 92 -18.11 15.41 -24.87
CA PRO A 92 -19.41 15.25 -24.20
C PRO A 92 -19.78 16.44 -23.32
N ASN A 93 -20.99 16.40 -22.78
CA ASN A 93 -21.53 17.52 -22.00
C ASN A 93 -21.42 17.29 -20.50
N VAL A 94 -21.72 18.34 -19.73
CA VAL A 94 -21.58 18.32 -18.28
C VAL A 94 -22.79 18.96 -17.60
N ASP A 95 -23.23 18.38 -16.48
CA ASP A 95 -24.35 18.91 -15.70
C ASP A 95 -23.85 19.83 -14.58
N GLY A 96 -24.76 20.61 -14.00
CA GLY A 96 -24.47 21.45 -12.85
C GLY A 96 -24.72 22.92 -13.04
N GLU A 97 -24.57 23.68 -11.96
CA GLU A 97 -24.77 25.13 -11.95
C GLU A 97 -23.66 25.81 -12.74
N HIS A 98 -24.02 26.90 -13.44
CA HIS A 98 -23.04 27.76 -14.11
C HIS A 98 -22.70 28.93 -13.20
N ARG A 99 -21.40 29.20 -13.05
CA ARG A 99 -20.92 30.27 -12.19
C ARG A 99 -19.76 31.01 -12.83
N ALA A 100 -19.68 32.31 -12.56
CA ALA A 100 -18.57 33.13 -13.02
C ALA A 100 -17.50 33.15 -11.94
N ILE A 101 -16.39 32.48 -12.19
CA ILE A 101 -15.24 32.53 -11.30
C ILE A 101 -14.37 33.70 -11.73
N ARG A 102 -14.13 34.62 -10.80
CA ARG A 102 -13.33 35.80 -11.06
C ARG A 102 -11.89 35.55 -10.61
N THR A 103 -10.95 35.98 -11.44
CA THR A 103 -9.53 35.74 -11.23
C THR A 103 -9.02 36.47 -9.98
N ALA A 104 -9.41 37.72 -9.82
CA ALA A 104 -8.99 38.52 -8.66
C ALA A 104 -9.39 37.87 -7.34
N GLU A 105 -10.57 37.26 -7.30
CA GLU A 105 -11.10 36.64 -6.08
C GLU A 105 -10.63 35.21 -5.86
N HIS A 106 -10.59 34.42 -6.94
CA HIS A 106 -10.30 32.99 -6.84
C HIS A 106 -9.27 32.55 -7.88
N PRO A 107 -8.00 32.98 -7.71
CA PRO A 107 -6.99 32.74 -8.74
C PRO A 107 -6.57 31.27 -8.89
N TRP A 108 -6.84 30.46 -7.88
CA TRP A 108 -6.42 29.06 -7.84
C TRP A 108 -6.85 28.20 -9.04
N LEU A 109 -7.98 28.53 -9.66
CA LEU A 109 -8.50 27.76 -10.79
C LEU A 109 -7.64 27.95 -12.04
N LEU A 110 -7.39 29.21 -12.39
CA LEU A 110 -6.54 29.53 -13.54
C LEU A 110 -5.09 29.15 -13.29
N ARG A 111 -4.65 29.24 -12.04
CA ARG A 111 -3.29 28.82 -11.68
C ARG A 111 -3.08 27.34 -11.99
N ALA A 112 -4.06 26.53 -11.60
CA ALA A 112 -4.01 25.08 -11.86
C ALA A 112 -4.07 24.81 -13.35
N ARG A 113 -5.00 25.47 -14.03
CA ARG A 113 -5.13 25.35 -15.47
C ARG A 113 -3.84 25.78 -16.18
N LEU A 114 -3.13 26.74 -15.61
CA LEU A 114 -1.90 27.25 -16.21
C LEU A 114 -0.79 26.19 -16.27
N ASP A 115 -0.74 25.31 -15.27
CA ASP A 115 0.20 24.18 -15.27
C ASP A 115 0.11 23.37 -16.56
N ASP A 116 -1.12 22.99 -16.92
CA ASP A 116 -1.37 22.19 -18.13
C ASP A 116 -1.20 23.03 -19.40
N ALA A 117 -1.69 24.27 -19.37
CA ALA A 117 -1.63 25.16 -20.53
C ALA A 117 -0.19 25.54 -20.90
N LEU A 118 0.67 25.70 -19.90
CA LEU A 118 2.10 25.95 -20.15
C LEU A 118 2.75 24.79 -20.89
N GLU A 119 2.32 23.58 -20.56
CA GLU A 119 2.82 22.37 -21.21
C GLU A 119 2.38 22.33 -22.68
N GLU A 120 1.09 22.53 -22.91
CA GLU A 120 0.52 22.53 -24.26
C GLU A 120 1.14 23.61 -25.16
N ALA A 121 1.55 24.73 -24.56
CA ALA A 121 2.18 25.83 -25.30
C ALA A 121 3.64 25.51 -25.67
N LEU A 122 4.22 24.51 -25.03
CA LEU A 122 5.57 24.05 -25.36
C LEU A 122 5.56 22.57 -25.79
N PRO A 123 5.02 22.28 -27.00
CA PRO A 123 4.90 20.89 -27.45
C PRO A 123 6.24 20.25 -27.87
N LYS A 124 7.16 21.05 -28.40
CA LYS A 124 8.49 20.54 -28.77
C LYS A 124 9.40 20.28 -27.55
N TYR A 125 8.90 20.56 -26.35
CA TYR A 125 9.61 20.26 -25.12
C TYR A 125 8.81 19.23 -24.33
N ALA A 126 9.48 18.15 -23.93
CA ALA A 126 8.80 17.04 -23.28
C ALA A 126 8.93 17.13 -21.76
N ALA A 127 7.82 16.87 -21.08
CA ALA A 127 7.74 16.99 -19.63
C ALA A 127 8.44 15.83 -18.94
N VAL A 128 9.57 16.11 -18.30
CA VAL A 128 10.24 15.12 -17.44
C VAL A 128 9.54 15.03 -16.07
N LYS A 129 8.78 16.06 -15.74
CA LYS A 129 7.89 16.06 -14.56
C LYS A 129 6.82 17.12 -14.74
N LYS A 130 5.74 16.99 -14.00
CA LYS A 130 4.61 17.91 -14.11
C LYS A 130 4.30 18.59 -12.79
N ARG A 131 3.62 19.74 -12.89
CA ARG A 131 3.33 20.63 -11.76
C ARG A 131 4.41 20.60 -10.66
N PRO A 132 5.50 21.37 -10.85
CA PRO A 132 5.71 22.29 -11.97
C PRO A 132 6.06 21.55 -13.26
N PHE A 133 5.71 22.16 -14.39
CA PHE A 133 6.09 21.66 -15.71
C PHE A 133 7.61 21.79 -15.85
N THR A 134 8.30 20.67 -15.97
CA THR A 134 9.76 20.62 -16.08
C THR A 134 10.19 19.99 -17.40
N PHE A 135 11.19 20.56 -18.05
CA PHE A 135 11.65 20.08 -19.36
C PHE A 135 13.14 20.35 -19.55
N LEU A 136 13.71 19.82 -20.62
CA LEU A 136 15.14 19.92 -20.86
C LEU A 136 15.47 20.76 -22.10
N ALA A 137 16.68 21.32 -22.11
CA ALA A 137 17.19 22.00 -23.30
C ALA A 137 17.45 20.96 -24.39
N GLN A 138 17.14 21.32 -25.64
CA GLN A 138 17.26 20.38 -26.75
C GLN A 138 18.68 20.28 -27.30
N LYS A 139 19.30 21.43 -27.56
CA LYS A 139 20.60 21.46 -28.20
C LYS A 139 21.74 21.19 -27.22
N ASP A 140 21.76 21.94 -26.11
CA ASP A 140 22.92 22.00 -25.23
C ASP A 140 23.23 20.70 -24.47
N GLU A 141 24.52 20.46 -24.25
CA GLU A 141 25.02 19.31 -23.51
C GLU A 141 26.43 19.63 -23.02
N LEU A 142 26.58 19.84 -21.73
CA LEU A 142 27.74 20.55 -21.18
C LEU A 142 29.01 19.71 -21.13
N ILE A 143 28.87 18.39 -21.02
CA ILE A 143 30.03 17.51 -21.03
C ILE A 143 30.76 17.56 -22.39
N ASP A 144 29.98 17.57 -23.48
CA ASP A 144 30.56 17.73 -24.80
C ASP A 144 31.31 19.05 -24.92
N ALA A 145 30.67 20.14 -24.52
CA ALA A 145 31.28 21.48 -24.57
C ALA A 145 32.50 21.60 -23.66
N ALA A 146 32.43 20.94 -22.50
CA ALA A 146 33.55 20.96 -21.56
C ALA A 146 34.76 20.16 -22.08
N ALA A 147 34.48 19.10 -22.85
CA ALA A 147 35.54 18.29 -23.46
C ALA A 147 36.33 19.11 -24.50
N THR A 148 35.60 19.89 -25.29
CA THR A 148 36.21 20.82 -26.24
C THR A 148 36.98 21.93 -25.52
N ALA A 149 36.37 22.53 -24.50
CA ALA A 149 36.96 23.70 -23.82
C ALA A 149 38.29 23.41 -23.13
N ALA A 150 38.37 22.29 -22.40
CA ALA A 150 39.61 21.87 -21.76
C ALA A 150 40.48 21.05 -22.72
N GLY A 151 39.89 20.58 -23.81
CA GLY A 151 40.64 19.90 -24.87
C GLY A 151 40.83 18.41 -24.65
N LEU A 152 39.94 17.80 -23.87
CA LEU A 152 39.99 16.37 -23.59
C LEU A 152 39.13 15.61 -24.60
N SER A 153 39.41 14.32 -24.75
CA SER A 153 38.68 13.46 -25.66
C SER A 153 38.74 12.00 -25.20
N HIS A 154 37.64 11.29 -25.37
CA HIS A 154 37.51 9.90 -24.95
C HIS A 154 36.24 9.35 -25.59
N ARG A 155 36.15 8.03 -25.74
CA ARG A 155 35.03 7.42 -26.46
C ARG A 155 33.75 7.58 -25.67
N LEU A 156 33.75 7.01 -24.46
CA LEU A 156 32.56 6.95 -23.62
C LEU A 156 32.14 8.30 -23.06
N LEU A 157 33.06 9.27 -23.06
CA LEU A 157 32.74 10.65 -22.67
C LEU A 157 31.37 11.07 -23.23
N ASN A 158 31.11 10.70 -24.48
CA ASN A 158 29.84 11.02 -25.14
C ASN A 158 28.61 10.29 -24.59
N SER A 159 28.80 9.42 -23.61
CA SER A 159 27.68 8.74 -22.93
C SER A 159 27.45 9.26 -21.49
N PHE A 160 28.15 10.34 -21.12
CA PHE A 160 27.87 11.09 -19.90
C PHE A 160 27.20 12.41 -20.29
N LYS A 161 25.89 12.49 -20.06
CA LYS A 161 25.11 13.67 -20.45
C LYS A 161 24.82 14.58 -19.27
N VAL A 162 25.03 15.88 -19.50
CA VAL A 162 24.63 16.93 -18.58
C VAL A 162 23.79 17.92 -19.36
N ILE A 163 22.51 18.00 -19.02
CA ILE A 163 21.55 18.79 -19.79
C ILE A 163 20.83 19.80 -18.88
N PRO A 164 20.83 21.10 -19.27
CA PRO A 164 20.05 22.10 -18.53
C PRO A 164 18.58 21.70 -18.40
N ARG A 165 18.01 21.99 -17.24
CA ARG A 165 16.64 21.58 -16.90
C ARG A 165 15.88 22.80 -16.42
N PHE A 166 14.79 23.12 -17.12
CA PHE A 166 13.98 24.28 -16.77
C PHE A 166 12.68 23.82 -16.16
N ALA A 167 12.22 24.52 -15.12
CA ALA A 167 10.88 24.33 -14.59
C ALA A 167 10.11 25.66 -14.63
N LEU A 168 8.80 25.58 -14.83
CA LEU A 168 7.93 26.75 -14.84
C LEU A 168 6.83 26.54 -13.82
N SER A 169 6.83 27.35 -12.75
CA SER A 169 5.88 27.22 -11.66
C SER A 169 4.92 28.40 -11.63
N PRO A 170 3.61 28.16 -11.86
CA PRO A 170 2.64 29.22 -11.71
C PRO A 170 2.30 29.38 -10.24
N LYS A 171 2.47 30.58 -9.72
CA LYS A 171 2.35 30.84 -8.29
C LYS A 171 1.52 32.09 -8.04
N ILE A 172 0.74 32.05 -6.97
CA ILE A 172 -0.03 33.19 -6.53
C ILE A 172 0.85 34.09 -5.65
N TYR A 173 0.73 35.41 -5.86
CA TYR A 173 1.46 36.40 -5.10
C TYR A 173 0.64 37.69 -4.99
N GLU A 174 1.08 38.59 -4.12
CA GLU A 174 0.40 39.85 -3.89
C GLU A 174 1.33 41.00 -4.21
N PRO A 175 1.01 41.79 -5.26
CA PRO A 175 1.74 43.03 -5.50
C PRO A 175 1.59 44.00 -4.33
N VAL A 176 0.35 44.10 -3.83
CA VAL A 176 0.02 44.90 -2.65
C VAL A 176 -1.02 44.13 -1.84
N ASP A 177 -1.09 44.40 -0.53
CA ASP A 177 -2.01 43.65 0.32
C ASP A 177 -3.43 43.80 -0.18
N GLY A 178 -4.18 42.69 -0.21
CA GLY A 178 -5.57 42.69 -0.65
C GLY A 178 -5.79 42.20 -2.09
N THR A 179 -4.79 42.36 -2.96
CA THR A 179 -4.93 41.97 -4.36
C THR A 179 -3.99 40.81 -4.71
N THR A 180 -4.55 39.76 -5.32
CA THR A 180 -3.77 38.59 -5.73
C THR A 180 -3.66 38.47 -7.25
N ARG A 181 -2.45 38.19 -7.73
CA ARG A 181 -2.20 37.88 -9.13
C ARG A 181 -1.53 36.51 -9.25
N VAL A 182 -1.31 36.08 -10.49
CA VAL A 182 -0.61 34.84 -10.78
C VAL A 182 0.63 35.15 -11.60
N GLY A 183 1.78 34.61 -11.18
CA GLY A 183 3.04 34.75 -11.92
C GLY A 183 3.65 33.40 -12.25
N VAL A 184 4.46 33.36 -13.31
CA VAL A 184 5.13 32.13 -13.74
C VAL A 184 6.62 32.29 -13.48
N PHE A 185 7.14 31.43 -12.60
CA PHE A 185 8.50 31.55 -12.13
C PHE A 185 9.37 30.48 -12.76
N VAL A 186 10.59 30.88 -13.11
CA VAL A 186 11.50 30.07 -13.89
C VAL A 186 12.66 29.64 -13.03
N THR A 187 12.86 28.34 -12.94
CA THR A 187 14.01 27.80 -12.23
C THR A 187 14.79 26.89 -13.14
N ILE A 188 16.11 26.92 -12.96
CA ILE A 188 17.04 26.15 -13.77
C ILE A 188 17.80 25.16 -12.90
N GLY A 189 18.01 23.95 -13.41
CA GLY A 189 18.90 22.97 -12.81
C GLY A 189 19.64 22.21 -13.90
N MET A 190 20.46 21.24 -13.49
CA MET A 190 21.17 20.39 -14.45
C MET A 190 20.73 18.93 -14.29
N ARG A 191 20.42 18.29 -15.42
CA ARG A 191 20.13 16.86 -15.43
C ARG A 191 21.40 16.09 -15.73
N TYR A 192 21.92 15.38 -14.73
CA TYR A 192 23.09 14.52 -14.91
C TYR A 192 22.59 13.10 -15.19
N ASP A 193 23.17 12.47 -16.20
CA ASP A 193 22.72 11.15 -16.61
C ASP A 193 23.85 10.34 -17.28
N ILE A 194 24.07 9.13 -16.77
CA ILE A 194 25.03 8.17 -17.33
C ILE A 194 24.25 7.09 -18.08
N GLU A 195 24.06 7.28 -19.38
CA GLU A 195 23.37 6.29 -20.22
C GLU A 195 24.32 5.18 -20.69
N ALA A 196 25.63 5.38 -20.48
CA ALA A 196 26.64 4.36 -20.80
C ALA A 196 26.26 2.99 -20.24
N SER A 197 26.43 1.96 -21.07
CA SER A 197 26.14 0.58 -20.66
C SER A 197 27.18 0.08 -19.68
N LEU A 198 26.78 -0.90 -18.88
CA LEU A 198 27.61 -1.38 -17.76
C LEU A 198 28.78 -2.22 -18.24
N ARG A 199 28.61 -2.90 -19.38
CA ARG A 199 29.67 -3.73 -19.97
C ARG A 199 30.82 -2.88 -20.50
N ASP A 200 30.50 -1.65 -20.92
CA ASP A 200 31.53 -0.73 -21.41
C ASP A 200 32.42 -0.22 -20.28
N LEU A 201 31.80 0.07 -19.14
CA LEU A 201 32.50 0.66 -18.00
C LEU A 201 33.42 -0.35 -17.29
N LEU A 202 33.12 -1.64 -17.42
CA LEU A 202 33.99 -2.69 -16.89
C LEU A 202 35.29 -2.77 -17.66
N GLU A 203 35.17 -2.89 -18.99
CA GLU A 203 36.31 -3.10 -19.86
C GLU A 203 37.27 -1.91 -19.88
N ALA A 204 36.75 -0.72 -19.60
CA ALA A 204 37.58 0.49 -19.53
C ALA A 204 38.30 0.65 -18.19
N GLY A 205 38.16 -0.33 -17.29
CA GLY A 205 38.91 -0.35 -16.03
C GLY A 205 38.25 0.35 -14.84
N ILE A 206 37.00 0.77 -15.02
CA ILE A 206 36.24 1.38 -13.93
C ILE A 206 35.63 0.28 -13.08
N ASP A 207 35.92 0.32 -11.78
CA ASP A 207 35.40 -0.69 -10.85
C ASP A 207 33.98 -0.32 -10.41
N LEU A 208 33.01 -1.14 -10.84
CA LEU A 208 31.59 -0.86 -10.55
C LEU A 208 31.10 -1.38 -9.19
N ARG A 209 31.97 -2.02 -8.41
CA ARG A 209 31.57 -2.64 -7.14
C ARG A 209 31.16 -1.59 -6.10
N GLY A 210 29.88 -1.61 -5.73
CA GLY A 210 29.35 -0.70 -4.71
C GLY A 210 28.69 0.55 -5.26
N MET A 211 28.57 0.64 -6.58
CA MET A 211 27.89 1.77 -7.21
C MET A 211 26.40 1.49 -7.27
N TYR A 212 25.59 2.51 -6.97
CA TYR A 212 24.15 2.39 -7.01
C TYR A 212 23.67 2.32 -8.45
N VAL A 213 22.54 1.64 -8.66
CA VAL A 213 22.05 1.37 -10.00
C VAL A 213 20.55 1.58 -10.09
N VAL A 214 20.12 2.14 -11.21
CA VAL A 214 18.75 2.61 -11.40
C VAL A 214 18.25 2.09 -12.76
N ARG A 215 16.93 2.02 -12.95
CA ARG A 215 16.34 1.52 -14.20
C ARG A 215 16.46 2.51 -15.35
N ARG A 216 16.31 2.00 -16.57
CA ARG A 216 16.29 2.84 -17.76
C ARG A 216 14.86 3.32 -18.03
N LYS A 217 13.94 2.36 -18.15
CA LYS A 217 12.52 2.65 -18.33
C LYS A 217 11.82 2.65 -16.98
N ARG A 218 11.25 3.80 -16.60
CA ARG A 218 10.63 3.98 -15.30
C ARG A 218 9.45 4.97 -15.40
N GLN A 219 8.17 4.57 -15.36
CA GLN A 219 7.59 3.20 -15.23
C GLN A 219 6.38 3.40 -14.32
N PRO A 220 5.18 3.59 -14.91
CA PRO A 220 4.00 4.12 -14.20
C PRO A 220 4.04 4.02 -12.68
N GLY A 221 4.63 5.04 -12.04
CA GLY A 221 4.63 5.17 -10.58
C GLY A 221 5.56 4.23 -9.83
N GLU A 222 6.47 3.55 -10.54
CA GLU A 222 7.36 2.56 -9.94
C GLU A 222 8.66 3.17 -9.43
N ARG A 223 9.38 2.38 -8.65
CA ARG A 223 10.67 2.79 -8.09
C ARG A 223 11.74 2.74 -9.17
N GLY A 224 12.78 3.57 -9.01
CA GLY A 224 13.91 3.57 -9.91
C GLY A 224 15.09 2.80 -9.35
N LEU A 225 15.38 3.03 -8.07
CA LEU A 225 16.52 2.40 -7.40
C LEU A 225 16.34 0.88 -7.36
N LEU A 226 17.32 0.16 -7.91
CA LEU A 226 17.32 -1.30 -7.89
C LEU A 226 18.14 -1.80 -6.72
N GLY A 227 19.39 -1.31 -6.62
CA GLY A 227 20.27 -1.69 -5.53
C GLY A 227 21.71 -1.30 -5.80
N ARG A 228 22.63 -1.97 -5.11
CA ARG A 228 24.07 -1.77 -5.28
C ARG A 228 24.64 -2.85 -6.20
N VAL A 229 25.82 -2.62 -6.77
CA VAL A 229 26.46 -3.59 -7.65
C VAL A 229 27.40 -4.48 -6.84
N ARG A 230 27.14 -5.79 -6.86
CA ARG A 230 28.04 -6.78 -6.26
C ARG A 230 29.02 -7.28 -7.31
N ALA A 231 28.49 -7.73 -8.44
CA ALA A 231 29.27 -8.14 -9.61
C ALA A 231 28.33 -8.39 -10.79
N ILE A 232 28.91 -8.60 -11.98
CA ILE A 232 28.11 -8.82 -13.20
C ILE A 232 28.30 -10.25 -13.69
N SER A 233 27.19 -10.92 -13.99
CA SER A 233 27.21 -12.28 -14.52
C SER A 233 27.33 -12.27 -16.05
N ASP A 234 26.41 -12.91 -16.75
CA ASP A 234 26.39 -12.88 -18.21
C ASP A 234 25.84 -11.53 -18.68
N ASP A 235 24.57 -11.48 -19.05
CA ASP A 235 23.86 -10.22 -19.28
C ASP A 235 23.02 -9.93 -18.04
N MET A 236 23.66 -10.00 -16.88
CA MET A 236 22.97 -9.96 -15.59
C MET A 236 23.85 -9.34 -14.51
N VAL A 237 23.28 -8.41 -13.74
CA VAL A 237 23.98 -7.76 -12.63
C VAL A 237 23.55 -8.37 -11.28
N GLN A 238 24.49 -8.47 -10.35
CA GLN A 238 24.21 -8.97 -9.00
C GLN A 238 24.07 -7.81 -8.00
N LEU A 239 22.91 -7.73 -7.37
CA LEU A 239 22.55 -6.59 -6.52
C LEU A 239 22.48 -6.93 -5.04
N PHE A 240 23.33 -6.28 -4.24
CA PHE A 240 23.15 -6.27 -2.78
C PHE A 240 22.52 -4.95 -2.33
N GLU A 241 21.97 -4.93 -1.12
CA GLU A 241 21.11 -3.85 -0.64
C GLU A 241 19.98 -3.57 -1.65
N GLU A 242 19.41 -4.64 -2.19
CA GLU A 242 18.44 -4.54 -3.28
C GLU A 242 17.06 -4.11 -2.80
N THR A 243 16.41 -3.27 -3.61
CA THR A 243 15.09 -2.75 -3.28
C THR A 243 14.00 -3.80 -3.50
N ASP A 244 14.13 -4.57 -4.58
CA ASP A 244 13.17 -5.62 -4.92
C ASP A 244 13.91 -6.94 -5.22
N LEU A 245 14.32 -7.15 -6.47
CA LEU A 245 14.96 -8.40 -6.88
C LEU A 245 16.46 -8.34 -6.63
N ALA A 246 17.07 -9.51 -6.40
CA ALA A 246 18.51 -9.60 -6.15
C ALA A 246 19.37 -9.55 -7.42
N SER A 247 18.74 -9.41 -8.59
CA SER A 247 19.45 -9.29 -9.86
C SER A 247 18.57 -8.75 -10.99
N VAL A 248 19.21 -8.14 -11.99
CA VAL A 248 18.54 -7.52 -13.13
C VAL A 248 19.42 -7.70 -14.39
N ASN A 249 18.82 -7.54 -15.57
CA ASN A 249 19.58 -7.53 -16.83
C ASN A 249 20.44 -6.28 -16.92
N VAL A 250 21.66 -6.42 -17.44
CA VAL A 250 22.53 -5.28 -17.68
C VAL A 250 21.85 -4.20 -18.52
N ASN A 251 20.96 -4.62 -19.42
CA ASN A 251 20.21 -3.69 -20.27
C ASN A 251 19.17 -2.86 -19.52
N ASP A 252 18.52 -3.45 -18.54
CA ASP A 252 17.47 -2.75 -17.77
C ASP A 252 18.01 -1.93 -16.58
N ALA A 253 19.30 -1.57 -16.63
CA ALA A 253 19.95 -0.95 -15.46
C ALA A 253 21.15 -0.05 -15.83
N LYS A 254 21.05 1.22 -15.44
CA LYS A 254 22.16 2.17 -15.60
C LYS A 254 22.61 2.65 -14.23
N LEU A 255 23.78 3.26 -14.17
CA LEU A 255 24.23 3.91 -12.94
C LEU A 255 23.36 5.13 -12.69
N GLU A 256 23.10 5.44 -11.41
CA GLU A 256 22.40 6.67 -11.06
C GLU A 256 23.31 7.85 -11.37
N GLY A 257 22.72 8.97 -11.77
CA GLY A 257 23.49 10.14 -12.22
C GLY A 257 24.01 11.01 -11.10
N SER A 258 24.55 10.37 -10.06
CA SER A 258 25.05 11.11 -8.89
C SER A 258 26.47 11.61 -9.17
N LYS A 259 26.89 12.63 -8.44
CA LYS A 259 28.29 13.08 -8.48
C LYS A 259 29.23 11.91 -8.29
N GLU A 260 29.01 11.15 -7.21
CA GLU A 260 29.86 10.02 -6.84
C GLU A 260 30.13 9.15 -8.06
N ASN A 261 29.08 8.71 -8.73
CA ASN A 261 29.21 7.84 -9.89
C ASN A 261 29.94 8.52 -11.06
N PHE A 262 29.60 9.77 -11.32
CA PHE A 262 30.33 10.56 -12.32
C PHE A 262 31.81 10.58 -11.99
N THR A 263 32.17 11.20 -10.88
CA THR A 263 33.59 11.37 -10.51
C THR A 263 34.36 10.05 -10.53
N ARG A 264 33.71 8.96 -10.08
CA ARG A 264 34.36 7.66 -10.04
C ARG A 264 34.67 7.12 -11.43
N CYS A 265 33.73 7.29 -12.36
CA CYS A 265 33.93 6.81 -13.73
C CYS A 265 34.95 7.65 -14.48
N LEU A 266 34.73 8.96 -14.52
CA LEU A 266 35.56 9.87 -15.31
C LEU A 266 37.03 9.83 -14.91
N SER A 267 37.30 9.94 -13.61
CA SER A 267 38.67 9.93 -13.08
C SER A 267 39.47 8.70 -13.51
N ALA A 268 38.81 7.55 -13.59
CA ALA A 268 39.44 6.31 -14.06
C ALA A 268 39.66 6.32 -15.57
N LEU A 269 38.87 7.12 -16.28
CA LEU A 269 38.98 7.25 -17.74
C LEU A 269 39.83 8.44 -18.19
N LEU A 270 40.18 9.34 -17.28
CA LEU A 270 40.85 10.59 -17.67
C LEU A 270 42.05 11.02 -16.81
N GLY A 271 42.17 10.53 -15.59
CA GLY A 271 43.15 11.07 -14.63
C GLY A 271 44.58 11.10 -15.15
N HIS A 272 45.37 12.11 -14.79
CA HIS A 272 44.97 13.22 -13.91
C HIS A 272 44.34 14.39 -14.69
N ASN A 273 44.06 14.19 -15.98
CA ASN A 273 43.41 15.20 -16.80
C ASN A 273 41.91 15.38 -16.49
N TYR A 274 41.41 14.60 -15.54
CA TYR A 274 40.01 14.64 -15.11
C TYR A 274 39.61 15.96 -14.43
N LYS A 275 40.51 16.51 -13.60
CA LYS A 275 40.27 17.80 -12.94
C LYS A 275 40.05 18.90 -13.96
N LYS A 276 40.75 18.81 -15.09
CA LYS A 276 40.60 19.76 -16.19
C LYS A 276 39.17 19.77 -16.75
N LEU A 277 38.51 18.61 -16.76
CA LEU A 277 37.14 18.51 -17.25
C LEU A 277 36.14 19.16 -16.30
N LEU A 278 36.35 19.00 -15.00
CA LEU A 278 35.42 19.54 -14.01
C LEU A 278 35.46 21.06 -14.00
N ASN A 279 36.67 21.65 -14.03
CA ASN A 279 36.80 23.09 -14.19
C ASN A 279 36.07 23.56 -15.46
N ALA A 280 36.20 22.80 -16.55
CA ALA A 280 35.54 23.11 -17.80
C ALA A 280 34.03 22.97 -17.68
N LEU A 281 33.59 21.85 -17.09
CA LEU A 281 32.16 21.63 -16.83
C LEU A 281 31.60 22.71 -15.91
N ASP A 282 32.38 23.09 -14.91
CA ASP A 282 32.01 24.14 -13.97
C ASP A 282 31.77 25.48 -14.69
N ASP A 283 32.63 25.82 -15.64
CA ASP A 283 32.45 27.02 -16.45
C ASP A 283 31.15 26.98 -17.24
N GLN A 284 30.84 25.83 -17.84
CA GLN A 284 29.62 25.67 -18.63
C GLN A 284 28.38 25.94 -17.80
N GLU A 285 28.29 25.25 -16.66
CA GLU A 285 27.15 25.40 -15.75
C GLU A 285 26.97 26.83 -15.28
N ALA A 286 28.07 27.48 -14.89
CA ALA A 286 28.05 28.90 -14.54
C ALA A 286 27.38 29.73 -15.64
N GLY A 287 27.54 29.30 -16.89
CA GLY A 287 26.81 29.87 -18.03
C GLY A 287 25.28 29.82 -17.98
N TYR A 288 24.72 29.19 -16.95
CA TYR A 288 23.28 29.23 -16.68
C TYR A 288 22.93 29.66 -15.25
N ARG A 289 23.87 29.49 -14.31
CA ARG A 289 23.59 29.58 -12.88
C ARG A 289 23.94 30.94 -12.29
N THR A 290 24.95 31.61 -12.85
CA THR A 290 25.44 32.88 -12.31
C THR A 290 24.39 33.96 -12.52
N GLY A 291 24.38 34.96 -11.64
CA GLY A 291 23.41 36.05 -11.71
C GLY A 291 23.10 36.56 -13.12
N PRO A 292 24.05 37.29 -13.72
CA PRO A 292 23.81 37.83 -15.07
C PRO A 292 23.35 36.76 -16.06
N ARG A 293 24.01 35.60 -16.02
CA ARG A 293 23.66 34.47 -16.88
C ARG A 293 22.25 33.94 -16.63
N PHE A 294 21.91 33.79 -15.36
CA PHE A 294 20.58 33.33 -14.96
C PHE A 294 19.51 34.36 -15.31
N ASP A 295 19.80 35.63 -15.04
CA ASP A 295 18.89 36.73 -15.38
C ASP A 295 18.62 36.71 -16.88
N ASP A 296 19.70 36.60 -17.65
CA ASP A 296 19.62 36.49 -19.10
C ASP A 296 18.79 35.29 -19.52
N ALA A 297 19.06 34.13 -18.91
CA ALA A 297 18.34 32.90 -19.23
C ALA A 297 16.85 33.01 -18.89
N VAL A 298 16.53 33.67 -17.78
CA VAL A 298 15.14 33.94 -17.43
C VAL A 298 14.54 34.93 -18.44
N ARG A 299 15.27 35.98 -18.78
CA ARG A 299 14.80 36.96 -19.77
C ARG A 299 14.45 36.27 -21.09
N ARG A 300 15.33 35.38 -21.54
CA ARG A 300 15.15 34.69 -22.83
C ARG A 300 13.98 33.72 -22.79
N MET A 301 13.80 33.07 -21.65
CA MET A 301 12.65 32.20 -21.42
C MET A 301 11.34 32.98 -21.50
N GLY A 302 11.35 34.21 -21.00
CA GLY A 302 10.15 35.05 -20.96
C GLY A 302 9.72 35.52 -22.34
N GLU A 303 10.69 35.97 -23.13
CA GLU A 303 10.44 36.36 -24.51
C GLU A 303 9.81 35.22 -25.30
N PHE A 304 10.30 34.02 -25.07
CA PHE A 304 9.78 32.84 -25.75
C PHE A 304 8.34 32.52 -25.35
N LEU A 305 8.04 32.55 -24.05
CA LEU A 305 6.68 32.36 -23.57
C LEU A 305 5.75 33.48 -24.02
N ALA A 306 6.29 34.69 -24.12
CA ALA A 306 5.50 35.87 -24.50
C ALA A 306 5.15 35.89 -25.99
N LYS A 307 6.04 35.36 -26.83
CA LYS A 307 5.93 35.47 -28.30
C LYS A 307 4.60 34.99 -28.91
N LYS A 308 3.86 34.15 -28.19
CA LYS A 308 2.51 33.77 -28.58
C LYS A 308 1.58 33.81 -27.38
N PRO A 309 0.25 33.94 -27.61
CA PRO A 309 -0.69 33.80 -26.50
C PRO A 309 -0.71 32.37 -25.99
N ILE A 310 -0.91 32.20 -24.69
CA ILE A 310 -1.05 30.87 -24.11
C ILE A 310 -2.52 30.50 -24.06
N ARG A 311 -2.88 29.46 -24.79
CA ARG A 311 -4.28 29.04 -24.92
C ARG A 311 -4.77 28.39 -23.63
N LEU A 312 -5.44 29.18 -22.79
CA LEU A 312 -6.14 28.65 -21.62
C LEU A 312 -7.33 27.83 -22.08
N ALA A 313 -8.08 28.40 -23.00
CA ALA A 313 -9.08 27.67 -23.79
C ALA A 313 -8.85 28.05 -25.25
N ASP A 314 -9.67 27.51 -26.14
CA ASP A 314 -9.56 27.85 -27.57
C ASP A 314 -10.04 29.27 -27.88
N ASN A 315 -10.89 29.82 -27.02
CA ASN A 315 -11.38 31.20 -27.14
C ASN A 315 -10.86 32.15 -26.04
N ILE A 316 -10.23 31.58 -25.01
CA ILE A 316 -9.74 32.34 -23.86
C ILE A 316 -8.22 32.34 -23.88
N ASN A 317 -7.61 33.52 -23.77
CA ASN A 317 -6.16 33.64 -23.83
C ASN A 317 -5.53 34.22 -22.56
N ALA A 318 -4.30 33.76 -22.30
CA ALA A 318 -3.45 34.36 -21.29
C ALA A 318 -2.21 34.91 -21.99
N GLN A 319 -1.46 35.74 -21.28
CA GLN A 319 -0.31 36.41 -21.87
C GLN A 319 0.73 36.70 -20.80
N VAL A 320 1.98 36.38 -21.11
CA VAL A 320 3.08 36.66 -20.22
C VAL A 320 3.47 38.12 -20.36
N GLY A 321 3.61 38.79 -19.22
CA GLY A 321 3.86 40.23 -19.17
C GLY A 321 5.25 40.54 -18.68
N ASP A 322 5.36 41.57 -17.83
CA ASP A 322 6.66 42.06 -17.36
C ASP A 322 7.29 41.09 -16.35
N ARG A 323 8.61 41.23 -16.18
CA ARG A 323 9.31 40.56 -15.09
C ARG A 323 8.78 41.13 -13.78
N ILE A 324 8.33 40.26 -12.89
CA ILE A 324 7.81 40.69 -11.60
C ILE A 324 8.94 41.23 -10.74
N VAL A 325 8.65 42.32 -10.05
CA VAL A 325 9.63 43.08 -9.29
C VAL A 325 9.18 43.14 -7.83
N PHE A 326 10.12 43.39 -6.93
CA PHE A 326 9.81 43.74 -5.54
C PHE A 326 10.36 45.12 -5.29
N SER A 327 9.47 46.08 -5.13
CA SER A 327 9.86 47.48 -4.96
C SER A 327 8.90 48.18 -4.01
N ASN A 328 9.22 49.42 -3.69
CA ASN A 328 8.34 50.28 -2.89
C ASN A 328 7.69 51.38 -3.74
N GLU A 329 7.50 51.07 -5.03
CA GLU A 329 6.98 52.03 -6.00
C GLU A 329 5.48 52.22 -5.85
N GLY A 330 5.07 53.44 -5.52
CA GLY A 330 3.66 53.78 -5.40
C GLY A 330 3.02 53.20 -4.16
N GLN A 331 1.91 52.51 -4.34
CA GLN A 331 1.20 51.88 -3.25
C GLN A 331 1.89 50.61 -2.72
N ALA A 332 2.84 50.07 -3.48
CA ALA A 332 3.55 48.86 -3.08
C ALA A 332 4.61 49.13 -2.02
N ARG A 333 4.75 48.20 -1.08
CA ARG A 333 5.79 48.23 -0.07
C ARG A 333 6.33 46.80 0.11
N ASN A 334 7.13 46.36 -0.86
CA ASN A 334 7.51 44.93 -0.97
C ASN A 334 8.98 44.61 -0.73
N VAL A 335 9.78 45.57 -0.27
CA VAL A 335 11.18 45.30 -0.02
C VAL A 335 11.78 46.23 1.04
N ARG A 336 12.52 45.64 1.97
CA ARG A 336 13.35 46.41 2.90
C ARG A 336 14.66 45.66 3.13
N LEU A 337 15.66 46.39 3.64
CA LEU A 337 16.94 45.80 4.02
C LEU A 337 17.08 45.92 5.53
N ALA A 338 17.13 44.78 6.20
CA ALA A 338 17.38 44.76 7.64
C ALA A 338 18.80 45.24 7.93
N PRO A 339 19.03 45.79 9.13
CA PRO A 339 20.39 46.19 9.48
C PRO A 339 21.34 45.00 9.55
N LYS A 340 22.65 45.26 9.48
CA LYS A 340 23.64 44.21 9.63
C LYS A 340 23.47 43.58 11.01
N VAL A 341 23.70 42.27 11.09
CA VAL A 341 23.68 41.58 12.38
C VAL A 341 24.94 41.95 13.13
N GLU A 342 24.78 42.35 14.38
CA GLU A 342 25.90 42.64 15.26
C GLU A 342 26.21 41.38 16.04
N TYR A 343 27.49 41.05 16.12
CA TYR A 343 27.94 40.04 17.04
C TYR A 343 28.36 40.75 18.32
N VAL A 344 27.85 40.30 19.47
CA VAL A 344 28.10 40.99 20.75
C VAL A 344 28.91 40.13 21.72
N PHE A 345 29.89 40.76 22.36
CA PHE A 345 30.87 40.08 23.20
C PHE A 345 30.95 40.58 24.64
N ASP A 346 29.98 41.42 25.05
CA ASP A 346 29.82 41.75 26.47
C ASP A 346 28.34 42.03 26.80
N ARG A 347 28.03 42.09 28.09
CA ARG A 347 26.65 42.20 28.54
C ARG A 347 26.02 43.56 28.24
N THR A 348 26.83 44.62 28.21
CA THR A 348 26.32 45.97 27.96
C THR A 348 26.01 46.17 26.47
N GLY A 349 26.94 45.76 25.61
CA GLY A 349 26.80 45.91 24.16
C GLY A 349 27.85 46.81 23.52
N ALA A 350 28.84 47.23 24.30
CA ALA A 350 29.92 48.07 23.79
C ALA A 350 30.78 47.28 22.80
N LYS A 351 31.25 46.11 23.23
CA LYS A 351 32.08 45.26 22.39
C LYS A 351 31.20 44.54 21.36
N SER A 352 31.41 44.86 20.09
CA SER A 352 30.64 44.24 19.02
C SER A 352 31.40 44.25 17.70
N ALA A 353 30.92 43.44 16.75
CA ALA A 353 31.53 43.34 15.43
C ALA A 353 30.52 42.86 14.41
N GLU A 354 30.80 43.09 13.14
CA GLU A 354 29.95 42.60 12.05
C GLU A 354 30.35 41.18 11.63
N TYR A 355 31.50 40.71 12.12
CA TYR A 355 31.93 39.32 11.92
C TYR A 355 32.31 38.68 13.24
N ALA A 356 32.08 37.39 13.37
CA ALA A 356 32.31 36.65 14.60
C ALA A 356 33.79 36.58 14.97
N TRP A 357 34.64 36.25 14.00
CA TRP A 357 36.05 36.04 14.28
C TRP A 357 36.84 37.32 14.55
N ARG A 358 36.56 38.39 13.79
CA ARG A 358 37.22 39.67 14.05
C ARG A 358 36.86 40.10 15.48
N GLY A 359 35.61 39.88 15.87
CA GLY A 359 35.15 40.23 17.21
C GLY A 359 35.78 39.39 18.30
N LEU A 360 35.79 38.07 18.10
CA LEU A 360 36.31 37.16 19.11
C LEU A 360 37.80 37.39 19.37
N SER A 361 38.55 37.62 18.30
CA SER A 361 39.99 37.88 18.38
C SER A 361 40.30 39.10 19.24
N GLN A 362 39.53 40.16 19.06
CA GLN A 362 39.74 41.41 19.78
C GLN A 362 39.31 41.29 21.23
N PHE A 363 38.03 40.96 21.44
CA PHE A 363 37.39 41.09 22.75
C PHE A 363 37.43 39.82 23.60
N GLY A 364 37.61 38.67 22.95
CA GLY A 364 37.48 37.38 23.61
C GLY A 364 36.02 36.95 23.71
N PRO A 365 35.77 35.78 24.27
CA PRO A 365 34.41 35.28 24.28
C PRO A 365 33.47 36.12 25.13
N PHE A 366 32.18 36.01 24.83
CA PHE A 366 31.12 36.78 25.49
C PHE A 366 31.11 36.60 27.01
N ASP A 367 31.43 35.38 27.47
CA ASP A 367 31.32 35.04 28.89
C ASP A 367 32.65 34.91 29.65
N ARG A 368 33.72 35.54 29.12
CA ARG A 368 35.04 35.43 29.74
C ARG A 368 35.01 35.73 31.24
N PRO A 369 34.40 36.86 31.64
CA PRO A 369 34.38 37.21 33.06
C PRO A 369 33.78 36.13 33.98
N SER A 370 32.80 35.39 33.48
CA SER A 370 32.07 34.42 34.31
C SER A 370 32.46 32.96 34.05
N PHE A 371 33.27 32.70 33.03
CA PHE A 371 33.58 31.33 32.63
C PHE A 371 34.37 30.58 33.71
N ALA A 372 33.75 29.55 34.29
CA ALA A 372 34.26 28.90 35.51
C ALA A 372 35.60 28.16 35.32
N ASN A 373 35.68 27.30 34.32
CA ASN A 373 36.81 26.38 34.20
C ASN A 373 37.93 26.92 33.31
N ARG A 374 38.97 27.47 33.93
CA ARG A 374 40.07 28.11 33.21
C ARG A 374 41.31 27.24 33.00
N SER A 375 41.29 26.02 33.55
CA SER A 375 42.36 25.04 33.33
C SER A 375 41.79 23.69 32.94
N PRO A 376 41.08 23.63 31.79
CA PRO A 376 40.44 22.39 31.37
C PRO A 376 41.41 21.29 30.98
N ARG A 377 41.21 20.09 31.53
CA ARG A 377 41.92 18.90 31.11
C ARG A 377 41.13 18.26 29.97
N ILE A 378 41.81 17.97 28.86
CA ILE A 378 41.15 17.41 27.69
C ILE A 378 41.78 16.10 27.28
N LEU A 379 40.96 15.05 27.22
CA LEU A 379 41.40 13.74 26.78
C LEU A 379 41.65 13.81 25.29
N VAL A 380 42.72 13.19 24.82
CA VAL A 380 42.96 13.10 23.38
C VAL A 380 43.13 11.63 22.99
N VAL A 381 42.22 11.14 22.16
CA VAL A 381 42.17 9.73 21.79
C VAL A 381 42.52 9.60 20.32
N TYR A 382 43.59 8.88 20.02
CA TYR A 382 44.13 8.80 18.67
C TYR A 382 44.83 7.46 18.47
N PRO A 383 44.87 6.97 17.22
CA PRO A 383 45.69 5.79 16.92
C PRO A 383 47.17 6.08 17.19
N SER A 384 47.85 5.18 17.88
CA SER A 384 49.26 5.38 18.24
C SER A 384 50.14 5.75 17.03
N SER A 385 49.79 5.24 15.85
CA SER A 385 50.53 5.55 14.62
C SER A 385 50.38 6.99 14.09
N THR A 386 49.54 7.81 14.73
CA THR A 386 49.39 9.21 14.33
C THR A 386 50.02 10.15 15.34
N GLN A 387 50.56 9.57 16.41
CA GLN A 387 51.24 10.33 17.48
C GLN A 387 51.76 11.69 17.02
N GLY A 388 52.77 11.69 16.14
CA GLY A 388 53.47 12.92 15.77
C GLY A 388 52.60 13.95 15.07
N LYS A 389 51.73 13.47 14.19
CA LYS A 389 50.80 14.33 13.45
C LYS A 389 49.74 14.95 14.38
N VAL A 390 49.38 14.26 15.45
CA VAL A 390 48.43 14.77 16.43
C VAL A 390 49.08 15.83 17.31
N GLU A 391 50.28 15.55 17.82
CA GLU A 391 51.01 16.51 18.66
C GLU A 391 51.12 17.89 18.05
N ASN A 392 51.40 17.94 16.74
CA ASN A 392 51.51 19.21 16.02
C ASN A 392 50.16 19.91 15.88
N PHE A 393 49.11 19.15 15.57
CA PHE A 393 47.75 19.67 15.53
C PHE A 393 47.32 20.23 16.88
N LEU A 394 47.67 19.52 17.96
CA LEU A 394 47.37 19.98 19.31
C LEU A 394 48.20 21.21 19.68
N SER A 395 49.44 21.23 19.21
CA SER A 395 50.30 22.39 19.38
C SER A 395 49.67 23.61 18.70
N ALA A 396 49.28 23.44 17.44
CA ALA A 396 48.66 24.51 16.68
C ALA A 396 47.38 24.99 17.35
N PHE A 397 46.54 24.05 17.78
CA PHE A 397 45.26 24.34 18.41
C PHE A 397 45.38 25.12 19.74
N ARG A 398 46.15 24.56 20.68
CA ARG A 398 46.30 25.17 22.00
C ARG A 398 47.14 26.45 21.96
N ASP A 399 48.29 26.37 21.28
CA ASP A 399 49.32 27.40 21.35
C ASP A 399 49.43 28.28 20.12
N GLY A 400 48.61 28.01 19.11
CA GLY A 400 48.48 28.89 17.95
C GLY A 400 49.46 28.57 16.84
N MET A 401 49.24 29.17 15.67
CA MET A 401 50.08 28.97 14.49
C MET A 401 51.04 30.13 14.25
N GLY A 402 50.92 31.18 15.04
CA GLY A 402 51.79 32.34 14.93
C GLY A 402 51.37 33.33 13.86
N SER A 403 51.95 34.53 13.93
CA SER A 403 51.56 35.66 13.10
C SER A 403 51.68 35.44 11.58
N ASN A 404 52.39 34.40 11.16
CA ASN A 404 52.44 34.01 9.74
C ASN A 404 51.09 33.51 9.20
N TYR A 405 50.31 32.86 10.06
CA TYR A 405 48.99 32.36 9.70
C TYR A 405 47.92 33.10 10.50
N SER A 406 47.58 34.30 10.04
CA SER A 406 46.74 35.23 10.80
C SER A 406 45.30 34.75 11.04
N GLY A 407 44.89 33.66 10.42
CA GLY A 407 43.61 33.03 10.72
C GLY A 407 43.55 32.44 12.13
N PHE A 408 44.64 31.81 12.56
CA PHE A 408 44.71 31.22 13.90
C PHE A 408 46.09 31.39 14.55
N SER A 409 46.34 32.59 15.11
CA SER A 409 47.66 32.94 15.67
C SER A 409 47.78 32.67 17.16
N LYS A 410 46.83 33.18 17.93
CA LYS A 410 46.91 33.15 19.39
C LYS A 410 46.76 31.77 20.00
N GLY A 411 45.94 30.92 19.36
CA GLY A 411 45.67 29.59 19.87
C GLY A 411 44.55 29.59 20.89
N PHE A 412 43.94 28.43 21.09
CA PHE A 412 42.76 28.28 21.94
C PHE A 412 42.89 29.01 23.29
N VAL A 413 44.03 28.87 23.95
CA VAL A 413 44.19 29.36 25.32
C VAL A 413 44.05 30.88 25.40
N ASP A 414 44.91 31.59 24.70
CA ASP A 414 44.88 33.05 24.73
C ASP A 414 43.66 33.63 24.01
N LEU A 415 43.15 32.88 23.03
CA LEU A 415 41.94 33.27 22.28
C LEU A 415 40.73 33.37 23.21
N MET A 416 40.55 32.36 24.06
CA MET A 416 39.40 32.28 24.95
C MET A 416 39.68 32.82 26.35
N GLY A 417 40.92 33.20 26.62
CA GLY A 417 41.29 33.83 27.89
C GLY A 417 41.30 32.85 29.04
N LEU A 418 41.92 31.68 28.82
CA LEU A 418 42.07 30.65 29.84
C LEU A 418 43.49 30.71 30.40
N THR A 419 43.74 30.00 31.51
CA THR A 419 45.09 29.90 32.06
C THR A 419 45.91 28.95 31.18
N LYS A 420 45.46 27.69 31.07
CA LYS A 420 46.11 26.74 30.18
C LYS A 420 45.21 25.54 29.82
N VAL A 421 45.72 24.63 29.00
CA VAL A 421 45.03 23.38 28.68
C VAL A 421 45.95 22.18 28.87
N GLU A 422 45.56 21.30 29.79
CA GLU A 422 46.28 20.06 30.01
C GLU A 422 45.68 18.99 29.11
N PHE A 423 46.53 18.30 28.37
CA PHE A 423 46.12 17.13 27.60
C PHE A 423 46.46 15.85 28.35
N VAL A 424 45.51 14.94 28.38
CA VAL A 424 45.74 13.59 28.85
C VAL A 424 45.75 12.71 27.61
N MET A 425 46.95 12.26 27.22
CA MET A 425 47.15 11.54 25.97
C MET A 425 46.66 10.11 26.12
N CYS A 426 45.85 9.68 25.16
CA CYS A 426 45.30 8.33 25.15
C CYS A 426 45.52 7.72 23.78
N PRO A 427 46.74 7.19 23.55
CA PRO A 427 47.00 6.47 22.30
C PRO A 427 46.17 5.20 22.22
N VAL A 428 45.81 4.79 21.00
CA VAL A 428 45.02 3.58 20.76
C VAL A 428 45.73 2.64 19.78
N GLU A 429 46.06 1.43 20.23
CA GLU A 429 46.63 0.41 19.34
C GLU A 429 45.57 -0.03 18.32
N VAL A 430 45.45 0.72 17.22
CA VAL A 430 44.47 0.44 16.16
C VAL A 430 44.97 0.94 14.80
N SER A 431 44.51 0.27 13.74
CA SER A 431 44.97 0.55 12.38
C SER A 431 43.79 0.73 11.40
N SER A 432 43.97 1.61 10.42
CA SER A 432 42.90 1.95 9.47
C SER A 432 42.27 0.71 8.81
N ALA A 433 43.08 -0.31 8.56
CA ALA A 433 42.61 -1.54 7.93
C ALA A 433 41.63 -2.36 8.79
N ASP A 434 41.69 -2.18 10.10
CA ASP A 434 40.78 -2.88 11.01
C ASP A 434 39.42 -2.22 10.99
N ARG A 435 38.48 -2.83 10.30
CA ARG A 435 37.18 -2.25 10.15
C ARG A 435 36.12 -2.95 10.99
N ASN A 436 36.51 -3.93 11.78
CA ASN A 436 35.58 -4.67 12.64
C ASN A 436 35.86 -4.53 14.14
N GLY A 437 37.09 -4.20 14.51
CA GLY A 437 37.45 -4.08 15.92
C GLY A 437 37.84 -2.68 16.36
N ALA A 438 37.71 -1.70 15.48
CA ALA A 438 38.14 -0.34 15.77
C ALA A 438 37.45 0.24 17.00
N HIS A 439 36.14 0.12 17.05
CA HIS A 439 35.34 0.72 18.13
C HIS A 439 35.64 0.18 19.54
N THR A 440 35.76 -1.15 19.68
CA THR A 440 36.08 -1.74 20.99
C THR A 440 37.49 -1.36 21.44
N LYS A 441 38.42 -1.26 20.50
CA LYS A 441 39.78 -0.82 20.83
C LYS A 441 39.82 0.61 21.37
N TYR A 442 39.03 1.50 20.77
CA TYR A 442 38.93 2.89 21.23
C TYR A 442 38.30 2.95 22.63
N ASN A 443 37.19 2.26 22.79
CA ASN A 443 36.48 2.27 24.06
C ASN A 443 37.28 1.64 25.19
N SER A 444 37.91 0.50 24.93
CA SER A 444 38.81 -0.13 25.90
C SER A 444 39.85 0.88 26.37
N ALA A 445 40.48 1.57 25.41
CA ALA A 445 41.57 2.49 25.71
C ALA A 445 41.10 3.71 26.51
N ILE A 446 39.95 4.26 26.16
CA ILE A 446 39.35 5.36 26.93
C ILE A 446 39.01 4.92 28.35
N GLU A 447 38.33 3.79 28.46
CA GLU A 447 37.96 3.24 29.76
C GLU A 447 39.20 3.08 30.66
N ASP A 448 40.23 2.41 30.14
CA ASP A 448 41.44 2.13 30.91
C ASP A 448 42.21 3.39 31.25
N LYS A 449 42.21 4.36 30.35
CA LYS A 449 42.89 5.62 30.60
C LYS A 449 42.23 6.39 31.74
N LEU A 450 40.91 6.56 31.66
CA LEU A 450 40.17 7.37 32.64
C LEU A 450 40.12 6.75 34.03
N ALA A 451 40.20 5.42 34.11
CA ALA A 451 40.23 4.72 35.41
C ALA A 451 41.24 5.32 36.39
N GLY A 452 42.46 5.57 35.91
CA GLY A 452 43.45 6.33 36.68
C GLY A 452 43.13 7.82 36.56
N ALA A 453 44.03 8.56 35.91
CA ALA A 453 43.74 9.85 35.28
C ALA A 453 42.99 10.92 36.10
N GLY A 454 41.82 10.58 36.63
CA GLY A 454 40.98 11.56 37.31
C GLY A 454 39.96 12.15 36.35
N GLU A 455 39.37 13.28 36.73
CA GLU A 455 38.28 13.87 35.94
C GLU A 455 38.80 14.68 34.76
N VAL A 456 38.20 14.47 33.59
CA VAL A 456 38.47 15.27 32.39
C VAL A 456 37.22 16.04 31.99
N HIS A 457 37.41 17.25 31.50
CA HIS A 457 36.29 18.16 31.23
C HIS A 457 35.78 18.07 29.80
N ALA A 458 36.63 17.62 28.88
CA ALA A 458 36.23 17.40 27.49
C ALA A 458 37.22 16.47 26.82
N GLY A 459 36.94 16.10 25.58
CA GLY A 459 37.80 15.18 24.84
C GLY A 459 37.86 15.46 23.36
N ILE A 460 39.01 15.15 22.76
CA ILE A 460 39.19 15.22 21.32
C ILE A 460 39.52 13.83 20.84
N VAL A 461 38.80 13.35 19.83
CA VAL A 461 38.99 12.01 19.29
C VAL A 461 39.38 12.08 17.83
N VAL A 462 40.49 11.44 17.48
CA VAL A 462 41.00 11.46 16.11
C VAL A 462 40.66 10.15 15.41
N LEU A 463 40.15 10.25 14.18
CA LEU A 463 39.61 9.10 13.47
C LEU A 463 40.29 8.90 12.13
N PHE A 464 40.44 7.64 11.74
CA PHE A 464 40.89 7.31 10.39
C PHE A 464 39.76 7.58 9.43
N GLU A 465 40.10 8.03 8.22
CA GLU A 465 39.12 8.29 7.17
C GLU A 465 38.29 7.06 6.84
N ASP A 466 38.92 5.89 6.89
CA ASP A 466 38.24 4.63 6.58
C ASP A 466 37.28 4.16 7.68
N HIS A 467 37.42 4.72 8.89
CA HIS A 467 36.53 4.41 10.01
C HIS A 467 35.35 5.37 10.15
N ALA A 468 35.46 6.54 9.55
CA ALA A 468 34.48 7.61 9.72
C ALA A 468 33.04 7.26 9.31
N ARG A 469 32.88 6.38 8.32
CA ARG A 469 31.54 6.09 7.81
C ARG A 469 31.17 4.62 7.85
N LEU A 470 31.80 3.88 8.76
CA LEU A 470 31.43 2.49 8.98
C LEU A 470 30.04 2.44 9.58
N PRO A 471 29.33 1.31 9.41
CA PRO A 471 28.01 1.20 10.02
C PRO A 471 28.09 1.42 11.53
N ASP A 472 27.01 1.94 12.10
CA ASP A 472 27.00 2.38 13.50
C ASP A 472 27.37 1.30 14.53
N ASP A 473 27.20 0.02 14.19
CA ASP A 473 27.55 -1.08 15.11
C ASP A 473 29.06 -1.22 15.31
N ARG A 474 29.85 -0.68 14.38
CA ARG A 474 31.31 -0.69 14.49
C ARG A 474 31.97 0.64 14.13
N ASN A 475 31.22 1.75 14.22
CA ASN A 475 31.77 3.10 13.97
C ASN A 475 32.38 3.73 15.24
N PRO A 476 33.68 4.04 15.23
CA PRO A 476 34.30 4.62 16.43
C PRO A 476 33.84 6.03 16.79
N TYR A 477 33.38 6.81 15.82
CA TYR A 477 32.82 8.15 16.11
C TYR A 477 31.66 8.03 17.09
N ILE A 478 30.68 7.23 16.71
CA ILE A 478 29.44 7.13 17.47
C ILE A 478 29.66 6.40 18.82
N HIS A 479 30.52 5.37 18.82
CA HIS A 479 30.81 4.64 20.06
C HIS A 479 31.65 5.42 21.06
N THR A 480 32.64 6.19 20.60
CA THR A 480 33.37 7.06 21.53
C THR A 480 32.48 8.20 22.03
N LYS A 481 31.71 8.79 21.12
CA LYS A 481 30.72 9.78 21.50
C LYS A 481 29.82 9.22 22.59
N SER A 482 29.29 8.03 22.36
CA SER A 482 28.40 7.39 23.31
C SER A 482 29.05 7.24 24.67
N LEU A 483 30.21 6.60 24.69
CA LEU A 483 30.91 6.35 25.94
C LEU A 483 31.13 7.65 26.68
N LEU A 484 31.76 8.61 25.99
CA LEU A 484 32.18 9.84 26.64
C LEU A 484 31.02 10.71 27.08
N LEU A 485 29.94 10.75 26.29
CA LEU A 485 28.73 11.50 26.68
C LEU A 485 28.02 10.86 27.86
N THR A 486 28.02 9.52 27.92
CA THR A 486 27.49 8.83 29.09
C THR A 486 28.26 9.28 30.33
N LEU A 487 29.58 9.39 30.23
CA LEU A 487 30.40 9.76 31.38
C LEU A 487 30.39 11.25 31.68
N GLY A 488 29.65 12.03 30.89
CA GLY A 488 29.52 13.47 31.12
C GLY A 488 30.64 14.28 30.50
N VAL A 489 31.36 13.67 29.58
CA VAL A 489 32.50 14.28 28.91
C VAL A 489 32.08 14.54 27.47
N PRO A 490 31.97 15.81 27.06
CA PRO A 490 31.63 16.11 25.68
C PRO A 490 32.87 16.01 24.80
N THR A 491 32.69 15.63 23.53
CA THR A 491 33.80 15.46 22.61
C THR A 491 33.72 16.30 21.35
N GLN A 492 34.87 16.82 20.93
CA GLN A 492 35.05 17.34 19.59
C GLN A 492 35.90 16.36 18.80
N GLN A 493 35.34 15.79 17.74
CA GLN A 493 36.04 14.76 16.98
C GLN A 493 36.58 15.33 15.68
N VAL A 494 37.49 14.57 15.05
CA VAL A 494 38.23 15.03 13.88
C VAL A 494 38.85 13.87 13.08
N ARG A 495 38.76 13.94 11.76
CA ARG A 495 39.30 12.90 10.88
C ARG A 495 40.74 13.25 10.46
N MET A 496 41.52 12.23 10.13
CA MET A 496 42.96 12.41 9.89
C MET A 496 43.30 13.35 8.73
N PRO A 497 42.52 13.31 7.65
CA PRO A 497 42.73 14.28 6.56
C PRO A 497 42.59 15.74 6.97
N THR A 498 41.80 16.00 8.00
CA THR A 498 41.68 17.35 8.57
C THR A 498 42.92 17.72 9.38
N VAL A 499 43.34 16.79 10.24
CA VAL A 499 44.59 16.93 11.01
C VAL A 499 45.78 17.22 10.08
N LEU A 500 45.77 16.59 8.89
CA LEU A 500 46.85 16.75 7.90
C LEU A 500 46.62 17.85 6.84
N LEU A 501 45.76 18.82 7.12
CA LEU A 501 45.57 19.92 6.19
C LEU A 501 46.80 20.81 6.12
N GLU A 502 47.07 21.38 4.95
CA GLU A 502 48.11 22.37 4.82
C GLU A 502 47.75 23.61 5.65
N PRO A 503 48.74 24.27 6.28
CA PRO A 503 48.51 25.39 7.19
C PRO A 503 47.44 26.41 6.77
N LYS A 504 47.42 26.80 5.50
CA LYS A 504 46.50 27.83 5.03
C LYS A 504 45.03 27.45 5.26
N SER A 505 44.72 26.16 5.17
CA SER A 505 43.39 25.66 5.48
C SER A 505 43.18 25.40 6.97
N LEU A 506 44.24 24.95 7.63
CA LEU A 506 44.19 24.54 9.04
C LEU A 506 43.74 25.67 9.95
N GLN A 507 44.17 26.89 9.65
CA GLN A 507 43.84 28.04 10.48
C GLN A 507 42.34 28.31 10.55
N TYR A 508 41.63 28.07 9.45
CA TYR A 508 40.17 28.26 9.44
C TYR A 508 39.49 27.08 10.13
N THR A 509 40.05 25.90 9.93
CA THR A 509 39.59 24.70 10.61
C THR A 509 39.67 24.85 12.13
N LEU A 510 40.74 25.45 12.62
CA LEU A 510 40.95 25.61 14.07
C LEU A 510 40.06 26.72 14.65
N GLN A 511 39.63 27.66 13.82
CA GLN A 511 38.65 28.66 14.27
C GLN A 511 37.36 27.97 14.70
N ASN A 512 36.81 27.17 13.80
CA ASN A 512 35.57 26.45 14.04
C ASN A 512 35.73 25.43 15.15
N PHE A 513 36.84 24.71 15.12
CA PHE A 513 37.16 23.69 16.12
C PHE A 513 37.18 24.31 17.52
N SER A 514 37.83 25.46 17.64
CA SER A 514 37.98 26.16 18.92
C SER A 514 36.68 26.75 19.42
N ILE A 515 35.85 27.24 18.51
CA ILE A 515 34.55 27.78 18.88
C ILE A 515 33.65 26.69 19.45
N ALA A 516 33.61 25.56 18.78
CA ALA A 516 32.76 24.44 19.20
C ALA A 516 33.22 23.85 20.52
N THR A 517 34.54 23.72 20.69
CA THR A 517 35.12 23.10 21.87
C THR A 517 34.86 23.96 23.11
N TYR A 518 35.05 25.26 22.96
CA TYR A 518 34.75 26.20 24.03
C TYR A 518 33.29 26.09 24.45
N ALA A 519 32.40 25.95 23.46
CA ALA A 519 30.97 25.80 23.71
C ALA A 519 30.64 24.45 24.35
N LYS A 520 31.35 23.41 23.94
CA LYS A 520 31.20 22.11 24.59
C LYS A 520 31.68 22.12 26.03
N LEU A 521 32.60 23.04 26.34
CA LEU A 521 33.06 23.28 27.73
C LEU A 521 32.15 24.24 28.52
N ASN A 522 30.95 24.49 27.99
CA ASN A 522 29.92 25.36 28.59
C ASN A 522 30.06 26.82 28.19
N GLY A 523 30.97 27.11 27.27
CA GLY A 523 31.25 28.48 26.91
C GLY A 523 30.16 29.12 26.06
N THR A 524 30.11 30.45 26.10
CA THR A 524 29.27 31.24 25.23
C THR A 524 30.17 32.21 24.44
N PRO A 525 30.56 31.80 23.21
CA PRO A 525 31.50 32.56 22.37
C PRO A 525 31.02 33.95 21.97
N TRP A 526 29.81 34.05 21.46
CA TRP A 526 29.22 35.34 21.10
C TRP A 526 27.71 35.27 21.07
N THR A 527 27.10 36.45 20.99
CA THR A 527 25.66 36.57 20.88
C THR A 527 25.36 37.53 19.74
N VAL A 528 24.09 37.64 19.37
CA VAL A 528 23.66 38.63 18.39
C VAL A 528 22.77 39.66 19.06
N ASN A 529 22.89 40.90 18.60
CA ASN A 529 22.14 42.01 19.17
C ASN A 529 20.65 41.87 18.95
N HIS A 530 19.88 42.37 19.91
CA HIS A 530 18.48 42.67 19.70
C HIS A 530 18.03 43.50 20.89
N ASP A 531 17.26 44.56 20.64
CA ASP A 531 16.78 45.39 21.71
C ASP A 531 15.34 45.01 22.02
N LYS A 532 15.10 44.59 23.26
CA LYS A 532 13.80 44.08 23.69
C LYS A 532 12.74 45.16 23.62
N ALA A 533 11.72 44.92 22.80
CA ALA A 533 10.54 45.77 22.74
C ALA A 533 9.45 45.28 23.71
N ILE A 534 9.53 44.00 24.09
CA ILE A 534 8.56 43.37 24.98
C ILE A 534 9.25 42.79 26.21
N ASN A 535 8.46 42.37 27.20
CA ASN A 535 9.00 41.96 28.50
C ASN A 535 9.65 40.58 28.53
N ASP A 536 9.25 39.71 27.60
CA ASP A 536 9.97 38.45 27.40
C ASP A 536 9.67 37.83 26.04
N GLU A 537 10.65 37.11 25.51
CA GLU A 537 10.52 36.48 24.20
C GLU A 537 11.19 35.12 24.17
N LEU A 538 10.39 34.11 23.85
CA LEU A 538 10.84 32.73 23.73
C LEU A 538 10.74 32.30 22.27
N VAL A 539 11.77 31.64 21.77
CA VAL A 539 11.75 31.04 20.45
C VAL A 539 12.17 29.58 20.58
N VAL A 540 11.28 28.67 20.22
CA VAL A 540 11.57 27.23 20.23
C VAL A 540 11.60 26.71 18.79
N GLY A 541 12.51 25.80 18.50
CA GLY A 541 12.62 25.21 17.18
C GLY A 541 12.56 23.69 17.19
N MET A 542 12.06 23.12 16.08
CA MET A 542 12.02 21.68 15.89
C MET A 542 12.81 21.27 14.67
N GLY A 543 13.62 20.24 14.83
CA GLY A 543 14.42 19.69 13.75
C GLY A 543 14.18 18.20 13.66
N LEU A 544 14.36 17.67 12.45
CA LEU A 544 14.05 16.28 12.14
C LEU A 544 15.28 15.52 11.65
N ALA A 545 15.37 14.25 12.03
CA ALA A 545 16.40 13.35 11.50
C ALA A 545 15.72 12.08 11.03
N GLU A 546 16.20 11.52 9.93
CA GLU A 546 15.69 10.24 9.43
C GLU A 546 16.84 9.25 9.30
N LEU A 547 16.87 8.25 10.18
CA LEU A 547 18.03 7.37 10.30
C LEU A 547 17.77 6.00 9.70
N SER A 548 18.82 5.41 9.14
CA SER A 548 18.72 4.15 8.40
C SER A 548 20.12 3.63 8.10
N GLY A 549 20.31 2.32 8.25
CA GLY A 549 21.61 1.70 7.98
C GLY A 549 21.97 1.66 6.51
N SER A 550 20.95 1.68 5.65
CA SER A 550 21.14 1.69 4.21
C SER A 550 19.98 2.43 3.56
N ARG A 551 20.04 2.63 2.25
CA ARG A 551 18.92 3.20 1.50
C ARG A 551 17.75 2.23 1.44
N THR A 552 18.06 0.93 1.31
CA THR A 552 17.06 -0.12 1.28
C THR A 552 16.23 -0.15 2.56
N GLU A 553 16.91 -0.04 3.69
CA GLU A 553 16.29 -0.08 5.01
C GLU A 553 15.36 1.12 5.21
N LYS A 554 14.24 0.90 5.89
CA LYS A 554 13.23 1.95 6.09
C LYS A 554 13.68 2.93 7.18
N ARG A 555 13.47 4.22 6.91
CA ARG A 555 14.03 5.29 7.75
C ARG A 555 13.19 5.57 8.99
N GLN A 556 13.85 5.65 10.14
CA GLN A 556 13.18 5.95 11.42
C GLN A 556 13.36 7.42 11.77
N ARG A 557 12.29 8.07 12.21
CA ARG A 557 12.31 9.50 12.40
C ARG A 557 12.45 9.90 13.87
N PHE A 558 13.32 10.87 14.11
CA PHE A 558 13.58 11.41 15.44
C PHE A 558 13.47 12.94 15.40
N VAL A 559 13.26 13.55 16.56
CA VAL A 559 13.09 15.01 16.62
C VAL A 559 13.79 15.64 17.80
N GLY A 560 14.28 16.87 17.57
CA GLY A 560 14.97 17.64 18.61
C GLY A 560 14.28 18.98 18.80
N ILE A 561 14.53 19.59 19.96
CA ILE A 561 13.95 20.88 20.31
C ILE A 561 15.03 21.75 20.93
N THR A 562 15.14 22.98 20.43
CA THR A 562 16.11 23.98 20.90
C THR A 562 15.32 25.21 21.29
N THR A 563 15.87 26.01 22.21
CA THR A 563 15.22 27.24 22.63
C THR A 563 16.16 28.42 22.72
N VAL A 564 15.67 29.59 22.30
CA VAL A 564 16.43 30.84 22.36
C VAL A 564 15.60 31.85 23.11
N PHE A 565 16.21 32.55 24.06
CA PHE A 565 15.53 33.58 24.85
C PHE A 565 16.02 34.95 24.47
N ALA A 566 15.16 35.95 24.67
CA ALA A 566 15.58 37.34 24.63
C ALA A 566 16.19 37.71 25.99
N GLY A 567 17.29 38.45 25.97
CA GLY A 567 17.91 38.98 27.18
C GLY A 567 18.04 40.48 27.08
N ASP A 568 18.81 41.08 27.97
CA ASP A 568 19.10 42.51 27.90
C ASP A 568 20.10 42.74 26.76
N GLY A 569 19.58 43.15 25.60
CA GLY A 569 20.43 43.42 24.45
C GLY A 569 20.92 42.20 23.69
N SER A 570 20.52 41.01 24.11
CA SER A 570 21.11 39.78 23.60
C SER A 570 20.08 38.67 23.46
N TYR A 571 20.34 37.77 22.51
CA TYR A 571 19.65 36.50 22.44
C TYR A 571 20.50 35.45 23.14
N LEU A 572 19.87 34.61 23.96
CA LEU A 572 20.62 33.60 24.73
C LEU A 572 20.15 32.19 24.39
N LEU A 573 21.10 31.30 24.13
CA LEU A 573 20.78 29.91 23.88
C LEU A 573 20.35 29.31 25.20
N GLY A 574 19.22 28.61 25.19
CA GLY A 574 18.67 27.98 26.38
C GLY A 574 19.05 26.51 26.50
N ASN A 575 18.21 25.76 27.21
CA ASN A 575 18.39 24.30 27.33
C ASN A 575 17.82 23.56 26.13
N VAL A 576 18.18 22.29 26.05
CA VAL A 576 18.01 21.48 24.86
C VAL A 576 17.39 20.14 25.27
N SER A 577 16.61 19.56 24.36
CA SER A 577 15.88 18.34 24.64
C SER A 577 16.80 17.13 24.71
N LYS A 578 16.41 16.17 25.55
CA LYS A 578 16.93 14.80 25.48
C LYS A 578 15.84 13.84 24.98
N GLU A 579 14.61 14.36 24.82
CA GLU A 579 13.50 13.61 24.21
C GLU A 579 13.74 13.50 22.70
N CYS A 580 13.15 12.48 22.09
CA CYS A 580 13.67 11.96 20.84
C CYS A 580 12.63 11.59 19.76
N GLU A 581 11.63 10.76 20.07
CA GLU A 581 10.88 10.09 19.01
C GLU A 581 9.80 10.94 18.33
N TYR A 582 9.60 10.67 17.05
CA TYR A 582 8.73 11.46 16.17
C TYR A 582 7.28 11.40 16.61
N GLU A 583 6.85 10.24 17.12
CA GLU A 583 5.50 10.08 17.62
C GLU A 583 5.30 10.91 18.90
N GLY A 584 4.17 11.61 18.97
CA GLY A 584 3.91 12.52 20.08
C GLY A 584 4.85 13.72 20.09
N TYR A 585 5.28 14.14 18.91
CA TYR A 585 6.16 15.31 18.82
C TYR A 585 5.39 16.58 19.17
N SER A 586 4.11 16.60 18.84
CA SER A 586 3.25 17.74 19.12
C SER A 586 3.07 17.96 20.63
N ASP A 587 2.99 16.87 21.39
CA ASP A 587 2.95 16.94 22.84
C ASP A 587 4.27 17.47 23.40
N ALA A 588 5.37 16.91 22.92
CA ALA A 588 6.71 17.31 23.36
C ALA A 588 6.93 18.82 23.20
N ILE A 589 6.42 19.37 22.10
CA ILE A 589 6.53 20.81 21.84
C ILE A 589 5.89 21.64 22.97
N ARG A 590 4.63 21.33 23.29
CA ARG A 590 3.89 22.11 24.29
C ARG A 590 4.39 21.89 25.71
N GLU A 591 4.91 20.70 26.00
CA GLU A 591 5.56 20.43 27.29
C GLU A 591 6.83 21.25 27.43
N SER A 592 7.62 21.34 26.36
CA SER A 592 8.80 22.19 26.37
C SER A 592 8.39 23.64 26.55
N MET A 593 7.36 24.06 25.82
CA MET A 593 6.89 25.45 25.90
C MET A 593 6.31 25.79 27.26
N THR A 594 5.40 24.96 27.78
CA THR A 594 4.71 25.25 29.04
C THR A 594 5.64 25.20 30.25
N GLY A 595 6.58 24.25 30.24
CA GLY A 595 7.56 24.14 31.33
C GLY A 595 8.52 25.31 31.35
N ILE A 596 8.96 25.72 30.17
CA ILE A 596 9.81 26.88 30.01
C ILE A 596 9.10 28.19 30.39
N LEU A 597 7.83 28.30 30.02
CA LEU A 597 7.07 29.52 30.34
C LEU A 597 6.88 29.68 31.84
N ARG A 598 6.61 28.56 32.53
CA ARG A 598 6.54 28.56 33.99
C ARG A 598 7.88 28.96 34.62
N GLU A 599 8.98 28.40 34.11
CA GLU A 599 10.31 28.76 34.60
C GLU A 599 10.59 30.24 34.38
N LEU A 600 10.31 30.73 33.16
CA LEU A 600 10.49 32.16 32.84
C LEU A 600 9.66 33.08 33.74
N LYS A 601 8.45 32.65 34.09
CA LYS A 601 7.56 33.45 34.92
C LYS A 601 8.08 33.52 36.37
N LYS A 602 8.54 32.39 36.89
CA LYS A 602 9.15 32.35 38.23
C LYS A 602 10.42 33.17 38.26
N ARG A 603 11.29 33.00 37.26
CA ARG A 603 12.58 33.68 37.22
C ARG A 603 12.41 35.19 37.07
N ASN A 604 11.75 35.62 35.99
CA ASN A 604 11.61 37.06 35.70
C ASN A 604 10.45 37.75 36.42
N ASN A 605 9.52 36.98 36.99
CA ASN A 605 8.43 37.56 37.77
C ASN A 605 7.69 38.67 37.01
N TRP A 606 6.90 38.27 36.02
CA TRP A 606 6.25 39.23 35.14
C TRP A 606 5.22 40.09 35.85
N ARG A 607 5.20 41.37 35.48
CA ARG A 607 4.17 42.30 35.97
C ARG A 607 2.85 42.11 35.23
N PRO A 608 1.73 42.44 35.90
CA PRO A 608 0.44 42.54 35.22
C PRO A 608 0.52 43.46 34.02
N GLY A 609 0.01 43.02 32.87
CA GLY A 609 0.05 43.81 31.66
C GLY A 609 1.33 43.68 30.85
N ASP A 610 2.24 42.81 31.28
CA ASP A 610 3.43 42.51 30.50
C ASP A 610 3.04 41.62 29.32
N THR A 611 3.81 41.73 28.25
CA THR A 611 3.59 40.93 27.06
C THR A 611 4.70 39.90 26.91
N VAL A 612 4.29 38.66 26.65
CA VAL A 612 5.20 37.55 26.45
C VAL A 612 4.98 37.08 25.02
N ARG A 613 6.06 36.91 24.26
CA ARG A 613 5.95 36.40 22.90
C ARG A 613 6.63 35.05 22.74
N VAL A 614 5.96 34.16 22.02
CA VAL A 614 6.49 32.85 21.72
C VAL A 614 6.49 32.65 20.21
N VAL A 615 7.63 32.21 19.69
CA VAL A 615 7.79 31.95 18.27
C VAL A 615 8.24 30.51 18.10
N PHE A 616 7.66 29.82 17.12
CA PHE A 616 8.06 28.46 16.78
C PHE A 616 8.67 28.45 15.37
N HIS A 617 9.82 27.78 15.23
CA HIS A 617 10.50 27.60 13.93
C HIS A 617 10.58 26.13 13.59
N ALA A 618 10.33 25.80 12.32
CA ALA A 618 10.55 24.47 11.78
C ALA A 618 10.57 24.51 10.26
N HIS A 619 11.11 23.49 9.63
CA HIS A 619 11.14 23.42 8.15
C HIS A 619 9.80 23.00 7.54
N ARG A 620 8.83 22.60 8.36
CA ARG A 620 7.48 22.28 7.89
C ARG A 620 6.47 23.05 8.73
N PRO A 621 5.26 23.28 8.17
CA PRO A 621 4.20 23.90 8.95
C PRO A 621 3.58 22.94 9.94
N LEU A 622 3.19 23.43 11.11
CA LEU A 622 2.42 22.63 12.07
C LEU A 622 0.98 22.45 11.59
N LYS A 623 0.27 21.48 12.17
CA LYS A 623 -1.16 21.34 11.93
C LYS A 623 -1.95 22.42 12.67
N ARG A 624 -3.13 22.74 12.15
CA ARG A 624 -4.00 23.73 12.79
C ARG A 624 -4.40 23.29 14.18
N VAL A 625 -4.67 21.99 14.33
CA VAL A 625 -5.02 21.40 15.61
C VAL A 625 -3.85 21.46 16.59
N ASP A 626 -2.63 21.31 16.08
CA ASP A 626 -1.45 21.46 16.91
C ASP A 626 -1.27 22.92 17.34
N VAL A 627 -1.48 23.86 16.42
CA VAL A 627 -1.40 25.27 16.76
C VAL A 627 -2.43 25.62 17.84
N ALA A 628 -3.69 25.23 17.61
CA ALA A 628 -4.77 25.49 18.57
C ALA A 628 -4.43 24.95 19.94
N SER A 629 -3.86 23.75 19.96
CA SER A 629 -3.49 23.09 21.20
C SER A 629 -2.31 23.79 21.90
N ILE A 630 -1.27 24.14 21.13
CA ILE A 630 -0.13 24.88 21.67
C ILE A 630 -0.63 26.18 22.28
N VAL A 631 -1.45 26.89 21.52
CA VAL A 631 -1.93 28.21 21.88
C VAL A 631 -2.70 28.17 23.20
N PHE A 632 -3.62 27.21 23.31
CA PHE A 632 -4.43 27.05 24.51
C PHE A 632 -3.57 26.81 25.73
N GLU A 633 -2.75 25.78 25.68
CA GLU A 633 -1.92 25.37 26.81
C GLU A 633 -0.96 26.45 27.29
N CYS A 634 -0.36 27.18 26.34
CA CYS A 634 0.56 28.27 26.68
C CYS A 634 -0.20 29.42 27.30
N THR A 635 -1.33 29.76 26.70
CA THR A 635 -2.16 30.89 27.14
C THR A 635 -2.59 30.73 28.59
N ARG A 636 -3.13 29.56 28.93
CA ARG A 636 -3.63 29.30 30.26
C ARG A 636 -2.50 29.12 31.28
N GLU A 637 -1.34 28.67 30.82
CA GLU A 637 -0.20 28.46 31.70
C GLU A 637 0.35 29.78 32.22
N ILE A 638 0.51 30.77 31.35
CA ILE A 638 1.00 32.06 31.82
C ILE A 638 -0.15 32.82 32.49
N GLY A 639 -1.37 32.46 32.13
CA GLY A 639 -2.56 33.03 32.76
C GLY A 639 -3.01 34.33 32.11
N SER A 640 -4.03 34.93 32.70
CA SER A 640 -4.66 36.12 32.16
C SER A 640 -3.98 37.43 32.56
N ASP A 641 -2.98 37.36 33.43
CA ASP A 641 -2.23 38.57 33.88
C ASP A 641 -1.39 39.21 32.78
N GLN A 642 -0.98 38.43 31.80
CA GLN A 642 -0.11 38.91 30.75
C GLN A 642 -0.78 38.76 29.40
N ASN A 643 -0.28 39.52 28.43
CA ASN A 643 -0.69 39.37 27.04
C ASN A 643 0.23 38.38 26.33
N ILE A 644 -0.34 37.43 25.59
CA ILE A 644 0.45 36.40 24.89
C ILE A 644 0.42 36.68 23.41
N GLN A 645 1.59 36.80 22.80
CA GLN A 645 1.72 36.84 21.34
C GLN A 645 2.34 35.53 20.89
N MET A 646 1.75 34.88 19.89
CA MET A 646 2.28 33.60 19.42
C MET A 646 2.32 33.53 17.89
N ALA A 647 3.47 33.12 17.37
CA ALA A 647 3.67 33.01 15.93
C ALA A 647 4.30 31.66 15.64
N PHE A 648 3.86 31.04 14.54
CA PHE A 648 4.38 29.76 14.10
C PHE A 648 4.92 29.92 12.69
N VAL A 649 6.24 29.81 12.57
CA VAL A 649 6.95 30.13 11.35
C VAL A 649 7.45 28.85 10.72
N THR A 650 7.45 28.81 9.38
CA THR A 650 8.14 27.75 8.68
C THR A 650 9.20 28.33 7.74
N VAL A 651 10.26 27.55 7.49
CA VAL A 651 11.41 28.04 6.74
C VAL A 651 11.71 27.09 5.58
N SER A 652 11.56 27.58 4.35
CA SER A 652 11.86 26.79 3.15
C SER A 652 13.15 27.21 2.49
N HIS A 653 13.92 26.23 2.03
CA HIS A 653 15.10 26.46 1.22
C HIS A 653 14.81 26.13 -0.27
N ASP A 654 13.79 25.32 -0.51
CA ASP A 654 13.63 24.62 -1.79
C ASP A 654 12.32 25.00 -2.49
N HIS A 655 12.16 26.29 -2.77
CA HIS A 655 10.97 26.89 -3.37
C HIS A 655 11.38 27.41 -4.76
N PRO A 656 10.43 27.93 -5.55
CA PRO A 656 10.77 28.37 -6.91
C PRO A 656 11.17 29.85 -7.08
N PHE A 657 11.25 30.59 -5.99
CA PHE A 657 11.62 32.01 -6.02
C PHE A 657 13.12 32.25 -5.90
N VAL A 658 13.61 33.23 -6.67
CA VAL A 658 14.96 33.78 -6.49
C VAL A 658 14.97 35.29 -6.69
N LEU A 659 15.78 35.97 -5.88
CA LEU A 659 15.92 37.41 -5.95
C LEU A 659 17.18 37.81 -6.72
N ILE A 660 17.07 38.87 -7.51
CA ILE A 660 18.17 39.41 -8.30
C ILE A 660 18.30 40.90 -8.02
N ASP A 661 19.52 41.34 -7.68
CA ASP A 661 19.79 42.76 -7.44
C ASP A 661 20.72 43.27 -8.54
N ARG A 662 20.17 44.04 -9.48
CA ARG A 662 20.93 44.45 -10.66
C ARG A 662 21.97 45.54 -10.38
N SER A 663 21.86 46.22 -9.24
CA SER A 663 22.86 47.20 -8.84
C SER A 663 24.14 46.57 -8.25
N GLU A 664 24.18 45.23 -8.16
CA GLU A 664 25.31 44.54 -7.53
C GLU A 664 26.33 44.07 -8.56
N ARG A 665 27.47 44.75 -8.59
CA ARG A 665 28.56 44.44 -9.53
C ARG A 665 29.35 43.22 -9.09
N GLY A 666 29.24 42.87 -7.80
CA GLY A 666 29.95 41.73 -7.25
C GLY A 666 31.32 42.15 -6.75
N LEU A 667 32.09 41.17 -6.29
CA LEU A 667 33.40 41.41 -5.69
C LEU A 667 34.46 40.59 -6.40
N GLU A 668 35.72 41.01 -6.24
CA GLU A 668 36.85 40.27 -6.80
C GLU A 668 36.76 38.81 -6.34
N ALA A 669 36.90 37.87 -7.27
CA ALA A 669 36.95 36.45 -6.94
C ALA A 669 38.06 36.19 -5.92
N TYR A 670 39.14 36.97 -6.04
CA TYR A 670 40.20 37.02 -5.05
C TYR A 670 40.98 38.30 -5.28
N LYS A 671 41.75 38.74 -4.28
CA LYS A 671 42.64 39.90 -4.44
C LYS A 671 43.82 39.48 -5.34
N GLY A 672 43.91 40.00 -6.57
CA GLY A 672 42.97 40.96 -7.16
C GLY A 672 42.86 40.74 -8.65
N SER A 673 41.80 40.05 -9.08
CA SER A 673 41.65 39.62 -10.47
C SER A 673 40.49 40.34 -11.18
N THR A 674 40.26 39.95 -12.43
CA THR A 674 39.19 40.51 -13.25
C THR A 674 37.87 39.79 -13.05
N ALA A 675 37.92 38.52 -12.64
CA ALA A 675 36.71 37.74 -12.35
C ALA A 675 36.03 38.26 -11.10
N ARG A 676 34.70 38.18 -11.08
CA ARG A 676 33.92 38.65 -9.95
C ARG A 676 32.99 37.56 -9.46
N LYS A 677 32.69 37.57 -8.17
CA LYS A 677 31.85 36.55 -7.55
C LYS A 677 30.62 37.22 -6.97
N GLY A 678 29.49 36.51 -7.01
CA GLY A 678 28.25 37.01 -6.43
C GLY A 678 27.65 38.18 -7.17
N VAL A 679 27.89 38.23 -8.48
CA VAL A 679 27.31 39.26 -9.34
C VAL A 679 25.79 39.17 -9.29
N PHE A 680 25.14 40.31 -9.09
CA PHE A 680 23.66 40.41 -9.05
C PHE A 680 23.01 39.83 -7.78
N ALA A 681 23.81 39.59 -6.75
CA ALA A 681 23.35 38.91 -5.53
C ALA A 681 22.84 39.91 -4.50
N PRO A 682 21.57 39.79 -4.09
CA PRO A 682 21.02 40.75 -3.11
C PRO A 682 21.86 40.81 -1.84
N PRO A 683 21.80 41.92 -1.10
CA PRO A 683 22.57 42.02 0.14
C PRO A 683 22.00 41.12 1.24
N ARG A 684 22.85 40.74 2.20
CA ARG A 684 22.41 39.95 3.36
C ARG A 684 21.51 40.80 4.24
N GLY A 685 20.28 40.34 4.42
CA GLY A 685 19.27 41.08 5.19
C GLY A 685 18.12 41.59 4.34
N ALA A 686 18.22 41.44 3.02
CA ALA A 686 17.13 41.85 2.14
C ALA A 686 15.89 41.01 2.40
N ILE A 687 14.76 41.67 2.61
CA ILE A 687 13.48 41.00 2.86
C ILE A 687 12.46 41.47 1.82
N SER A 688 11.93 40.53 1.04
CA SER A 688 10.96 40.85 -0.03
C SER A 688 9.59 40.28 0.29
N ARG A 689 8.55 41.05 -0.07
CA ARG A 689 7.18 40.67 0.22
C ARG A 689 6.59 39.90 -0.96
N VAL A 690 6.22 38.64 -0.71
CA VAL A 690 5.54 37.82 -1.69
C VAL A 690 4.04 37.84 -1.42
N GLY A 691 3.67 37.68 -0.16
CA GLY A 691 2.27 37.72 0.25
C GLY A 691 2.11 38.23 1.65
N ARG A 692 0.90 38.15 2.18
CA ARG A 692 0.62 38.63 3.53
C ARG A 692 1.29 37.76 4.61
N LEU A 693 1.52 36.49 4.30
CA LEU A 693 2.08 35.54 5.25
C LEU A 693 3.49 35.08 4.88
N THR A 694 4.04 35.56 3.76
CA THR A 694 5.27 35.02 3.23
C THR A 694 6.29 36.09 2.85
N ARG A 695 7.51 35.93 3.33
CA ARG A 695 8.62 36.80 2.96
C ARG A 695 9.77 36.00 2.39
N LEU A 696 10.60 36.69 1.61
CA LEU A 696 11.82 36.12 1.06
C LEU A 696 12.99 36.76 1.76
N LEU A 697 13.92 35.94 2.25
CA LEU A 697 15.06 36.41 3.01
C LEU A 697 16.36 36.07 2.27
N ALA A 698 17.11 37.09 1.89
CA ALA A 698 18.47 36.90 1.37
C ALA A 698 19.42 36.68 2.54
N VAL A 699 20.29 35.67 2.42
CA VAL A 699 21.27 35.37 3.48
C VAL A 699 22.72 35.36 3.00
N ASN A 700 22.94 35.00 1.73
CA ASN A 700 24.29 34.90 1.16
C ASN A 700 24.67 36.11 0.29
N SER A 701 25.31 37.08 0.93
CA SER A 701 25.83 38.27 0.25
C SER A 701 27.02 37.91 -0.65
N PRO A 702 27.43 38.84 -1.55
CA PRO A 702 28.65 38.64 -2.36
C PRO A 702 29.86 38.32 -1.50
N GLN A 703 29.99 38.99 -0.37
CA GLN A 703 31.03 38.72 0.64
C GLN A 703 31.15 37.23 0.98
N LEU A 704 30.00 36.61 1.28
CA LEU A 704 29.96 35.20 1.73
C LEU A 704 30.03 34.19 0.58
N ILE A 705 29.57 34.58 -0.61
CA ILE A 705 29.61 33.69 -1.77
C ILE A 705 31.05 33.30 -2.07
N LYS A 706 31.25 32.02 -2.36
CA LYS A 706 32.59 31.42 -2.26
C LYS A 706 33.51 31.71 -3.44
N ARG A 707 32.97 31.68 -4.66
CA ARG A 707 33.79 31.81 -5.86
C ARG A 707 33.01 32.25 -7.09
N ALA A 708 33.75 32.63 -8.13
CA ALA A 708 33.17 33.20 -9.36
C ALA A 708 32.10 32.32 -10.00
N ASN A 709 32.31 31.02 -9.99
CA ASN A 709 31.36 30.08 -10.59
C ASN A 709 30.17 29.72 -9.70
N THR A 710 30.17 30.17 -8.44
CA THR A 710 29.04 29.96 -7.54
C THR A 710 27.75 30.51 -8.14
N PRO A 711 26.69 29.69 -8.20
CA PRO A 711 25.40 30.15 -8.71
C PRO A 711 24.82 31.33 -7.96
N LEU A 712 23.81 31.95 -8.54
CA LEU A 712 23.06 32.99 -7.84
C LEU A 712 22.40 32.35 -6.63
N PRO A 713 22.56 32.95 -5.43
CA PRO A 713 21.96 32.32 -4.26
C PRO A 713 20.45 32.32 -4.36
N THR A 714 19.84 31.39 -3.64
CA THR A 714 18.39 31.38 -3.50
C THR A 714 18.06 31.82 -2.08
N PRO A 715 17.05 32.66 -1.93
CA PRO A 715 16.69 33.17 -0.60
C PRO A 715 15.88 32.17 0.22
N LEU A 716 15.82 32.38 1.53
CA LEU A 716 14.94 31.60 2.39
C LEU A 716 13.54 32.15 2.26
N LEU A 717 12.57 31.27 2.11
CA LEU A 717 11.16 31.64 2.18
C LEU A 717 10.69 31.48 3.62
N VAL A 718 10.14 32.54 4.20
CA VAL A 718 9.66 32.53 5.59
C VAL A 718 8.15 32.70 5.60
N SER A 719 7.45 31.72 6.15
CA SER A 719 5.98 31.68 6.09
C SER A 719 5.33 31.64 7.46
N LEU A 720 4.36 32.52 7.68
CA LEU A 720 3.64 32.57 8.93
C LEU A 720 2.39 31.72 8.85
N HIS A 721 2.21 30.86 9.85
CA HIS A 721 1.01 30.06 9.97
C HIS A 721 -0.21 31.00 10.09
N PRO A 722 -1.27 30.76 9.29
CA PRO A 722 -2.44 31.66 9.31
C PRO A 722 -3.17 31.82 10.65
N ASP A 723 -2.95 30.92 11.60
CA ASP A 723 -3.59 31.00 12.91
C ASP A 723 -2.72 31.69 13.97
N SER A 724 -1.54 32.17 13.58
CA SER A 724 -0.70 32.94 14.48
C SER A 724 -1.43 34.19 15.00
N THR A 725 -1.18 34.56 16.26
CA THR A 725 -1.72 35.80 16.83
C THR A 725 -0.77 36.98 16.66
N PHE A 726 0.53 36.73 16.69
CA PHE A 726 1.52 37.73 16.29
C PHE A 726 1.61 37.68 14.76
N LYS A 727 1.71 38.85 14.13
CA LYS A 727 1.55 38.94 12.67
C LYS A 727 2.75 39.51 11.91
N ASP A 728 3.56 40.35 12.55
CA ASP A 728 4.69 41.00 11.87
C ASP A 728 5.69 39.97 11.35
N VAL A 729 5.50 39.54 10.11
CA VAL A 729 6.37 38.53 9.52
C VAL A 729 7.71 39.13 9.10
N ASP A 730 7.73 40.41 8.76
CA ASP A 730 9.00 41.11 8.49
C ASP A 730 9.95 40.98 9.68
N TYR A 731 9.42 41.24 10.89
CA TYR A 731 10.19 41.08 12.12
C TYR A 731 10.70 39.66 12.25
N LEU A 732 9.83 38.69 12.01
CA LEU A 732 10.18 37.27 12.14
C LEU A 732 11.22 36.82 11.12
N ALA A 733 11.16 37.37 9.92
CA ALA A 733 12.18 37.08 8.90
C ALA A 733 13.52 37.64 9.32
N GLU A 734 13.53 38.81 9.96
CA GLU A 734 14.77 39.39 10.46
C GLU A 734 15.30 38.57 11.65
N GLN A 735 14.39 38.12 12.51
CA GLN A 735 14.75 37.27 13.63
C GLN A 735 15.41 35.96 13.17
N ALA A 736 14.86 35.36 12.13
CA ALA A 736 15.45 34.15 11.53
C ALA A 736 16.87 34.39 10.99
N LEU A 737 17.09 35.56 10.37
CA LEU A 737 18.42 35.95 9.92
C LEU A 737 19.42 36.05 11.06
N LYS A 738 19.04 36.70 12.16
CA LYS A 738 19.91 36.82 13.33
C LYS A 738 20.30 35.45 13.87
N PHE A 739 19.39 34.49 13.75
CA PHE A 739 19.61 33.16 14.32
C PHE A 739 20.53 32.29 13.46
N THR A 740 20.74 32.67 12.20
CA THR A 740 21.76 32.02 11.37
C THR A 740 23.17 32.42 11.80
N SER A 741 23.30 33.56 12.46
CA SER A 741 24.61 34.03 12.96
C SER A 741 24.93 33.53 14.36
N LEU A 742 23.96 32.86 14.98
CA LEU A 742 24.09 32.44 16.36
C LEU A 742 24.76 31.06 16.51
N SER A 743 25.04 30.40 15.39
CA SER A 743 25.61 29.05 15.41
C SER A 743 27.06 29.02 15.88
N TRP A 744 27.35 28.20 16.88
CA TRP A 744 28.71 28.00 17.33
C TRP A 744 29.36 26.73 16.76
N ARG A 745 28.80 26.18 15.69
CA ARG A 745 29.50 25.17 14.88
C ARG A 745 30.60 25.82 14.05
N SER A 746 30.37 27.07 13.68
CA SER A 746 31.18 27.74 12.68
C SER A 746 31.31 29.22 12.97
N THR A 747 32.36 29.81 12.40
CA THR A 747 32.58 31.22 12.50
C THR A 747 31.68 31.95 11.48
N LEU A 748 31.41 31.27 10.36
CA LEU A 748 30.50 31.76 9.34
C LEU A 748 29.08 31.34 9.66
N PRO A 749 28.09 32.13 9.24
CA PRO A 749 26.70 31.84 9.59
C PRO A 749 26.19 30.51 9.02
N ALA A 750 25.19 29.93 9.67
CA ALA A 750 24.59 28.67 9.22
C ALA A 750 23.56 28.93 8.13
N ALA A 751 23.08 27.86 7.49
CA ALA A 751 22.15 28.01 6.36
C ALA A 751 20.72 28.22 6.82
N THR A 752 20.47 28.00 8.11
CA THR A 752 19.13 28.05 8.68
C THR A 752 19.28 28.41 10.16
N PRO A 753 18.24 29.00 10.77
CA PRO A 753 18.40 29.44 12.16
C PRO A 753 18.71 28.30 13.13
N VAL A 754 19.55 28.57 14.13
CA VAL A 754 20.01 27.53 15.06
C VAL A 754 18.86 26.77 15.74
N THR A 755 17.74 27.43 15.92
CA THR A 755 16.55 26.81 16.51
C THR A 755 16.14 25.52 15.78
N ILE A 756 16.31 25.49 14.46
CA ILE A 756 16.04 24.30 13.66
C ILE A 756 17.31 23.46 13.50
N PHE A 757 18.41 24.13 13.15
CA PHE A 757 19.69 23.52 12.85
C PHE A 757 20.28 22.72 14.02
N TYR A 758 20.36 23.33 15.19
CA TYR A 758 20.84 22.64 16.39
C TYR A 758 19.93 21.45 16.70
N SER A 759 18.63 21.62 16.47
CA SER A 759 17.63 20.58 16.73
C SER A 759 17.76 19.38 15.80
N GLU A 760 18.13 19.64 14.54
CA GLU A 760 18.45 18.55 13.62
C GLU A 760 19.69 17.79 14.09
N ARG A 761 20.71 18.49 14.57
CA ARG A 761 21.92 17.84 15.06
C ARG A 761 21.63 16.96 16.27
N ILE A 762 20.81 17.48 17.20
CA ILE A 762 20.42 16.73 18.39
C ILE A 762 19.55 15.51 18.01
N ALA A 763 18.68 15.67 17.03
CA ALA A 763 17.88 14.55 16.53
C ALA A 763 18.73 13.43 15.92
N GLU A 764 19.76 13.79 15.17
CA GLU A 764 20.64 12.81 14.54
C GLU A 764 21.45 12.06 15.61
N LEU A 765 22.14 12.80 16.48
CA LEU A 765 22.98 12.18 17.49
C LEU A 765 22.16 11.27 18.39
N LEU A 766 21.14 11.82 19.02
CA LEU A 766 20.33 11.05 19.96
C LEU A 766 19.63 9.88 19.28
N GLY A 767 19.21 10.06 18.03
CA GLY A 767 18.65 8.94 17.27
C GLY A 767 19.65 7.81 17.08
N ARG A 768 20.86 8.15 16.65
CA ARG A 768 21.93 7.19 16.47
C ARG A 768 22.33 6.52 17.80
N LEU A 769 22.38 7.32 18.87
CA LEU A 769 22.77 6.83 20.20
C LEU A 769 21.74 5.86 20.80
N LYS A 770 20.48 6.00 20.40
CA LYS A 770 19.41 5.12 20.84
C LYS A 770 19.67 3.66 20.49
N SER A 771 20.55 3.39 19.53
CA SER A 771 20.88 2.02 19.11
C SER A 771 22.24 1.51 19.59
N ILE A 772 23.02 2.36 20.25
CA ILE A 772 24.37 1.98 20.68
C ILE A 772 24.26 1.37 22.08
N PRO A 773 24.78 0.14 22.26
CA PRO A 773 24.68 -0.46 23.60
C PRO A 773 25.55 0.28 24.62
N ASN A 774 25.12 0.25 25.88
CA ASN A 774 25.80 0.96 26.98
C ASN A 774 25.65 2.48 26.96
N TRP A 775 24.74 2.97 26.13
CA TRP A 775 24.44 4.39 26.06
C TRP A 775 23.42 4.75 27.13
N SER A 776 23.72 5.76 27.94
CA SER A 776 22.70 6.38 28.77
C SER A 776 22.74 7.89 28.64
N SER A 777 21.55 8.47 28.61
CA SER A 777 21.35 9.91 28.56
C SER A 777 21.40 10.60 29.93
N ALA A 778 21.69 9.86 30.99
CA ALA A 778 21.56 10.39 32.35
C ALA A 778 22.33 11.69 32.57
N ASN A 779 23.49 11.83 31.92
CA ASN A 779 24.34 13.01 32.13
C ASN A 779 24.02 14.21 31.26
N LEU A 780 23.12 14.05 30.29
CA LEU A 780 22.75 15.16 29.40
C LEU A 780 22.24 16.41 30.16
N ASN A 781 21.54 16.22 31.26
CA ASN A 781 21.10 17.36 32.07
C ASN A 781 21.66 17.34 33.49
N ILE A 782 22.82 16.71 33.64
CA ILE A 782 23.58 16.83 34.86
C ILE A 782 24.91 17.47 34.49
N LYS A 783 25.91 16.66 34.13
CA LYS A 783 27.23 17.18 33.80
C LYS A 783 27.22 17.98 32.50
N LEU A 784 26.36 17.58 31.56
CA LEU A 784 26.32 18.21 30.24
C LEU A 784 25.20 19.23 30.10
N LYS A 785 24.67 19.70 31.23
CA LYS A 785 23.49 20.57 31.22
C LYS A 785 23.72 21.87 30.45
N TRP A 786 24.91 22.45 30.61
CA TRP A 786 25.28 23.71 29.95
C TRP A 786 26.21 23.52 28.75
N SER A 787 26.71 22.31 28.57
CA SER A 787 27.57 22.00 27.44
C SER A 787 26.75 21.96 26.14
N ARG A 788 27.29 22.55 25.08
CA ARG A 788 26.67 22.46 23.76
C ARG A 788 27.27 21.26 23.06
N TRP A 789 27.03 20.10 23.64
CA TRP A 789 27.63 18.83 23.22
C TRP A 789 27.25 18.40 21.80
N PHE A 790 26.23 19.03 21.23
CA PHE A 790 25.64 18.61 19.96
C PHE A 790 26.28 19.28 18.74
N LEU A 791 27.19 20.22 18.98
CA LEU A 791 27.88 20.93 17.91
C LEU A 791 28.88 20.04 17.17
N ARG D 34 -21.40 6.90 -7.37
CA ARG D 34 -21.16 5.45 -7.08
C ARG D 34 -21.93 4.61 -8.10
N GLN D 35 -21.22 3.76 -8.85
CA GLN D 35 -21.79 3.08 -10.00
C GLN D 35 -21.11 1.74 -10.32
N LEU D 36 -21.92 0.70 -10.47
CA LEU D 36 -21.45 -0.64 -10.83
C LEU D 36 -22.17 -1.13 -12.08
N VAL D 37 -21.39 -1.53 -13.09
CA VAL D 37 -21.94 -1.96 -14.38
C VAL D 37 -22.19 -3.47 -14.40
N SER D 38 -23.36 -3.86 -14.89
CA SER D 38 -23.73 -5.27 -14.96
C SER D 38 -23.22 -5.88 -16.26
N ASN D 39 -23.53 -7.16 -16.46
CA ASN D 39 -23.18 -7.87 -17.68
C ASN D 39 -24.39 -8.09 -18.59
N GLY D 40 -25.40 -7.23 -18.45
CA GLY D 40 -26.65 -7.36 -19.21
C GLY D 40 -27.11 -6.08 -19.87
N PHE D 41 -28.08 -6.23 -20.78
CA PHE D 41 -28.61 -5.13 -21.56
C PHE D 41 -30.13 -5.08 -21.46
N GLU D 42 -30.69 -3.86 -21.45
CA GLU D 42 -32.14 -3.69 -21.40
C GLU D 42 -32.79 -4.25 -22.65
N VAL D 43 -33.96 -4.83 -22.48
CA VAL D 43 -34.78 -5.23 -23.61
C VAL D 43 -36.00 -4.33 -23.63
N ASN D 44 -36.17 -3.59 -24.71
CA ASN D 44 -37.41 -2.86 -24.92
C ASN D 44 -38.46 -3.80 -25.47
N LEU D 45 -39.54 -3.96 -24.73
CA LEU D 45 -40.64 -4.81 -25.12
C LEU D 45 -41.84 -3.92 -25.36
N PRO D 46 -42.80 -4.39 -26.18
CA PRO D 46 -44.04 -3.62 -26.32
C PRO D 46 -44.77 -3.51 -24.98
N ASP D 47 -45.43 -2.38 -24.74
CA ASP D 47 -46.23 -2.18 -23.54
C ASP D 47 -47.22 -3.31 -23.31
N GLN D 48 -47.83 -3.77 -24.41
CA GLN D 48 -48.93 -4.74 -24.33
C GLN D 48 -48.74 -5.84 -25.38
N VAL D 49 -49.40 -6.97 -25.16
CA VAL D 49 -49.44 -8.04 -26.16
C VAL D 49 -50.74 -8.83 -26.04
N GLU D 50 -51.24 -9.31 -27.18
CA GLU D 50 -52.51 -10.03 -27.22
C GLU D 50 -52.27 -11.51 -27.03
N VAL D 51 -53.03 -12.12 -26.11
CA VAL D 51 -52.85 -13.52 -25.74
C VAL D 51 -54.21 -14.23 -25.63
N ILE D 52 -54.28 -15.47 -26.10
CA ILE D 52 -55.48 -16.29 -25.92
C ILE D 52 -55.23 -17.20 -24.73
N VAL D 53 -56.22 -17.27 -23.83
CA VAL D 53 -56.09 -18.02 -22.58
C VAL D 53 -57.24 -19.01 -22.46
N ARG D 54 -56.90 -20.26 -22.18
CA ARG D 54 -57.91 -21.28 -21.89
C ARG D 54 -57.54 -22.00 -20.61
N ASP D 55 -58.56 -22.51 -19.92
CA ASP D 55 -58.34 -23.31 -18.72
C ASP D 55 -57.77 -24.67 -19.13
N LEU D 56 -56.66 -25.04 -18.51
CA LEU D 56 -55.97 -26.29 -18.80
C LEU D 56 -55.56 -26.92 -17.46
N PRO D 57 -56.55 -27.48 -16.73
CA PRO D 57 -56.31 -28.08 -15.41
C PRO D 57 -55.17 -29.10 -15.39
N ASP D 58 -55.18 -30.04 -16.34
CA ASP D 58 -54.20 -31.13 -16.39
C ASP D 58 -53.03 -30.79 -17.33
N PRO D 59 -51.81 -30.59 -16.79
CA PRO D 59 -50.68 -30.19 -17.63
C PRO D 59 -50.14 -31.28 -18.56
N SER D 60 -50.74 -32.48 -18.54
CA SER D 60 -50.39 -33.55 -19.47
C SER D 60 -50.77 -33.22 -20.92
N LYS D 61 -51.78 -32.35 -21.09
CA LYS D 61 -52.23 -31.95 -22.43
C LYS D 61 -51.44 -30.77 -23.02
N VAL D 62 -50.36 -30.37 -22.36
CA VAL D 62 -49.55 -29.23 -22.79
C VAL D 62 -48.59 -29.60 -23.93
N LYS D 63 -47.92 -30.74 -23.79
CA LYS D 63 -46.93 -31.20 -24.78
C LYS D 63 -47.55 -31.45 -26.16
N GLU D 64 -48.76 -31.99 -26.19
CA GLU D 64 -49.47 -32.25 -27.44
C GLU D 64 -49.95 -30.95 -28.09
N GLU D 65 -50.40 -30.01 -27.26
CA GLU D 65 -50.87 -28.71 -27.75
C GLU D 65 -49.71 -27.88 -28.32
N ARG D 66 -48.57 -27.90 -27.62
CA ARG D 66 -47.37 -27.21 -28.10
C ARG D 66 -46.90 -27.78 -29.43
N THR D 67 -46.99 -29.11 -29.57
CA THR D 67 -46.69 -29.78 -30.83
C THR D 67 -47.68 -29.38 -31.92
N ARG D 68 -48.97 -29.43 -31.61
CA ARG D 68 -50.01 -29.04 -32.58
C ARG D 68 -49.84 -27.61 -33.11
N LEU D 69 -49.50 -26.68 -32.22
CA LEU D 69 -49.36 -25.26 -32.59
C LEU D 69 -47.93 -24.84 -32.87
N MET D 70 -47.06 -25.82 -33.13
CA MET D 70 -45.63 -25.57 -33.38
C MET D 70 -45.42 -24.65 -34.59
N GLY D 71 -44.58 -23.63 -34.41
CA GLY D 71 -44.25 -22.69 -35.48
C GLY D 71 -45.11 -21.44 -35.52
N TYR D 72 -46.41 -21.60 -35.32
CA TYR D 72 -47.36 -20.48 -35.43
C TYR D 72 -47.65 -19.80 -34.08
N TRP D 73 -47.57 -20.57 -32.99
CA TRP D 73 -47.86 -20.04 -31.65
C TRP D 73 -46.79 -20.41 -30.63
N PHE D 74 -46.36 -19.43 -29.83
CA PHE D 74 -45.60 -19.71 -28.62
C PHE D 74 -46.58 -20.02 -27.49
N VAL D 75 -46.42 -21.18 -26.87
CA VAL D 75 -47.35 -21.69 -25.88
C VAL D 75 -46.67 -21.67 -24.52
N HIS D 76 -47.45 -21.45 -23.46
CA HIS D 76 -46.90 -21.36 -22.12
C HIS D 76 -47.95 -21.61 -21.03
N TRP D 77 -47.74 -22.65 -20.23
CA TRP D 77 -48.69 -23.06 -19.20
C TRP D 77 -48.34 -22.41 -17.86
N PHE D 78 -49.36 -22.00 -17.11
CA PHE D 78 -49.16 -21.32 -15.83
C PHE D 78 -50.47 -21.22 -15.04
N ASP D 79 -50.44 -21.77 -13.82
CA ASP D 79 -51.52 -21.61 -12.86
C ASP D 79 -52.85 -22.22 -13.32
N GLY D 80 -52.77 -23.40 -13.93
CA GLY D 80 -53.94 -24.12 -14.40
C GLY D 80 -54.50 -23.59 -15.70
N LYS D 81 -53.70 -22.82 -16.44
CA LYS D 81 -54.15 -22.14 -17.64
C LYS D 81 -53.07 -22.08 -18.72
N LEU D 82 -53.47 -22.37 -19.96
CA LEU D 82 -52.56 -22.37 -21.11
C LEU D 82 -52.66 -21.03 -21.82
N PHE D 83 -51.55 -20.31 -21.88
CA PHE D 83 -51.48 -19.03 -22.59
C PHE D 83 -50.91 -19.26 -23.99
N HIS D 84 -51.35 -18.45 -24.95
CA HIS D 84 -50.94 -18.58 -26.34
C HIS D 84 -50.60 -17.23 -26.95
N LEU D 85 -49.36 -17.08 -27.41
CA LEU D 85 -48.98 -15.89 -28.17
C LEU D 85 -48.83 -16.30 -29.62
N ARG D 86 -49.60 -15.68 -30.51
CA ARG D 86 -49.38 -15.88 -31.94
C ARG D 86 -48.03 -15.28 -32.32
N ILE D 87 -47.22 -16.07 -33.02
CA ILE D 87 -45.90 -15.63 -33.47
C ILE D 87 -45.77 -15.58 -35.00
N LYS D 88 -46.79 -16.10 -35.69
CA LYS D 88 -46.86 -16.07 -37.16
C LYS D 88 -48.33 -16.19 -37.56
N ALA D 89 -48.70 -15.57 -38.69
CA ALA D 89 -50.07 -15.59 -39.17
C ALA D 89 -50.41 -16.95 -39.81
N GLY D 90 -51.62 -17.44 -39.55
CA GLY D 90 -52.10 -18.67 -40.16
C GLY D 90 -52.46 -19.75 -39.15
N GLY D 91 -53.23 -20.73 -39.62
CA GLY D 91 -53.67 -21.85 -38.77
C GLY D 91 -52.47 -22.58 -38.24
N PRO D 92 -52.65 -23.40 -37.18
CA PRO D 92 -53.88 -23.70 -36.46
C PRO D 92 -54.46 -22.54 -35.66
N ASN D 93 -55.72 -22.70 -35.26
CA ASN D 93 -56.42 -21.73 -34.42
C ASN D 93 -56.47 -22.23 -32.99
N VAL D 94 -56.74 -21.32 -32.06
CA VAL D 94 -56.77 -21.64 -30.63
C VAL D 94 -58.07 -21.16 -30.00
N ASP D 95 -58.71 -22.02 -29.22
CA ASP D 95 -59.92 -21.66 -28.48
C ASP D 95 -59.56 -21.03 -27.13
N GLY D 96 -60.34 -20.04 -26.72
CA GLY D 96 -60.11 -19.35 -25.45
C GLY D 96 -60.43 -17.87 -25.50
N GLU D 97 -60.23 -17.20 -24.37
CA GLU D 97 -60.55 -15.78 -24.23
C GLU D 97 -59.38 -14.92 -24.70
N HIS D 98 -59.65 -14.02 -25.63
CA HIS D 98 -58.65 -13.09 -26.16
C HIS D 98 -58.42 -11.98 -25.14
N ARG D 99 -57.23 -11.95 -24.53
CA ARG D 99 -56.92 -10.99 -23.47
C ARG D 99 -55.64 -10.21 -23.72
N ALA D 100 -55.61 -8.97 -23.24
CA ALA D 100 -54.43 -8.14 -23.27
C ALA D 100 -53.54 -8.48 -22.07
N ILE D 101 -52.23 -8.59 -22.29
CA ILE D 101 -51.28 -8.80 -21.22
C ILE D 101 -50.23 -7.70 -21.33
N ARG D 102 -50.01 -7.01 -20.21
CA ARG D 102 -49.17 -5.83 -20.19
C ARG D 102 -47.82 -6.19 -19.58
N THR D 103 -46.76 -5.81 -20.27
CA THR D 103 -45.40 -6.25 -19.93
C THR D 103 -44.98 -5.76 -18.55
N ALA D 104 -45.23 -4.48 -18.28
CA ALA D 104 -44.87 -3.87 -16.99
C ALA D 104 -45.50 -4.60 -15.80
N GLU D 105 -46.75 -5.03 -15.96
CA GLU D 105 -47.46 -5.78 -14.93
C GLU D 105 -47.02 -7.24 -14.89
N HIS D 106 -47.08 -7.90 -16.04
CA HIS D 106 -46.82 -9.34 -16.17
C HIS D 106 -45.65 -9.61 -17.14
N PRO D 107 -44.40 -9.52 -16.66
CA PRO D 107 -43.22 -9.66 -17.54
C PRO D 107 -42.80 -11.11 -17.88
N TRP D 108 -43.21 -12.07 -17.06
CA TRP D 108 -42.86 -13.49 -17.25
C TRP D 108 -43.10 -14.03 -18.67
N LEU D 109 -44.24 -13.65 -19.27
CA LEU D 109 -44.67 -14.20 -20.55
C LEU D 109 -43.67 -13.91 -21.66
N LEU D 110 -43.31 -12.63 -21.81
CA LEU D 110 -42.33 -12.22 -22.81
C LEU D 110 -40.90 -12.59 -22.43
N ARG D 111 -40.65 -12.86 -21.16
CA ARG D 111 -39.33 -13.35 -20.75
C ARG D 111 -39.11 -14.75 -21.29
N ALA D 112 -40.14 -15.59 -21.16
CA ALA D 112 -40.11 -16.96 -21.65
C ALA D 112 -39.98 -17.01 -23.17
N ARG D 113 -40.77 -16.19 -23.85
CA ARG D 113 -40.75 -16.13 -25.31
C ARG D 113 -39.40 -15.62 -25.82
N LEU D 114 -38.79 -14.71 -25.07
CA LEU D 114 -37.50 -14.16 -25.45
C LEU D 114 -36.41 -15.21 -25.49
N ASP D 115 -36.48 -16.20 -24.59
CA ASP D 115 -35.55 -17.34 -24.60
C ASP D 115 -35.53 -18.04 -25.95
N ASP D 116 -36.72 -18.39 -26.44
CA ASP D 116 -36.87 -19.01 -27.76
C ASP D 116 -36.46 -18.05 -28.89
N ALA D 117 -36.90 -16.80 -28.78
CA ALA D 117 -36.60 -15.79 -29.80
C ALA D 117 -35.11 -15.49 -29.94
N LEU D 118 -34.37 -15.61 -28.84
CA LEU D 118 -32.92 -15.37 -28.85
C LEU D 118 -32.16 -16.44 -29.64
N GLU D 119 -32.69 -17.66 -29.65
CA GLU D 119 -32.11 -18.73 -30.45
C GLU D 119 -32.36 -18.47 -31.93
N GLU D 120 -33.60 -18.15 -32.26
CA GLU D 120 -34.01 -17.78 -33.62
C GLU D 120 -33.26 -16.55 -34.13
N ALA D 121 -32.91 -15.64 -33.23
CA ALA D 121 -32.17 -14.43 -33.58
C ALA D 121 -30.76 -14.73 -34.07
N LEU D 122 -30.23 -15.90 -33.71
CA LEU D 122 -28.90 -16.31 -34.13
C LEU D 122 -28.96 -17.69 -34.81
N PRO D 123 -29.38 -17.72 -36.09
CA PRO D 123 -29.48 -18.99 -36.83
C PRO D 123 -28.13 -19.65 -37.11
N LYS D 124 -27.09 -18.84 -37.32
CA LYS D 124 -25.76 -19.35 -37.61
C LYS D 124 -25.08 -20.03 -36.41
N TYR D 125 -25.48 -19.65 -35.19
CA TYR D 125 -24.87 -20.20 -33.96
C TYR D 125 -25.84 -21.16 -33.27
N ALA D 126 -25.60 -22.45 -33.44
CA ALA D 126 -26.50 -23.47 -32.90
C ALA D 126 -26.31 -23.66 -31.39
N ALA D 127 -27.40 -24.03 -30.73
CA ALA D 127 -27.44 -24.18 -29.27
C ALA D 127 -26.74 -25.46 -28.82
N VAL D 128 -25.67 -25.30 -28.05
CA VAL D 128 -25.15 -26.42 -27.25
C VAL D 128 -26.10 -26.68 -26.07
N LYS D 129 -26.66 -25.60 -25.48
CA LYS D 129 -27.67 -25.70 -24.41
C LYS D 129 -28.79 -24.68 -24.63
N LYS D 130 -29.98 -25.01 -24.16
CA LYS D 130 -31.13 -24.10 -24.18
C LYS D 130 -31.48 -23.62 -22.78
N ARG D 131 -32.22 -22.52 -22.71
CA ARG D 131 -32.75 -21.96 -21.46
C ARG D 131 -31.83 -22.20 -20.25
N PRO D 132 -30.67 -21.50 -20.19
CA PRO D 132 -30.23 -20.39 -21.02
C PRO D 132 -29.56 -20.80 -22.33
N PHE D 133 -29.96 -20.14 -23.43
CA PHE D 133 -29.36 -20.33 -24.75
C PHE D 133 -27.84 -20.17 -24.69
N THR D 134 -27.11 -21.24 -25.02
CA THR D 134 -25.65 -21.28 -24.94
C THR D 134 -25.07 -21.71 -26.29
N PHE D 135 -24.03 -21.02 -26.74
CA PHE D 135 -23.47 -21.25 -28.09
C PHE D 135 -21.97 -20.93 -28.13
N LEU D 136 -21.32 -21.39 -29.20
CA LEU D 136 -19.88 -21.29 -29.35
C LEU D 136 -19.46 -20.27 -30.41
N ALA D 137 -18.23 -19.76 -30.29
CA ALA D 137 -17.61 -18.93 -31.32
C ALA D 137 -17.30 -19.79 -32.55
N GLN D 138 -17.69 -19.30 -33.71
CA GLN D 138 -17.58 -20.08 -34.95
C GLN D 138 -16.14 -20.26 -35.39
N LYS D 139 -15.35 -19.19 -35.29
CA LYS D 139 -13.99 -19.18 -35.79
C LYS D 139 -12.93 -19.54 -34.74
N ASP D 140 -13.02 -18.92 -33.57
CA ASP D 140 -11.96 -19.02 -32.52
C ASP D 140 -11.61 -20.44 -32.08
N GLU D 141 -10.34 -20.61 -31.69
CA GLU D 141 -9.84 -21.82 -31.04
C GLU D 141 -8.52 -21.45 -30.35
N LEU D 142 -8.48 -21.56 -29.02
CA LEU D 142 -7.40 -20.94 -28.22
C LEU D 142 -6.11 -21.76 -28.09
N ILE D 143 -6.19 -23.08 -28.18
CA ILE D 143 -5.00 -23.92 -28.10
C ILE D 143 -4.11 -23.77 -29.33
N ASP D 144 -4.73 -23.58 -30.50
CA ASP D 144 -3.99 -23.29 -31.72
C ASP D 144 -3.15 -22.02 -31.50
N ALA D 145 -3.78 -20.99 -30.95
CA ALA D 145 -3.11 -19.72 -30.66
C ALA D 145 -2.06 -19.86 -29.56
N ALA D 146 -2.39 -20.58 -28.49
CA ALA D 146 -1.49 -20.73 -27.34
C ALA D 146 -0.24 -21.54 -27.70
N ALA D 147 -0.38 -22.49 -28.61
CA ALA D 147 0.76 -23.27 -29.10
C ALA D 147 1.70 -22.40 -29.95
N THR D 148 1.11 -21.44 -30.67
CA THR D 148 1.86 -20.50 -31.49
C THR D 148 2.56 -19.44 -30.65
N ALA D 149 1.90 -18.98 -29.58
CA ALA D 149 2.45 -17.94 -28.70
C ALA D 149 3.65 -18.45 -27.88
N ALA D 150 3.56 -19.66 -27.37
CA ALA D 150 4.68 -20.29 -26.65
C ALA D 150 5.62 -21.04 -27.60
N GLY D 151 5.20 -21.21 -28.85
CA GLY D 151 6.02 -21.86 -29.86
C GLY D 151 6.15 -23.36 -29.66
N LEU D 152 5.05 -24.08 -29.86
CA LEU D 152 5.02 -25.54 -29.73
C LEU D 152 4.15 -26.13 -30.84
N SER D 153 4.32 -27.42 -31.10
CA SER D 153 3.50 -28.12 -32.11
C SER D 153 3.53 -29.63 -31.95
N HIS D 154 2.58 -30.28 -32.61
CA HIS D 154 2.40 -31.73 -32.53
C HIS D 154 1.33 -32.10 -33.58
N ARG D 155 1.28 -33.36 -33.96
CA ARG D 155 0.20 -33.86 -34.80
C ARG D 155 -1.15 -33.57 -34.15
N LEU D 156 -1.34 -34.17 -32.98
CA LEU D 156 -2.63 -34.30 -32.34
C LEU D 156 -3.10 -32.99 -31.73
N LEU D 157 -2.17 -32.08 -31.44
CA LEU D 157 -2.48 -30.77 -30.86
C LEU D 157 -3.69 -30.08 -31.52
N ASN D 158 -3.89 -30.33 -32.81
CA ASN D 158 -5.05 -29.80 -33.55
C ASN D 158 -6.40 -30.37 -33.09
N SER D 159 -6.39 -31.57 -32.52
CA SER D 159 -7.61 -32.22 -32.04
C SER D 159 -7.98 -31.89 -30.58
N PHE D 160 -7.14 -31.07 -29.92
CA PHE D 160 -7.44 -30.53 -28.59
C PHE D 160 -8.04 -29.12 -28.73
N LYS D 161 -9.36 -29.03 -28.61
CA LYS D 161 -10.09 -27.77 -28.83
C LYS D 161 -10.37 -27.03 -27.52
N VAL D 162 -10.28 -25.70 -27.55
CA VAL D 162 -10.72 -24.85 -26.45
C VAL D 162 -11.47 -23.66 -27.04
N ILE D 163 -12.78 -23.82 -27.18
CA ILE D 163 -13.60 -22.86 -27.91
C ILE D 163 -14.38 -21.96 -26.95
N PRO D 164 -14.31 -20.62 -27.15
CA PRO D 164 -15.09 -19.71 -26.30
C PRO D 164 -16.59 -19.98 -26.41
N ARG D 165 -17.27 -19.96 -25.28
CA ARG D 165 -18.68 -20.32 -25.18
C ARG D 165 -19.45 -19.20 -24.50
N PHE D 166 -20.64 -18.90 -25.01
CA PHE D 166 -21.42 -17.77 -24.54
C PHE D 166 -22.84 -18.19 -24.18
N ALA D 167 -23.36 -17.60 -23.11
CA ALA D 167 -24.75 -17.82 -22.70
C ALA D 167 -25.50 -16.49 -22.64
N LEU D 168 -26.80 -16.54 -22.88
CA LEU D 168 -27.65 -15.35 -22.82
C LEU D 168 -28.89 -15.68 -22.01
N SER D 169 -29.06 -14.97 -20.89
CA SER D 169 -30.12 -15.27 -19.94
C SER D 169 -31.13 -14.11 -19.86
N PRO D 170 -32.35 -14.31 -20.38
CA PRO D 170 -33.41 -13.34 -20.15
C PRO D 170 -33.83 -13.36 -18.69
N LYS D 171 -33.63 -12.25 -17.99
CA LYS D 171 -33.86 -12.18 -16.54
C LYS D 171 -34.70 -10.97 -16.16
N ILE D 172 -35.61 -11.19 -15.22
CA ILE D 172 -36.42 -10.13 -14.67
C ILE D 172 -35.66 -9.44 -13.55
N TYR D 173 -35.71 -8.11 -13.54
CA TYR D 173 -35.04 -7.32 -12.51
C TYR D 173 -35.78 -6.00 -12.25
N GLU D 174 -35.46 -5.35 -11.13
CA GLU D 174 -36.13 -4.12 -10.73
C GLU D 174 -35.16 -2.92 -10.76
N PRO D 175 -35.35 -2.00 -11.73
CA PRO D 175 -34.61 -0.74 -11.67
C PRO D 175 -34.92 0.00 -10.37
N VAL D 176 -36.21 0.05 -10.01
CA VAL D 176 -36.65 0.67 -8.76
C VAL D 176 -37.76 -0.20 -8.15
N ASP D 177 -37.95 -0.07 -6.84
CA ASP D 177 -39.03 -0.78 -6.16
C ASP D 177 -40.36 -0.37 -6.81
N GLY D 178 -41.19 -1.35 -7.12
CA GLY D 178 -42.46 -1.12 -7.78
C GLY D 178 -42.48 -1.65 -9.20
N THR D 179 -41.52 -1.23 -10.02
CA THR D 179 -41.51 -1.58 -11.46
C THR D 179 -40.51 -2.69 -11.79
N THR D 180 -40.99 -3.69 -12.52
CA THR D 180 -40.14 -4.75 -13.05
C THR D 180 -39.64 -4.40 -14.44
N ARG D 181 -38.60 -5.08 -14.89
CA ARG D 181 -38.11 -4.98 -16.26
C ARG D 181 -37.39 -6.27 -16.66
N VAL D 182 -37.10 -6.39 -17.95
CA VAL D 182 -36.38 -7.55 -18.48
C VAL D 182 -35.02 -7.13 -19.04
N GLY D 183 -34.04 -8.00 -18.88
CA GLY D 183 -32.70 -7.79 -19.42
C GLY D 183 -32.10 -9.11 -19.87
N VAL D 184 -31.15 -9.04 -20.80
CA VAL D 184 -30.48 -10.23 -21.32
C VAL D 184 -29.03 -10.18 -20.89
N PHE D 185 -28.64 -11.12 -20.05
CA PHE D 185 -27.35 -11.08 -19.40
C PHE D 185 -26.43 -12.09 -20.07
N VAL D 186 -25.18 -11.66 -20.28
CA VAL D 186 -24.20 -12.41 -21.06
C VAL D 186 -23.18 -13.05 -20.14
N THR D 187 -22.89 -14.32 -20.34
CA THR D 187 -21.80 -14.99 -19.61
C THR D 187 -20.92 -15.79 -20.54
N ILE D 188 -19.65 -15.92 -20.15
CA ILE D 188 -18.61 -16.52 -20.98
C ILE D 188 -17.92 -17.67 -20.27
N GLY D 189 -17.85 -18.82 -20.94
CA GLY D 189 -17.08 -19.96 -20.47
C GLY D 189 -16.14 -20.45 -21.56
N MET D 190 -15.70 -21.69 -21.45
CA MET D 190 -14.89 -22.34 -22.46
C MET D 190 -15.35 -23.79 -22.62
N ARG D 191 -15.63 -24.19 -23.86
CA ARG D 191 -15.83 -25.61 -24.15
C ARG D 191 -14.44 -26.25 -24.25
N TYR D 192 -14.19 -27.27 -23.42
CA TYR D 192 -13.00 -28.09 -23.54
C TYR D 192 -13.40 -29.40 -24.17
N ASP D 193 -12.66 -29.82 -25.20
CA ASP D 193 -13.01 -31.01 -25.95
C ASP D 193 -11.77 -31.70 -26.51
N ILE D 194 -11.75 -33.03 -26.41
CA ILE D 194 -10.73 -33.86 -27.03
C ILE D 194 -11.39 -34.71 -28.10
N GLU D 195 -11.35 -34.23 -29.34
CA GLU D 195 -11.93 -34.96 -30.46
C GLU D 195 -10.99 -36.10 -30.87
N ALA D 196 -9.71 -35.98 -30.49
CA ALA D 196 -8.70 -37.01 -30.74
C ALA D 196 -9.21 -38.41 -30.43
N SER D 197 -8.85 -39.37 -31.30
CA SER D 197 -9.33 -40.75 -31.16
C SER D 197 -8.53 -41.52 -30.12
N LEU D 198 -9.20 -42.45 -29.43
CA LEU D 198 -8.57 -43.25 -28.39
C LEU D 198 -7.44 -44.10 -28.96
N ARG D 199 -7.69 -44.72 -30.11
CA ARG D 199 -6.68 -45.55 -30.79
C ARG D 199 -5.35 -44.80 -30.92
N ASP D 200 -5.42 -43.57 -31.41
CA ASP D 200 -4.23 -42.72 -31.60
C ASP D 200 -3.48 -42.50 -30.29
N LEU D 201 -4.21 -42.11 -29.25
CA LEU D 201 -3.62 -41.70 -27.96
C LEU D 201 -2.88 -42.84 -27.25
N LEU D 202 -3.35 -44.07 -27.44
CA LEU D 202 -2.64 -45.26 -26.97
C LEU D 202 -1.26 -45.34 -27.61
N GLU D 203 -1.26 -45.37 -28.94
CA GLU D 203 -0.05 -45.55 -29.73
C GLU D 203 0.91 -44.37 -29.62
N ALA D 204 0.37 -43.19 -29.30
CA ALA D 204 1.20 -42.03 -28.98
C ALA D 204 1.78 -42.13 -27.57
N GLY D 205 1.36 -43.13 -26.80
CA GLY D 205 1.93 -43.43 -25.49
C GLY D 205 1.26 -42.71 -24.35
N ILE D 206 -0.07 -42.64 -24.37
CA ILE D 206 -0.85 -42.05 -23.28
C ILE D 206 -1.67 -43.14 -22.63
N ASP D 207 -1.41 -43.39 -21.34
CA ASP D 207 -2.07 -44.47 -20.62
C ASP D 207 -3.52 -44.11 -20.30
N LEU D 208 -4.44 -44.62 -21.12
CA LEU D 208 -5.87 -44.36 -20.96
C LEU D 208 -6.48 -45.10 -19.77
N ARG D 209 -5.77 -46.10 -19.24
CA ARG D 209 -6.27 -46.93 -18.13
C ARG D 209 -6.73 -46.08 -16.95
N GLY D 210 -8.05 -45.97 -16.79
CA GLY D 210 -8.66 -45.23 -15.68
C GLY D 210 -9.27 -43.89 -16.07
N MET D 211 -9.15 -43.51 -17.35
CA MET D 211 -9.70 -42.25 -17.82
C MET D 211 -11.20 -42.32 -18.08
N TYR D 212 -11.88 -41.20 -17.87
CA TYR D 212 -13.32 -41.12 -18.10
C TYR D 212 -13.61 -40.87 -19.58
N VAL D 213 -14.69 -41.49 -20.07
CA VAL D 213 -15.04 -41.46 -21.48
C VAL D 213 -16.53 -41.15 -21.66
N VAL D 214 -16.84 -40.33 -22.68
CA VAL D 214 -18.21 -39.96 -23.02
C VAL D 214 -18.56 -40.35 -24.46
N ARG D 215 -19.83 -40.22 -24.83
CA ARG D 215 -20.27 -40.42 -26.20
C ARG D 215 -19.79 -39.30 -27.12
N ARG D 216 -19.71 -39.59 -28.42
CA ARG D 216 -19.41 -38.56 -29.43
C ARG D 216 -20.70 -37.95 -29.96
N LYS D 217 -21.65 -38.82 -30.31
CA LYS D 217 -23.00 -38.39 -30.69
C LYS D 217 -23.93 -38.71 -29.52
N ARG D 218 -24.45 -37.66 -28.88
CA ARG D 218 -25.31 -37.82 -27.71
C ARG D 218 -26.73 -38.23 -28.11
N GLN D 219 -27.36 -37.43 -28.97
CA GLN D 219 -28.76 -37.61 -29.36
C GLN D 219 -29.66 -37.32 -28.15
N PRO D 220 -30.99 -37.52 -28.31
CA PRO D 220 -31.87 -37.36 -27.15
C PRO D 220 -32.04 -38.65 -26.35
N GLY D 221 -32.24 -38.52 -25.04
CA GLY D 221 -32.48 -39.67 -24.17
C GLY D 221 -31.30 -40.63 -24.07
N GLU D 222 -30.20 -40.23 -23.43
CA GLU D 222 -30.05 -38.93 -22.77
C GLU D 222 -28.62 -38.72 -22.25
N ARG D 223 -28.12 -39.69 -21.49
CA ARG D 223 -26.83 -39.57 -20.80
C ARG D 223 -25.62 -39.60 -21.74
N GLY D 224 -24.58 -38.84 -21.37
CA GLY D 224 -23.35 -38.72 -22.15
C GLY D 224 -22.19 -39.58 -21.62
N LEU D 225 -22.12 -39.72 -20.30
CA LEU D 225 -21.05 -40.52 -19.66
C LEU D 225 -21.23 -42.01 -19.93
N LEU D 226 -20.14 -42.67 -20.33
CA LEU D 226 -20.16 -44.10 -20.61
C LEU D 226 -19.52 -44.90 -19.49
N GLY D 227 -18.38 -44.41 -18.97
CA GLY D 227 -17.72 -45.03 -17.84
C GLY D 227 -16.22 -44.80 -17.82
N ARG D 228 -15.50 -45.69 -17.15
CA ARG D 228 -14.05 -45.59 -17.02
C ARG D 228 -13.36 -46.66 -17.88
N VAL D 229 -12.16 -46.34 -18.35
CA VAL D 229 -11.44 -47.20 -19.29
C VAL D 229 -10.77 -48.39 -18.60
N ARG D 230 -11.27 -49.59 -18.86
CA ARG D 230 -10.63 -50.83 -18.43
C ARG D 230 -9.52 -51.22 -19.41
N ALA D 231 -9.91 -51.54 -20.64
CA ALA D 231 -8.96 -51.91 -21.69
C ALA D 231 -9.58 -51.75 -23.08
N ILE D 232 -8.76 -51.94 -24.12
CA ILE D 232 -9.19 -51.81 -25.51
C ILE D 232 -9.02 -53.14 -26.26
N SER D 233 -10.10 -53.59 -26.90
CA SER D 233 -10.08 -54.83 -27.69
C SER D 233 -9.60 -54.54 -29.11
N ASP D 234 -10.35 -55.02 -30.12
CA ASP D 234 -10.04 -54.73 -31.51
C ASP D 234 -10.43 -53.30 -31.85
N ASP D 235 -11.71 -53.08 -32.15
CA ASP D 235 -12.26 -51.74 -32.35
C ASP D 235 -13.32 -51.46 -31.30
N MET D 236 -13.03 -51.87 -30.06
CA MET D 236 -13.97 -51.79 -28.94
C MET D 236 -13.24 -51.39 -27.67
N VAL D 237 -13.88 -50.53 -26.87
CA VAL D 237 -13.33 -50.15 -25.55
C VAL D 237 -14.08 -50.89 -24.45
N GLN D 238 -13.33 -51.49 -23.53
CA GLN D 238 -13.91 -52.21 -22.40
C GLN D 238 -13.95 -51.28 -21.19
N LEU D 239 -15.12 -51.15 -20.58
CA LEU D 239 -15.36 -50.16 -19.53
C LEU D 239 -15.44 -50.77 -18.13
N PHE D 240 -15.21 -49.93 -17.12
CA PHE D 240 -15.54 -50.25 -15.73
C PHE D 240 -16.10 -49.03 -15.02
N GLU D 241 -16.90 -49.26 -13.97
CA GLU D 241 -17.78 -48.24 -13.41
C GLU D 241 -18.65 -47.66 -14.52
N GLU D 242 -19.36 -48.55 -15.18
CA GLU D 242 -20.14 -48.21 -16.37
C GLU D 242 -21.47 -47.59 -15.99
N THR D 243 -21.95 -46.67 -16.82
CA THR D 243 -23.24 -46.00 -16.61
C THR D 243 -24.38 -46.81 -17.22
N ASP D 244 -24.10 -47.46 -18.35
CA ASP D 244 -25.08 -48.28 -19.04
C ASP D 244 -24.45 -49.60 -19.50
N LEU D 245 -23.64 -49.56 -20.56
CA LEU D 245 -23.05 -50.76 -21.15
C LEU D 245 -21.59 -50.93 -20.75
N ALA D 246 -21.14 -52.18 -20.69
CA ALA D 246 -19.78 -52.50 -20.25
C ALA D 246 -18.74 -52.36 -21.38
N SER D 247 -19.20 -52.21 -22.62
CA SER D 247 -18.31 -52.10 -23.78
C SER D 247 -18.93 -51.29 -24.91
N VAL D 248 -18.13 -50.41 -25.51
CA VAL D 248 -18.59 -49.56 -26.60
C VAL D 248 -17.54 -49.56 -27.72
N ASN D 249 -17.98 -49.25 -28.94
CA ASN D 249 -17.07 -49.13 -30.07
C ASN D 249 -16.12 -47.95 -29.86
N VAL D 250 -14.87 -48.08 -30.29
CA VAL D 250 -13.89 -47.01 -30.16
C VAL D 250 -14.27 -45.78 -31.00
N ASN D 251 -15.05 -46.00 -32.06
CA ASN D 251 -15.59 -44.90 -32.88
C ASN D 251 -16.64 -44.06 -32.16
N ASP D 252 -17.39 -44.67 -31.24
CA ASP D 252 -18.54 -44.02 -30.61
C ASP D 252 -18.22 -43.37 -29.26
N ALA D 253 -16.94 -43.09 -28.99
CA ALA D 253 -16.53 -42.63 -27.66
C ALA D 253 -15.28 -41.77 -27.67
N LYS D 254 -15.24 -40.76 -26.80
CA LYS D 254 -14.06 -39.90 -26.63
C LYS D 254 -13.78 -39.68 -25.16
N LEU D 255 -12.61 -39.13 -24.86
CA LEU D 255 -12.26 -38.73 -23.51
C LEU D 255 -13.06 -37.49 -23.12
N GLU D 256 -13.62 -37.49 -21.92
CA GLU D 256 -14.37 -36.33 -21.42
C GLU D 256 -13.42 -35.14 -21.36
N GLY D 257 -13.93 -33.96 -21.71
CA GLY D 257 -13.09 -32.77 -21.83
C GLY D 257 -12.60 -32.21 -20.51
N SER D 258 -12.22 -33.08 -19.59
CA SER D 258 -11.89 -32.70 -18.23
C SER D 258 -10.49 -32.12 -18.17
N LYS D 259 -10.23 -31.36 -17.12
CA LYS D 259 -8.90 -30.85 -16.83
C LYS D 259 -7.91 -32.01 -16.70
N GLU D 260 -8.31 -33.05 -15.99
CA GLU D 260 -7.45 -34.22 -15.76
C GLU D 260 -7.02 -34.85 -17.07
N ASN D 261 -7.99 -35.20 -17.91
CA ASN D 261 -7.71 -35.77 -19.22
C ASN D 261 -6.80 -34.89 -20.07
N PHE D 262 -7.01 -33.58 -20.03
CA PHE D 262 -6.14 -32.65 -20.75
C PHE D 262 -4.72 -32.71 -20.22
N THR D 263 -4.57 -32.54 -18.91
CA THR D 263 -3.25 -32.55 -18.29
C THR D 263 -2.55 -33.91 -18.31
N ARG D 264 -3.28 -34.99 -18.55
CA ARG D 264 -2.66 -36.31 -18.66
C ARG D 264 -2.17 -36.60 -20.09
N CYS D 265 -2.92 -36.14 -21.09
CA CYS D 265 -2.52 -36.29 -22.49
C CYS D 265 -1.40 -35.31 -22.87
N LEU D 266 -1.67 -34.01 -22.74
CA LEU D 266 -0.70 -32.97 -23.09
C LEU D 266 0.63 -33.07 -22.34
N SER D 267 0.61 -33.62 -21.12
CA SER D 267 1.85 -33.85 -20.36
C SER D 267 2.69 -34.95 -20.99
N ALA D 268 2.02 -35.96 -21.55
CA ALA D 268 2.70 -37.06 -22.25
C ALA D 268 3.23 -36.58 -23.58
N LEU D 269 2.38 -35.93 -24.37
CA LEU D 269 2.72 -35.55 -25.74
C LEU D 269 3.78 -34.44 -25.85
N LEU D 270 3.91 -33.63 -24.80
CA LEU D 270 4.78 -32.45 -24.84
C LEU D 270 5.82 -32.37 -23.72
N GLY D 271 5.56 -33.00 -22.58
CA GLY D 271 6.35 -32.82 -21.37
C GLY D 271 7.84 -33.00 -21.60
N HIS D 272 8.70 -32.21 -20.95
CA HIS D 272 8.30 -31.24 -19.90
C HIS D 272 7.85 -29.87 -20.41
N ASN D 273 7.85 -29.67 -21.74
CA ASN D 273 7.39 -28.41 -22.33
C ASN D 273 5.90 -28.13 -22.08
N TYR D 274 5.14 -29.20 -21.87
CA TYR D 274 3.74 -29.15 -21.45
C TYR D 274 3.36 -27.93 -20.61
N LYS D 275 4.18 -27.61 -19.61
CA LYS D 275 3.91 -26.48 -18.69
C LYS D 275 3.76 -25.14 -19.41
N LYS D 276 4.60 -24.90 -20.42
CA LYS D 276 4.59 -23.63 -21.16
C LYS D 276 3.28 -23.41 -21.91
N LEU D 277 2.73 -24.48 -22.47
CA LEU D 277 1.47 -24.42 -23.21
C LEU D 277 0.35 -23.90 -22.32
N LEU D 278 0.22 -24.48 -21.13
CA LEU D 278 -0.85 -24.09 -20.21
C LEU D 278 -0.75 -22.61 -19.83
N ASN D 279 0.47 -22.14 -19.61
CA ASN D 279 0.70 -20.72 -19.34
C ASN D 279 0.28 -19.81 -20.50
N ALA D 280 0.45 -20.31 -21.73
CA ALA D 280 0.00 -19.60 -22.92
C ALA D 280 -1.52 -19.69 -23.05
N LEU D 281 -2.07 -20.89 -22.89
CA LEU D 281 -3.51 -21.13 -22.90
C LEU D 281 -4.23 -20.26 -21.86
N ASP D 282 -3.61 -20.11 -20.70
CA ASP D 282 -4.15 -19.25 -19.64
C ASP D 282 -4.24 -17.79 -20.10
N ASP D 283 -3.20 -17.32 -20.79
CA ASP D 283 -3.17 -15.96 -21.34
C ASP D 283 -4.19 -15.74 -22.46
N GLN D 284 -4.45 -16.78 -23.26
CA GLN D 284 -5.49 -16.70 -24.27
C GLN D 284 -6.85 -16.51 -23.61
N GLU D 285 -7.19 -17.41 -22.70
CA GLU D 285 -8.44 -17.33 -21.95
C GLU D 285 -8.52 -16.02 -21.18
N ALA D 286 -7.39 -15.57 -20.66
CA ALA D 286 -7.32 -14.28 -19.96
C ALA D 286 -7.72 -13.10 -20.86
N GLY D 287 -7.67 -13.30 -22.18
CA GLY D 287 -8.19 -12.33 -23.14
C GLY D 287 -9.70 -12.28 -23.23
N TYR D 288 -10.39 -13.27 -22.64
CA TYR D 288 -11.86 -13.34 -22.66
C TYR D 288 -12.50 -13.33 -21.28
N ARG D 289 -11.74 -13.66 -20.24
CA ARG D 289 -12.27 -13.79 -18.89
C ARG D 289 -11.94 -12.58 -18.00
N THR D 290 -10.82 -11.93 -18.26
CA THR D 290 -10.36 -10.81 -17.42
C THR D 290 -11.33 -9.63 -17.50
N GLY D 291 -11.32 -8.79 -16.46
CA GLY D 291 -12.26 -7.66 -16.34
C GLY D 291 -12.50 -6.87 -17.61
N PRO D 292 -11.48 -6.13 -18.09
CA PRO D 292 -11.66 -5.30 -19.28
C PRO D 292 -11.99 -6.13 -20.51
N ARG D 293 -11.20 -7.19 -20.72
CA ARG D 293 -11.41 -8.11 -21.84
C ARG D 293 -12.83 -8.68 -21.85
N PHE D 294 -13.36 -8.99 -20.66
CA PHE D 294 -14.71 -9.51 -20.51
C PHE D 294 -15.74 -8.42 -20.84
N ASP D 295 -15.52 -7.22 -20.29
CA ASP D 295 -16.43 -6.10 -20.51
C ASP D 295 -16.61 -5.79 -22.00
N ASP D 296 -15.52 -5.87 -22.77
CA ASP D 296 -15.57 -5.58 -24.19
C ASP D 296 -16.36 -6.65 -24.96
N ALA D 297 -16.14 -7.92 -24.61
CA ALA D 297 -16.91 -9.02 -25.20
C ALA D 297 -18.41 -8.86 -24.94
N VAL D 298 -18.77 -8.36 -23.76
CA VAL D 298 -20.15 -8.05 -23.44
C VAL D 298 -20.62 -6.90 -24.33
N ARG D 299 -19.78 -5.86 -24.44
CA ARG D 299 -20.08 -4.70 -25.29
C ARG D 299 -20.32 -5.13 -26.74
N ARG D 300 -19.46 -6.00 -27.27
CA ARG D 300 -19.61 -6.48 -28.64
C ARG D 300 -20.81 -7.41 -28.80
N MET D 301 -21.13 -8.15 -27.74
CA MET D 301 -22.28 -9.03 -27.77
C MET D 301 -23.59 -8.23 -27.86
N GLY D 302 -23.68 -7.17 -27.07
CA GLY D 302 -24.87 -6.32 -27.06
C GLY D 302 -25.09 -5.65 -28.40
N GLU D 303 -24.02 -5.13 -28.99
CA GLU D 303 -24.08 -4.49 -30.30
C GLU D 303 -24.56 -5.47 -31.36
N PHE D 304 -24.06 -6.69 -31.31
CA PHE D 304 -24.49 -7.74 -32.22
C PHE D 304 -25.98 -8.04 -32.03
N LEU D 305 -26.42 -8.14 -30.78
CA LEU D 305 -27.83 -8.37 -30.47
C LEU D 305 -28.73 -7.14 -30.72
N ALA D 306 -28.13 -5.95 -30.84
CA ALA D 306 -28.88 -4.73 -31.12
C ALA D 306 -28.99 -4.42 -32.61
N LYS D 307 -28.11 -5.01 -33.43
CA LYS D 307 -28.06 -4.76 -34.88
C LYS D 307 -29.44 -4.72 -35.56
N LYS D 308 -30.28 -5.71 -35.24
CA LYS D 308 -31.64 -5.79 -35.76
C LYS D 308 -32.61 -6.01 -34.62
N PRO D 309 -33.90 -5.67 -34.83
CA PRO D 309 -34.91 -6.01 -33.82
C PRO D 309 -35.06 -7.53 -33.67
N ILE D 310 -35.33 -7.98 -32.45
CA ILE D 310 -35.59 -9.39 -32.17
C ILE D 310 -37.08 -9.66 -32.37
N ARG D 311 -37.39 -10.63 -33.23
CA ARG D 311 -38.78 -10.95 -33.58
C ARG D 311 -39.42 -11.81 -32.50
N LEU D 312 -40.35 -11.23 -31.75
CA LEU D 312 -41.16 -12.00 -30.80
C LEU D 312 -42.28 -12.70 -31.56
N ALA D 313 -42.85 -11.98 -32.52
CA ALA D 313 -43.78 -12.56 -33.48
C ALA D 313 -43.29 -12.15 -34.87
N ASP D 314 -44.10 -12.42 -35.89
CA ASP D 314 -43.81 -11.93 -37.25
C ASP D 314 -44.00 -10.41 -37.31
N ASN D 315 -44.96 -9.92 -36.52
CA ASN D 315 -45.39 -8.52 -36.54
C ASN D 315 -45.08 -7.76 -35.23
N ILE D 316 -44.33 -8.40 -34.32
CA ILE D 316 -44.01 -7.80 -33.03
C ILE D 316 -42.50 -7.91 -32.80
N ASN D 317 -41.89 -6.78 -32.44
CA ASN D 317 -40.45 -6.71 -32.25
C ASN D 317 -40.05 -6.30 -30.84
N ALA D 318 -38.83 -6.65 -30.49
CA ALA D 318 -38.20 -6.20 -29.26
C ALA D 318 -36.78 -5.76 -29.60
N GLN D 319 -36.28 -4.75 -28.89
CA GLN D 319 -34.99 -4.13 -29.20
C GLN D 319 -34.10 -4.16 -27.97
N VAL D 320 -32.85 -4.59 -28.15
CA VAL D 320 -31.85 -4.51 -27.09
C VAL D 320 -31.42 -3.06 -26.93
N GLY D 321 -31.39 -2.59 -25.69
CA GLY D 321 -31.04 -1.20 -25.39
C GLY D 321 -29.71 -1.06 -24.67
N ASP D 322 -29.72 -0.25 -23.62
CA ASP D 322 -28.49 0.10 -22.88
C ASP D 322 -28.05 -0.98 -21.88
N ARG D 323 -26.76 -0.95 -21.59
CA ARG D 323 -26.16 -1.78 -20.55
C ARG D 323 -26.80 -1.47 -19.21
N ILE D 324 -27.26 -2.52 -18.52
CA ILE D 324 -27.88 -2.37 -17.21
C ILE D 324 -26.81 -1.95 -16.19
N VAL D 325 -27.15 -0.94 -15.39
CA VAL D 325 -26.25 -0.37 -14.40
C VAL D 325 -26.94 -0.38 -13.03
N PHE D 326 -26.14 -0.56 -11.98
CA PHE D 326 -26.62 -0.44 -10.61
C PHE D 326 -26.05 0.83 -10.02
N SER D 327 -26.92 1.80 -9.74
CA SER D 327 -26.49 3.08 -9.17
C SER D 327 -27.60 3.74 -8.34
N ASN D 328 -27.23 4.80 -7.62
CA ASN D 328 -28.18 5.53 -6.76
C ASN D 328 -28.64 6.85 -7.36
N GLU D 329 -28.31 7.10 -8.62
CA GLU D 329 -28.63 8.36 -9.28
C GLU D 329 -30.10 8.41 -9.69
N GLY D 330 -30.75 9.52 -9.38
CA GLY D 330 -32.17 9.72 -9.69
C GLY D 330 -33.06 8.97 -8.72
N GLN D 331 -34.11 8.34 -9.26
CA GLN D 331 -35.04 7.55 -8.46
C GLN D 331 -34.43 6.22 -7.98
N ALA D 332 -33.43 5.71 -8.70
CA ALA D 332 -32.79 4.44 -8.36
C ALA D 332 -31.99 4.50 -7.06
N ARG D 333 -31.86 3.34 -6.41
CA ARG D 333 -31.12 3.23 -5.15
C ARG D 333 -30.54 1.81 -5.01
N ASN D 334 -29.71 1.45 -5.99
CA ASN D 334 -29.34 0.04 -6.23
C ASN D 334 -27.89 -0.34 -5.91
N VAL D 335 -27.26 0.35 -4.98
CA VAL D 335 -25.89 -0.01 -4.60
C VAL D 335 -25.48 0.62 -3.28
N ARG D 336 -24.68 -0.11 -2.52
CA ARG D 336 -23.99 0.45 -1.36
C ARG D 336 -22.77 -0.40 -1.00
N LEU D 337 -21.87 0.20 -0.23
CA LEU D 337 -20.64 -0.47 0.18
C LEU D 337 -20.70 -0.77 1.68
N ALA D 338 -20.61 -2.05 2.02
CA ALA D 338 -20.52 -2.47 3.41
C ALA D 338 -19.14 -2.09 3.93
N PRO D 339 -19.06 -1.62 5.19
CA PRO D 339 -17.73 -1.33 5.75
C PRO D 339 -16.92 -2.61 5.88
N LYS D 340 -15.59 -2.50 5.74
CA LYS D 340 -14.70 -3.66 5.80
C LYS D 340 -14.86 -4.40 7.15
N VAL D 341 -14.85 -5.73 7.09
CA VAL D 341 -15.04 -6.56 8.28
C VAL D 341 -13.87 -6.36 9.25
N GLU D 342 -14.19 -6.27 10.54
CA GLU D 342 -13.19 -6.17 11.60
C GLU D 342 -13.03 -7.52 12.28
N TYR D 343 -11.87 -8.14 12.07
CA TYR D 343 -11.48 -9.33 12.82
C TYR D 343 -11.16 -8.90 14.25
N VAL D 344 -11.96 -9.37 15.21
CA VAL D 344 -11.86 -8.89 16.61
C VAL D 344 -11.24 -9.96 17.53
N PHE D 345 -10.44 -9.52 18.49
CA PHE D 345 -9.64 -10.41 19.33
C PHE D 345 -9.80 -10.19 20.85
N ASP D 346 -10.91 -9.60 21.28
CA ASP D 346 -11.23 -9.47 22.72
C ASP D 346 -12.71 -9.14 22.94
N ARG D 347 -13.24 -9.56 24.08
CA ARG D 347 -14.68 -9.46 24.38
C ARG D 347 -15.23 -8.02 24.42
N THR D 348 -14.34 -7.04 24.61
CA THR D 348 -14.72 -5.63 24.57
C THR D 348 -14.76 -5.08 23.15
N GLY D 349 -14.01 -5.69 22.24
CA GLY D 349 -13.94 -5.24 20.84
C GLY D 349 -12.83 -4.25 20.57
N ALA D 350 -12.07 -3.89 21.61
CA ALA D 350 -10.99 -2.88 21.50
C ALA D 350 -9.76 -3.40 20.74
N LYS D 351 -9.59 -4.71 20.71
CA LYS D 351 -8.54 -5.36 19.92
C LYS D 351 -9.16 -5.88 18.62
N SER D 352 -8.72 -5.34 17.48
CA SER D 352 -9.21 -5.79 16.18
C SER D 352 -8.25 -5.47 15.04
N ALA D 353 -8.56 -6.01 13.86
CA ALA D 353 -7.80 -5.73 12.65
C ALA D 353 -8.65 -5.98 11.41
N GLU D 354 -8.11 -5.58 10.26
CA GLU D 354 -8.78 -5.80 8.98
C GLU D 354 -8.41 -7.15 8.39
N TYR D 355 -7.41 -7.80 8.97
CA TYR D 355 -6.89 -9.08 8.46
C TYR D 355 -6.57 -10.02 9.62
N ALA D 356 -6.88 -11.30 9.43
CA ALA D 356 -6.82 -12.30 10.49
C ALA D 356 -5.41 -12.49 11.04
N TRP D 357 -4.47 -12.77 10.16
CA TRP D 357 -3.12 -13.12 10.58
C TRP D 357 -2.38 -11.95 11.25
N ARG D 358 -2.50 -10.74 10.68
CA ARG D 358 -1.87 -9.57 11.27
C ARG D 358 -2.39 -9.35 12.69
N GLY D 359 -3.70 -9.44 12.86
CA GLY D 359 -4.32 -9.29 14.17
C GLY D 359 -3.95 -10.40 15.13
N LEU D 360 -3.90 -11.63 14.63
CA LEU D 360 -3.61 -12.79 15.47
C LEU D 360 -2.14 -12.76 15.91
N SER D 361 -1.26 -12.39 15.00
CA SER D 361 0.17 -12.19 15.32
C SER D 361 0.39 -11.09 16.35
N GLN D 362 -0.44 -10.04 16.32
CA GLN D 362 -0.34 -8.94 17.27
C GLN D 362 -0.95 -9.30 18.62
N PHE D 363 -2.25 -9.57 18.64
CA PHE D 363 -2.98 -9.72 19.90
C PHE D 363 -3.05 -11.14 20.48
N GLY D 364 -2.84 -12.15 19.63
CA GLY D 364 -3.11 -13.54 20.02
C GLY D 364 -4.61 -13.84 19.99
N PRO D 365 -5.00 -15.08 20.34
CA PRO D 365 -6.38 -15.50 20.14
C PRO D 365 -7.43 -14.75 20.97
N PHE D 366 -8.64 -14.69 20.43
CA PHE D 366 -9.79 -14.08 21.08
C PHE D 366 -10.04 -14.63 22.49
N ASP D 367 -9.91 -15.94 22.66
CA ASP D 367 -10.21 -16.58 23.94
C ASP D 367 -8.98 -16.85 24.84
N ARG D 368 -7.86 -16.19 24.54
CA ARG D 368 -6.59 -16.42 25.25
C ARG D 368 -6.72 -16.51 26.77
N PRO D 369 -7.35 -15.52 27.42
CA PRO D 369 -7.48 -15.53 28.89
C PRO D 369 -8.20 -16.73 29.49
N SER D 370 -9.13 -17.32 28.73
CA SER D 370 -10.00 -18.38 29.22
C SER D 370 -9.68 -19.78 28.67
N PHE D 371 -8.81 -19.85 27.66
CA PHE D 371 -8.53 -21.12 26.98
C PHE D 371 -8.00 -22.16 27.98
N ALA D 372 -8.70 -23.30 28.05
CA ALA D 372 -8.53 -24.25 29.15
C ALA D 372 -7.61 -25.43 28.85
N ASN D 373 -6.72 -25.30 27.87
CA ASN D 373 -5.78 -26.39 27.56
C ASN D 373 -4.48 -25.84 26.97
N ARG D 374 -3.64 -25.32 27.86
CA ARG D 374 -2.38 -24.68 27.47
C ARG D 374 -1.17 -25.61 27.52
N SER D 375 -1.41 -26.90 27.78
CA SER D 375 -0.37 -27.92 27.68
C SER D 375 -0.87 -29.15 26.95
N PRO D 376 -1.23 -29.00 25.65
CA PRO D 376 -1.79 -30.14 24.93
C PRO D 376 -0.76 -31.22 24.62
N ARG D 377 -1.13 -32.47 24.84
CA ARG D 377 -0.38 -33.63 24.36
C ARG D 377 -0.97 -34.02 23.01
N ILE D 378 -0.13 -34.03 21.98
CA ILE D 378 -0.58 -34.29 20.62
C ILE D 378 0.05 -35.57 20.06
N LEU D 379 -0.80 -36.54 19.72
CA LEU D 379 -0.37 -37.76 19.07
C LEU D 379 0.11 -37.39 17.67
N VAL D 380 1.22 -37.98 17.23
CA VAL D 380 1.66 -37.80 15.85
C VAL D 380 1.85 -39.18 15.25
N VAL D 381 0.99 -39.51 14.28
CA VAL D 381 0.99 -40.80 13.63
C VAL D 381 1.58 -40.55 12.24
N TYR D 382 2.58 -41.34 11.87
CA TYR D 382 3.34 -41.09 10.64
C TYR D 382 4.08 -42.35 10.26
N PRO D 383 4.32 -42.55 8.94
CA PRO D 383 5.09 -43.74 8.56
C PRO D 383 6.51 -43.61 9.07
N SER D 384 7.09 -44.72 9.53
CA SER D 384 8.41 -44.70 10.16
C SER D 384 9.49 -44.13 9.23
N SER D 385 9.43 -44.51 7.95
CA SER D 385 10.37 -44.04 6.95
C SER D 385 10.36 -42.52 6.72
N THR D 386 9.32 -41.82 7.16
CA THR D 386 9.25 -40.35 7.07
C THR D 386 9.76 -39.65 8.33
N GLN D 387 10.31 -40.42 9.27
CA GLN D 387 10.77 -39.89 10.56
C GLN D 387 11.37 -38.49 10.49
N GLY D 388 12.45 -38.34 9.73
CA GLY D 388 13.23 -37.11 9.74
C GLY D 388 12.46 -35.92 9.20
N LYS D 389 11.79 -36.13 8.08
CA LYS D 389 10.92 -35.12 7.49
C LYS D 389 9.87 -34.64 8.48
N VAL D 390 9.27 -35.57 9.22
CA VAL D 390 8.23 -35.22 10.20
C VAL D 390 8.78 -34.36 11.36
N GLU D 391 9.96 -34.69 11.85
CA GLU D 391 10.56 -33.95 12.97
C GLU D 391 10.82 -32.47 12.65
N ASN D 392 11.14 -32.17 11.40
CA ASN D 392 11.32 -30.79 10.96
C ASN D 392 9.99 -30.02 10.92
N PHE D 393 8.98 -30.67 10.33
CA PHE D 393 7.64 -30.09 10.27
C PHE D 393 7.13 -29.76 11.68
N LEU D 394 7.27 -30.70 12.60
CA LEU D 394 6.83 -30.47 13.98
C LEU D 394 7.61 -29.30 14.58
N SER D 395 8.92 -29.30 14.34
CA SER D 395 9.81 -28.25 14.85
C SER D 395 9.40 -26.87 14.33
N ALA D 396 9.23 -26.75 13.02
CA ALA D 396 8.77 -25.51 12.43
C ALA D 396 7.38 -25.13 12.98
N PHE D 397 6.45 -26.09 12.98
CA PHE D 397 5.07 -25.84 13.43
C PHE D 397 5.01 -25.32 14.86
N ARG D 398 5.68 -26.00 15.78
CA ARG D 398 5.61 -25.62 17.20
C ARG D 398 6.56 -24.48 17.55
N ASP D 399 7.83 -24.62 17.18
CA ASP D 399 8.87 -23.67 17.60
C ASP D 399 8.96 -22.43 16.71
N GLY D 400 8.58 -22.58 15.44
CA GLY D 400 8.60 -21.47 14.50
C GLY D 400 9.72 -21.59 13.50
N MET D 401 9.60 -20.86 12.39
CA MET D 401 10.61 -20.87 11.33
C MET D 401 11.64 -19.73 11.49
N GLY D 402 11.45 -18.87 12.49
CA GLY D 402 12.36 -17.75 12.73
C GLY D 402 12.04 -16.54 11.89
N SER D 403 12.78 -15.45 12.12
CA SER D 403 12.52 -14.15 11.48
C SER D 403 12.61 -14.17 9.95
N ASN D 404 13.46 -15.03 9.42
CA ASN D 404 13.68 -15.10 7.96
C ASN D 404 12.41 -15.34 7.16
N TYR D 405 11.41 -15.97 7.79
CA TYR D 405 10.08 -16.11 7.22
C TYR D 405 9.09 -15.47 8.19
N SER D 406 8.70 -14.23 7.88
CA SER D 406 7.84 -13.45 8.78
C SER D 406 6.42 -13.99 8.90
N GLY D 407 5.99 -14.76 7.90
CA GLY D 407 4.66 -15.38 7.90
C GLY D 407 4.43 -16.45 8.95
N PHE D 408 5.49 -17.02 9.51
CA PHE D 408 5.37 -17.96 10.62
C PHE D 408 6.69 -18.03 11.40
N SER D 409 6.85 -17.14 12.37
CA SER D 409 8.12 -16.97 13.09
C SER D 409 8.05 -17.35 14.57
N LYS D 410 6.90 -17.12 15.19
CA LYS D 410 6.72 -17.31 16.63
C LYS D 410 6.50 -18.78 16.97
N GLY D 411 5.71 -19.46 16.14
CA GLY D 411 5.37 -20.87 16.39
C GLY D 411 4.07 -20.98 17.17
N PHE D 412 3.44 -22.15 17.05
CA PHE D 412 2.12 -22.42 17.66
C PHE D 412 2.01 -21.93 19.10
N VAL D 413 3.02 -22.25 19.90
CA VAL D 413 2.98 -22.02 21.34
C VAL D 413 2.98 -20.54 21.68
N ASP D 414 3.92 -19.81 21.09
CA ASP D 414 4.00 -18.37 21.31
C ASP D 414 2.88 -17.64 20.57
N LEU D 415 2.50 -18.15 19.41
CA LEU D 415 1.40 -17.60 18.61
C LEU D 415 0.08 -17.62 19.39
N MET D 416 -0.20 -18.74 20.04
CA MET D 416 -1.49 -18.95 20.70
C MET D 416 -1.42 -18.73 22.21
N GLY D 417 -0.27 -18.29 22.71
CA GLY D 417 -0.11 -17.97 24.13
C GLY D 417 -0.20 -19.18 25.05
N LEU D 418 0.35 -20.31 24.60
CA LEU D 418 0.31 -21.56 25.35
C LEU D 418 1.56 -21.70 26.22
N THR D 419 1.57 -22.70 27.11
CA THR D 419 2.73 -22.99 27.96
C THR D 419 3.73 -23.90 27.23
N LYS D 420 3.23 -25.04 26.74
CA LYS D 420 4.00 -25.86 25.79
C LYS D 420 3.10 -26.84 25.04
N VAL D 421 3.72 -27.58 24.12
CA VAL D 421 3.04 -28.68 23.43
C VAL D 421 3.94 -29.90 23.49
N GLU D 422 3.45 -30.95 24.15
CA GLU D 422 4.12 -32.25 24.15
C GLU D 422 3.60 -33.07 22.97
N PHE D 423 4.51 -33.61 22.17
CA PHE D 423 4.19 -34.56 21.11
C PHE D 423 4.44 -35.99 21.59
N VAL D 424 3.54 -36.90 21.25
CA VAL D 424 3.73 -38.32 21.50
C VAL D 424 3.84 -39.01 20.14
N MET D 425 5.01 -39.59 19.83
CA MET D 425 5.30 -40.11 18.49
C MET D 425 4.79 -41.54 18.28
N CYS D 426 4.01 -41.74 17.24
CA CYS D 426 3.43 -43.03 16.95
C CYS D 426 3.78 -43.45 15.52
N PRO D 427 5.04 -43.86 15.31
CA PRO D 427 5.45 -44.30 13.98
C PRO D 427 4.75 -45.59 13.57
N VAL D 428 4.48 -45.74 12.27
CA VAL D 428 3.82 -46.93 11.74
C VAL D 428 4.74 -47.64 10.76
N GLU D 429 4.85 -48.95 10.88
CA GLU D 429 5.62 -49.75 9.93
C GLU D 429 4.79 -49.95 8.65
N VAL D 430 4.79 -48.96 7.77
CA VAL D 430 4.02 -49.03 6.54
C VAL D 430 4.72 -48.35 5.35
N SER D 431 4.59 -48.96 4.18
CA SER D 431 5.07 -48.39 2.93
C SER D 431 3.89 -47.91 2.08
N SER D 432 4.17 -47.00 1.14
CA SER D 432 3.15 -46.47 0.22
C SER D 432 2.68 -47.46 -0.86
N ALA D 433 3.42 -48.54 -1.07
CA ALA D 433 3.00 -49.58 -2.02
C ALA D 433 1.84 -50.41 -1.49
N ASP D 434 1.64 -50.40 -0.17
CA ASP D 434 0.53 -51.12 0.45
C ASP D 434 -0.78 -50.38 0.26
N ARG D 435 -1.72 -50.96 -0.44
CA ARG D 435 -2.96 -50.29 -0.64
C ARG D 435 -4.13 -51.09 -0.14
N ASN D 436 -3.90 -52.28 0.32
CA ASN D 436 -5.00 -53.09 0.84
C ASN D 436 -5.01 -53.28 2.36
N GLY D 437 -3.92 -52.95 3.03
CA GLY D 437 -3.82 -53.11 4.48
C GLY D 437 -3.04 -52.01 5.19
N ALA D 438 -2.98 -50.83 4.58
CA ALA D 438 -2.31 -49.70 5.19
C ALA D 438 -3.17 -49.10 6.30
N HIS D 439 -4.48 -49.13 6.11
CA HIS D 439 -5.40 -48.55 7.08
C HIS D 439 -5.35 -49.26 8.44
N THR D 440 -5.24 -50.59 8.41
CA THR D 440 -5.21 -51.38 9.64
C THR D 440 -3.90 -51.22 10.38
N LYS D 441 -2.81 -51.05 9.63
CA LYS D 441 -1.50 -50.82 10.22
C LYS D 441 -1.42 -49.48 10.94
N TYR D 442 -2.06 -48.46 10.37
CA TYR D 442 -2.21 -47.17 11.05
C TYR D 442 -3.00 -47.31 12.36
N ASN D 443 -4.19 -47.89 12.28
CA ASN D 443 -5.05 -48.05 13.46
C ASN D 443 -4.43 -48.94 14.54
N SER D 444 -3.82 -50.05 14.13
CA SER D 444 -3.17 -50.94 15.09
C SER D 444 -2.10 -50.21 15.87
N ALA D 445 -1.27 -49.44 15.17
CA ALA D 445 -0.22 -48.65 15.81
C ALA D 445 -0.77 -47.60 16.75
N ILE D 446 -1.89 -46.97 16.41
CA ILE D 446 -2.58 -46.02 17.31
C ILE D 446 -3.10 -46.73 18.55
N GLU D 447 -3.80 -47.84 18.34
CA GLU D 447 -4.36 -48.65 19.42
C GLU D 447 -3.30 -48.99 20.47
N ASP D 448 -2.19 -49.55 20.03
CA ASP D 448 -1.13 -50.01 20.96
C ASP D 448 -0.48 -48.82 21.70
N LYS D 449 -0.40 -47.69 21.03
CA LYS D 449 0.22 -46.50 21.57
C LYS D 449 -0.64 -45.79 22.62
N LEU D 450 -1.95 -45.72 22.39
CA LEU D 450 -2.83 -45.07 23.36
C LEU D 450 -3.05 -45.94 24.61
N ALA D 451 -3.10 -47.26 24.42
CA ALA D 451 -3.36 -48.19 25.52
C ALA D 451 -2.49 -47.88 26.72
N GLY D 452 -1.18 -47.81 26.50
CA GLY D 452 -0.25 -47.38 27.54
C GLY D 452 0.39 -46.07 27.16
N ALA D 453 -0.17 -44.96 27.65
CA ALA D 453 0.33 -43.62 27.29
C ALA D 453 -0.37 -42.44 27.97
N GLY D 454 -1.64 -42.60 28.36
CA GLY D 454 -2.41 -41.52 28.99
C GLY D 454 -3.18 -40.69 27.96
N GLU D 455 -4.06 -39.81 28.45
CA GLU D 455 -4.97 -39.08 27.58
C GLU D 455 -4.22 -38.07 26.69
N VAL D 456 -4.54 -38.10 25.39
CA VAL D 456 -4.10 -37.07 24.46
C VAL D 456 -5.28 -36.16 24.15
N HIS D 457 -4.97 -34.94 23.70
CA HIS D 457 -6.00 -33.94 23.45
C HIS D 457 -6.26 -33.72 21.97
N ALA D 458 -5.23 -33.90 21.15
CA ALA D 458 -5.39 -33.83 19.70
C ALA D 458 -4.42 -34.79 19.01
N GLY D 459 -4.58 -34.92 17.69
CA GLY D 459 -3.76 -35.82 16.89
C GLY D 459 -3.32 -35.19 15.58
N ILE D 460 -2.14 -35.58 15.09
CA ILE D 460 -1.67 -35.22 13.76
C ILE D 460 -1.36 -36.51 13.01
N VAL D 461 -1.90 -36.65 11.82
CA VAL D 461 -1.77 -37.89 11.04
C VAL D 461 -1.17 -37.61 9.66
N VAL D 462 0.03 -38.16 9.43
CA VAL D 462 0.77 -37.92 8.19
C VAL D 462 0.51 -39.08 7.25
N LEU D 463 0.07 -38.78 6.03
CA LEU D 463 -0.28 -39.80 5.04
C LEU D 463 0.65 -39.72 3.84
N PHE D 464 0.68 -40.80 3.06
CA PHE D 464 1.34 -40.81 1.77
C PHE D 464 0.33 -40.35 0.72
N GLU D 465 0.79 -39.62 -0.29
CA GLU D 465 -0.07 -39.18 -1.39
C GLU D 465 -0.74 -40.36 -2.12
N ASP D 466 -0.05 -41.49 -2.14
CA ASP D 466 -0.55 -42.71 -2.74
C ASP D 466 -1.71 -43.32 -1.93
N HIS D 467 -1.86 -42.89 -0.68
CA HIS D 467 -2.95 -43.36 0.19
C HIS D 467 -4.09 -42.36 0.37
N ALA D 468 -3.84 -41.09 0.05
CA ALA D 468 -4.82 -40.03 0.27
C ALA D 468 -6.19 -40.33 -0.32
N ARG D 469 -6.23 -40.70 -1.60
CA ARG D 469 -7.50 -40.80 -2.33
C ARG D 469 -7.98 -42.24 -2.57
N LEU D 470 -7.51 -43.18 -1.76
CA LEU D 470 -7.99 -44.56 -1.84
C LEU D 470 -9.47 -44.64 -1.50
N PRO D 471 -10.14 -45.75 -1.87
CA PRO D 471 -11.52 -45.93 -1.42
C PRO D 471 -11.62 -46.02 0.10
N ASP D 472 -12.74 -45.55 0.64
CA ASP D 472 -12.91 -45.43 2.10
C ASP D 472 -12.83 -46.74 2.86
N ASP D 473 -13.07 -47.88 2.18
CA ASP D 473 -12.95 -49.19 2.83
C ASP D 473 -11.50 -49.49 3.26
N ARG D 474 -10.55 -48.84 2.59
CA ARG D 474 -9.13 -49.02 2.90
C ARG D 474 -8.35 -47.69 3.00
N ASN D 475 -9.07 -46.57 3.10
CA ASN D 475 -8.43 -45.27 3.13
C ASN D 475 -7.96 -44.90 4.55
N PRO D 476 -6.67 -44.59 4.72
CA PRO D 476 -6.16 -44.30 6.05
C PRO D 476 -6.55 -42.93 6.61
N TYR D 477 -6.91 -41.98 5.75
CA TYR D 477 -7.41 -40.69 6.21
C TYR D 477 -8.69 -40.90 7.00
N ILE D 478 -9.68 -41.52 6.36
CA ILE D 478 -10.99 -41.69 6.97
C ILE D 478 -10.91 -42.66 8.16
N HIS D 479 -10.12 -43.73 8.04
CA HIS D 479 -10.05 -44.75 9.09
C HIS D 479 -9.38 -44.27 10.39
N THR D 480 -8.32 -43.48 10.29
CA THR D 480 -7.72 -42.88 11.50
C THR D 480 -8.59 -41.75 12.06
N LYS D 481 -9.27 -41.03 11.17
CA LYS D 481 -10.22 -40.00 11.57
C LYS D 481 -11.36 -40.65 12.35
N SER D 482 -11.78 -41.83 11.92
CA SER D 482 -12.83 -42.56 12.61
C SER D 482 -12.36 -42.97 14.00
N LEU D 483 -11.25 -43.70 14.06
CA LEU D 483 -10.76 -44.25 15.32
C LEU D 483 -10.56 -43.16 16.36
N LEU D 484 -9.94 -42.06 15.96
CA LEU D 484 -9.61 -41.01 16.92
C LEU D 484 -10.81 -40.16 17.34
N LEU D 485 -11.72 -39.86 16.42
CA LEU D 485 -12.96 -39.15 16.78
C LEU D 485 -13.84 -40.01 17.70
N THR D 486 -13.93 -41.31 17.41
CA THR D 486 -14.62 -42.24 18.30
C THR D 486 -14.07 -42.13 19.73
N LEU D 487 -12.74 -42.06 19.87
CA LEU D 487 -12.11 -41.91 21.20
C LEU D 487 -12.12 -40.48 21.73
N GLY D 488 -12.75 -39.56 21.01
CA GLY D 488 -12.84 -38.17 21.45
C GLY D 488 -11.56 -37.39 21.26
N VAL D 489 -10.80 -37.73 20.22
CA VAL D 489 -9.53 -37.05 19.92
C VAL D 489 -9.58 -36.42 18.53
N PRO D 490 -9.54 -35.08 18.46
CA PRO D 490 -9.55 -34.43 17.14
C PRO D 490 -8.20 -34.55 16.42
N THR D 491 -8.25 -34.73 15.10
CA THR D 491 -7.04 -34.84 14.30
C THR D 491 -6.91 -33.72 13.26
N GLN D 492 -5.68 -33.23 13.13
CA GLN D 492 -5.27 -32.44 11.98
C GLN D 492 -4.38 -33.28 11.08
N GLN D 493 -4.94 -33.81 9.99
CA GLN D 493 -4.16 -34.66 9.10
C GLN D 493 -3.40 -33.82 8.08
N VAL D 494 -2.47 -34.47 7.39
CA VAL D 494 -1.55 -33.78 6.48
C VAL D 494 -0.85 -34.77 5.55
N ARG D 495 -0.79 -34.43 4.26
CA ARG D 495 -0.16 -35.31 3.27
C ARG D 495 1.35 -35.05 3.20
N MET D 496 2.12 -36.04 2.77
CA MET D 496 3.59 -35.93 2.76
C MET D 496 4.13 -34.83 1.84
N PRO D 497 3.53 -34.66 0.64
CA PRO D 497 3.92 -33.50 -0.19
C PRO D 497 3.79 -32.16 0.54
N THR D 498 2.80 -32.03 1.40
CA THR D 498 2.61 -30.83 2.22
C THR D 498 3.72 -30.68 3.25
N VAL D 499 4.23 -31.81 3.73
CA VAL D 499 5.32 -31.83 4.72
C VAL D 499 6.66 -31.44 4.08
N LEU D 500 6.82 -31.77 2.79
CA LEU D 500 8.07 -31.52 2.06
C LEU D 500 8.13 -30.15 1.36
N LEU D 501 7.24 -29.22 1.75
CA LEU D 501 7.12 -27.94 1.04
C LEU D 501 8.34 -27.04 1.23
N GLU D 502 8.64 -26.25 0.20
CA GLU D 502 9.68 -25.22 0.27
C GLU D 502 9.26 -24.15 1.28
N PRO D 503 10.19 -23.64 2.09
CA PRO D 503 9.93 -22.67 3.17
C PRO D 503 8.96 -21.54 2.82
N LYS D 504 8.94 -21.10 1.56
CA LYS D 504 8.02 -20.04 1.11
C LYS D 504 6.55 -20.44 1.30
N SER D 505 6.20 -21.66 0.90
CA SER D 505 4.84 -22.18 1.04
C SER D 505 4.52 -22.64 2.46
N LEU D 506 5.51 -23.25 3.11
CA LEU D 506 5.33 -23.86 4.42
C LEU D 506 4.83 -22.88 5.49
N GLN D 507 5.29 -21.64 5.43
CA GLN D 507 4.94 -20.65 6.46
C GLN D 507 3.43 -20.34 6.47
N TYR D 508 2.81 -20.29 5.29
CA TYR D 508 1.37 -20.04 5.20
C TYR D 508 0.59 -21.30 5.55
N THR D 509 1.09 -22.45 5.11
CA THR D 509 0.54 -23.74 5.49
C THR D 509 0.43 -23.87 7.00
N LEU D 510 1.44 -23.40 7.73
CA LEU D 510 1.46 -23.49 9.19
C LEU D 510 0.51 -22.52 9.87
N GLN D 511 0.21 -21.40 9.22
CA GLN D 511 -0.81 -20.47 9.73
C GLN D 511 -2.16 -21.18 9.78
N ASN D 512 -2.51 -21.82 8.65
CA ASN D 512 -3.79 -22.49 8.51
C ASN D 512 -3.85 -23.74 9.38
N PHE D 513 -2.75 -24.50 9.38
CA PHE D 513 -2.60 -25.65 10.25
C PHE D 513 -2.83 -25.27 11.72
N SER D 514 -2.29 -24.12 12.13
CA SER D 514 -2.34 -23.67 13.52
C SER D 514 -3.73 -23.22 13.95
N ILE D 515 -4.40 -22.46 13.10
CA ILE D 515 -5.72 -21.94 13.45
C ILE D 515 -6.69 -23.12 13.59
N ALA D 516 -6.71 -24.01 12.60
CA ALA D 516 -7.55 -25.20 12.64
C ALA D 516 -7.23 -26.09 13.85
N THR D 517 -5.95 -26.23 14.19
CA THR D 517 -5.52 -27.08 15.29
C THR D 517 -5.91 -26.46 16.63
N TYR D 518 -5.71 -25.15 16.75
CA TYR D 518 -6.13 -24.39 17.93
C TYR D 518 -7.63 -24.56 18.16
N ALA D 519 -8.41 -24.48 17.09
CA ALA D 519 -9.86 -24.62 17.13
C ALA D 519 -10.27 -26.05 17.48
N LYS D 520 -9.63 -27.00 16.81
CA LYS D 520 -9.80 -28.41 17.11
C LYS D 520 -9.56 -28.73 18.59
N LEU D 521 -8.69 -27.94 19.23
CA LEU D 521 -8.49 -28.02 20.68
C LEU D 521 -9.51 -27.21 21.51
N ASN D 522 -10.71 -26.97 20.97
CA ASN D 522 -11.75 -26.15 21.61
C ASN D 522 -11.46 -24.66 21.60
N GLY D 523 -10.59 -24.22 20.69
CA GLY D 523 -10.18 -22.83 20.63
C GLY D 523 -11.11 -21.93 19.85
N THR D 524 -11.03 -20.64 20.15
CA THR D 524 -11.74 -19.58 19.43
C THR D 524 -10.71 -18.49 19.04
N PRO D 525 -10.04 -18.65 17.88
CA PRO D 525 -8.94 -17.79 17.45
C PRO D 525 -9.33 -16.32 17.26
N TRP D 526 -10.38 -16.08 16.47
CA TRP D 526 -10.90 -14.72 16.30
C TRP D 526 -12.41 -14.70 16.10
N THR D 527 -12.98 -13.51 16.25
CA THR D 527 -14.39 -13.28 16.00
C THR D 527 -14.49 -12.17 14.96
N VAL D 528 -15.66 -11.97 14.39
CA VAL D 528 -15.95 -10.80 13.56
C VAL D 528 -16.91 -9.85 14.28
N ASN D 529 -16.81 -8.57 13.96
CA ASN D 529 -17.58 -7.50 14.60
C ASN D 529 -19.05 -7.45 14.22
N HIS D 530 -19.87 -6.95 15.14
CA HIS D 530 -21.20 -6.46 14.82
C HIS D 530 -21.75 -5.65 16.00
N ASP D 531 -22.34 -4.49 15.70
CA ASP D 531 -22.91 -3.64 16.74
C ASP D 531 -24.37 -4.04 16.96
N LYS D 532 -24.60 -4.83 18.00
CA LYS D 532 -25.95 -5.32 18.34
C LYS D 532 -27.00 -4.22 18.31
N ALA D 533 -27.87 -4.28 17.30
CA ALA D 533 -29.08 -3.48 17.27
C ALA D 533 -30.09 -4.10 18.24
N ILE D 534 -30.31 -5.40 18.07
CA ILE D 534 -31.26 -6.16 18.90
C ILE D 534 -30.60 -6.76 20.13
N ASN D 535 -31.42 -7.35 21.01
CA ASN D 535 -30.94 -7.94 22.26
C ASN D 535 -30.28 -9.31 22.10
N ASP D 536 -30.66 -10.05 21.05
CA ASP D 536 -30.06 -11.35 20.77
C ASP D 536 -30.35 -11.80 19.33
N GLU D 537 -29.33 -12.40 18.68
CA GLU D 537 -29.43 -12.82 17.29
C GLU D 537 -28.88 -14.23 17.09
N LEU D 538 -29.68 -15.10 16.49
CA LEU D 538 -29.29 -16.48 16.19
C LEU D 538 -29.27 -16.70 14.67
N VAL D 539 -28.20 -17.33 14.20
CA VAL D 539 -28.07 -17.67 12.78
C VAL D 539 -27.73 -19.14 12.64
N VAL D 540 -28.52 -19.85 11.83
CA VAL D 540 -28.30 -21.28 11.62
C VAL D 540 -28.18 -21.54 10.13
N GLY D 541 -27.25 -22.42 9.79
CA GLY D 541 -27.02 -22.78 8.40
C GLY D 541 -27.13 -24.27 8.19
N MET D 542 -27.64 -24.64 7.01
CA MET D 542 -27.74 -26.00 6.57
C MET D 542 -26.78 -26.20 5.40
N GLY D 543 -26.06 -27.31 5.44
CA GLY D 543 -25.14 -27.71 4.37
C GLY D 543 -25.47 -29.12 3.94
N LEU D 544 -25.31 -29.38 2.64
CA LEU D 544 -25.62 -30.67 2.05
C LEU D 544 -24.35 -31.37 1.58
N ALA D 545 -24.36 -32.71 1.65
CA ALA D 545 -23.31 -33.54 1.08
C ALA D 545 -23.98 -34.68 0.36
N GLU D 546 -23.42 -35.07 -0.79
CA GLU D 546 -23.92 -36.21 -1.56
C GLU D 546 -22.77 -37.19 -1.79
N LEU D 547 -22.83 -38.34 -1.11
CA LEU D 547 -21.73 -39.30 -1.20
C LEU D 547 -22.08 -40.48 -2.10
N SER D 548 -21.06 -40.97 -2.79
CA SER D 548 -21.14 -42.16 -3.61
C SER D 548 -19.73 -42.67 -3.86
N GLY D 549 -19.59 -43.98 -4.01
CA GLY D 549 -18.29 -44.58 -4.32
C GLY D 549 -17.78 -44.20 -5.70
N SER D 550 -18.70 -44.23 -6.67
CA SER D 550 -18.40 -43.84 -8.05
C SER D 550 -19.56 -43.05 -8.65
N ARG D 551 -19.38 -42.56 -9.88
CA ARG D 551 -20.43 -41.80 -10.57
C ARG D 551 -21.65 -42.66 -10.94
N THR D 552 -21.45 -43.96 -11.05
CA THR D 552 -22.54 -44.91 -11.34
C THR D 552 -23.49 -45.01 -10.16
N GLU D 553 -22.95 -45.39 -9.01
CA GLU D 553 -23.73 -45.68 -7.80
C GLU D 553 -24.62 -44.51 -7.37
N LYS D 554 -25.86 -44.81 -6.98
CA LYS D 554 -26.84 -43.79 -6.60
C LYS D 554 -26.40 -43.03 -5.34
N ARG D 555 -26.28 -41.71 -5.46
CA ARG D 555 -25.72 -40.88 -4.39
C ARG D 555 -26.62 -40.85 -3.15
N GLN D 556 -26.00 -40.68 -1.98
CA GLN D 556 -26.72 -40.65 -0.70
C GLN D 556 -26.53 -39.31 -0.01
N ARG D 557 -27.63 -38.74 0.49
CA ARG D 557 -27.60 -37.37 0.96
C ARG D 557 -27.56 -37.28 2.49
N PHE D 558 -26.69 -36.40 2.98
CA PHE D 558 -26.51 -36.15 4.41
C PHE D 558 -26.53 -34.65 4.65
N VAL D 559 -27.09 -34.23 5.78
CA VAL D 559 -27.19 -32.80 6.10
C VAL D 559 -26.52 -32.45 7.40
N GLY D 560 -25.90 -31.27 7.43
CA GLY D 560 -25.23 -30.75 8.61
C GLY D 560 -25.79 -29.40 8.98
N ILE D 561 -25.70 -29.06 10.26
CA ILE D 561 -26.30 -27.85 10.80
C ILE D 561 -25.28 -27.13 11.64
N THR D 562 -25.14 -25.82 11.42
CA THR D 562 -24.18 -24.99 12.16
C THR D 562 -24.88 -23.75 12.69
N THR D 563 -24.56 -23.37 13.92
CA THR D 563 -25.20 -22.22 14.56
C THR D 563 -24.19 -21.15 14.95
N VAL D 564 -24.48 -19.92 14.58
CA VAL D 564 -23.71 -18.76 15.01
C VAL D 564 -24.65 -17.82 15.74
N PHE D 565 -24.25 -17.37 16.93
CA PHE D 565 -25.06 -16.40 17.67
C PHE D 565 -24.29 -15.15 18.03
N ALA D 566 -25.04 -14.07 18.23
CA ALA D 566 -24.45 -12.76 18.50
C ALA D 566 -24.02 -12.66 19.97
N GLY D 567 -22.90 -11.96 20.19
CA GLY D 567 -22.42 -11.65 21.53
C GLY D 567 -22.15 -10.16 21.68
N ASP D 568 -21.51 -9.78 22.77
CA ASP D 568 -21.17 -8.37 23.00
C ASP D 568 -20.14 -7.93 21.96
N GLY D 569 -20.62 -7.37 20.86
CA GLY D 569 -19.77 -6.87 19.80
C GLY D 569 -19.03 -7.94 19.02
N SER D 570 -19.59 -9.16 18.99
CA SER D 570 -18.88 -10.31 18.45
C SER D 570 -19.80 -11.50 18.14
N TYR D 571 -19.72 -11.99 16.90
CA TYR D 571 -20.45 -13.20 16.48
C TYR D 571 -19.70 -14.46 16.95
N LEU D 572 -20.33 -15.26 17.81
CA LEU D 572 -19.70 -16.46 18.38
C LEU D 572 -20.27 -17.72 17.76
N LEU D 573 -19.40 -18.72 17.55
CA LEU D 573 -19.81 -20.00 17.01
C LEU D 573 -20.36 -20.86 18.14
N GLY D 574 -21.51 -21.50 17.89
CA GLY D 574 -22.20 -22.29 18.91
C GLY D 574 -22.06 -23.79 18.70
N ASN D 575 -23.08 -24.54 19.10
CA ASN D 575 -23.07 -26.00 18.93
C ASN D 575 -23.37 -26.42 17.49
N VAL D 576 -23.10 -27.69 17.20
CA VAL D 576 -23.09 -28.19 15.83
C VAL D 576 -23.66 -29.63 15.80
N SER D 577 -24.27 -30.00 14.69
CA SER D 577 -25.01 -31.26 14.62
C SER D 577 -24.13 -32.50 14.77
N LYS D 578 -24.76 -33.63 15.11
CA LYS D 578 -24.09 -34.94 15.09
C LYS D 578 -24.84 -35.98 14.24
N GLU D 579 -25.92 -35.57 13.57
CA GLU D 579 -26.78 -36.51 12.84
C GLU D 579 -26.61 -36.41 11.32
N CYS D 580 -27.01 -37.49 10.64
CA CYS D 580 -26.85 -37.63 9.19
C CYS D 580 -28.05 -37.03 8.46
N GLU D 581 -29.19 -37.71 8.53
CA GLU D 581 -30.47 -37.02 8.70
C GLU D 581 -31.21 -36.42 7.49
N TYR D 582 -30.85 -36.76 6.25
CA TYR D 582 -31.45 -36.04 5.11
C TYR D 582 -32.97 -36.08 5.10
N GLU D 583 -33.54 -37.27 5.16
CA GLU D 583 -35.00 -37.41 5.25
C GLU D 583 -35.46 -36.80 6.58
N GLY D 584 -36.27 -35.74 6.50
CA GLY D 584 -36.73 -35.03 7.69
C GLY D 584 -35.69 -34.07 8.23
N TYR D 585 -35.01 -33.36 7.33
CA TYR D 585 -34.10 -32.29 7.70
C TYR D 585 -34.90 -31.10 8.25
N SER D 586 -36.13 -30.96 7.77
CA SER D 586 -37.06 -29.94 8.25
C SER D 586 -37.28 -30.06 9.76
N ASP D 587 -37.59 -31.27 10.21
CA ASP D 587 -37.78 -31.56 11.63
C ASP D 587 -36.49 -31.27 12.41
N ALA D 588 -35.35 -31.57 11.79
CA ALA D 588 -34.04 -31.38 12.41
C ALA D 588 -33.71 -29.91 12.64
N ILE D 589 -34.09 -29.06 11.69
CA ILE D 589 -33.85 -27.62 11.79
C ILE D 589 -34.65 -27.02 12.95
N ARG D 590 -35.96 -27.28 12.97
CA ARG D 590 -36.79 -26.78 14.07
C ARG D 590 -36.37 -27.40 15.40
N GLU D 591 -36.03 -28.69 15.39
CA GLU D 591 -35.52 -29.38 16.58
C GLU D 591 -34.26 -28.67 17.08
N SER D 592 -33.41 -28.24 16.15
CA SER D 592 -32.21 -27.48 16.50
C SER D 592 -32.56 -26.08 17.02
N MET D 593 -33.24 -25.29 16.19
CA MET D 593 -33.55 -23.88 16.53
C MET D 593 -34.24 -23.71 17.88
N THR D 594 -35.28 -24.49 18.12
CA THR D 594 -36.11 -24.36 19.33
C THR D 594 -35.33 -24.68 20.60
N GLY D 595 -34.57 -25.76 20.56
CA GLY D 595 -33.74 -26.18 21.69
C GLY D 595 -32.73 -25.12 22.08
N ILE D 596 -32.18 -24.43 21.08
CA ILE D 596 -31.22 -23.37 21.32
C ILE D 596 -31.93 -22.14 21.90
N LEU D 597 -33.02 -21.73 21.26
CA LEU D 597 -33.80 -20.58 21.71
C LEU D 597 -34.25 -20.74 23.17
N ARG D 598 -34.76 -21.93 23.50
CA ARG D 598 -35.12 -22.26 24.89
C ARG D 598 -33.93 -22.02 25.83
N GLU D 599 -32.74 -22.45 25.40
CA GLU D 599 -31.51 -22.26 26.19
C GLU D 599 -31.02 -20.81 26.20
N LEU D 600 -31.34 -20.05 25.15
CA LEU D 600 -30.91 -18.65 25.03
C LEU D 600 -31.71 -17.68 25.91
N LYS D 601 -32.98 -17.99 26.15
CA LYS D 601 -33.84 -17.15 27.00
C LYS D 601 -33.38 -17.21 28.47
N LYS D 602 -33.11 -18.43 28.93
CA LYS D 602 -32.59 -18.65 30.28
C LYS D 602 -31.18 -18.08 30.45
N ARG D 603 -30.37 -18.16 29.40
CA ARG D 603 -29.00 -17.65 29.43
C ARG D 603 -28.95 -16.13 29.49
N ASN D 604 -29.42 -15.47 28.43
CA ASN D 604 -29.23 -14.02 28.26
C ASN D 604 -30.27 -13.12 28.93
N ASN D 605 -31.28 -13.70 29.57
CA ASN D 605 -32.29 -12.95 30.30
C ASN D 605 -32.93 -11.84 29.45
N TRP D 606 -33.81 -12.23 28.54
CA TRP D 606 -34.51 -11.27 27.68
C TRP D 606 -35.50 -10.48 28.51
N ARG D 607 -35.42 -9.15 28.43
CA ARG D 607 -36.42 -8.28 29.06
C ARG D 607 -37.64 -8.17 28.12
N PRO D 608 -38.86 -8.13 28.68
CA PRO D 608 -40.03 -7.99 27.81
C PRO D 608 -39.91 -6.77 26.90
N GLY D 609 -40.22 -6.97 25.62
CA GLY D 609 -40.07 -5.92 24.61
C GLY D 609 -38.76 -5.97 23.86
N ASP D 610 -37.86 -6.87 24.25
CA ASP D 610 -36.61 -7.07 23.51
C ASP D 610 -36.91 -7.77 22.19
N THR D 611 -36.07 -7.50 21.19
CA THR D 611 -36.18 -8.14 19.89
C THR D 611 -35.25 -9.33 19.78
N VAL D 612 -35.71 -10.38 19.10
CA VAL D 612 -34.89 -11.54 18.79
C VAL D 612 -35.01 -11.84 17.30
N ARG D 613 -33.88 -11.97 16.62
CA ARG D 613 -33.86 -12.26 15.19
C ARG D 613 -33.20 -13.60 14.93
N VAL D 614 -33.86 -14.44 14.14
CA VAL D 614 -33.33 -15.73 13.73
C VAL D 614 -33.13 -15.72 12.23
N VAL D 615 -31.91 -16.01 11.78
CA VAL D 615 -31.61 -16.05 10.36
C VAL D 615 -31.19 -17.45 9.94
N PHE D 616 -31.78 -17.93 8.84
CA PHE D 616 -31.41 -19.21 8.28
C PHE D 616 -30.66 -19.02 6.96
N HIS D 617 -29.60 -19.81 6.75
CA HIS D 617 -28.81 -19.79 5.51
C HIS D 617 -28.81 -21.17 4.85
N ALA D 618 -28.88 -21.20 3.53
CA ALA D 618 -28.65 -22.42 2.76
C ALA D 618 -28.40 -22.10 1.28
N HIS D 619 -27.87 -23.08 0.54
CA HIS D 619 -27.63 -22.90 -0.88
C HIS D 619 -28.91 -23.07 -1.71
N ARG D 620 -29.92 -23.68 -1.12
CA ARG D 620 -31.25 -23.79 -1.72
C ARG D 620 -32.25 -23.05 -0.84
N PRO D 621 -33.36 -22.58 -1.43
CA PRO D 621 -34.43 -21.99 -0.64
C PRO D 621 -35.27 -23.07 0.06
N LEU D 622 -35.79 -22.74 1.23
CA LEU D 622 -36.65 -23.66 1.97
C LEU D 622 -38.06 -23.63 1.41
N LYS D 623 -38.84 -24.67 1.69
CA LYS D 623 -40.26 -24.71 1.33
C LYS D 623 -41.06 -23.67 2.11
N ARG D 624 -42.13 -23.19 1.51
CA ARG D 624 -43.06 -22.28 2.20
C ARG D 624 -43.66 -22.96 3.43
N VAL D 625 -44.08 -24.21 3.26
CA VAL D 625 -44.63 -25.00 4.36
C VAL D 625 -43.62 -25.15 5.50
N ASP D 626 -42.36 -25.39 5.14
CA ASP D 626 -41.28 -25.49 6.13
C ASP D 626 -41.05 -24.17 6.84
N VAL D 627 -41.09 -23.06 6.12
CA VAL D 627 -40.91 -21.75 6.74
C VAL D 627 -42.05 -21.46 7.73
N ALA D 628 -43.27 -21.82 7.36
CA ALA D 628 -44.43 -21.65 8.24
C ALA D 628 -44.26 -22.49 9.53
N SER D 629 -43.76 -23.71 9.36
CA SER D 629 -43.50 -24.58 10.49
C SER D 629 -42.37 -24.07 11.40
N ILE D 630 -41.24 -23.70 10.79
CA ILE D 630 -40.11 -23.16 11.56
C ILE D 630 -40.52 -21.89 12.31
N VAL D 631 -41.24 -21.00 11.63
CA VAL D 631 -41.69 -19.76 12.25
C VAL D 631 -42.62 -20.03 13.43
N PHE D 632 -43.61 -20.89 13.21
CA PHE D 632 -44.57 -21.20 14.26
C PHE D 632 -43.85 -21.69 15.50
N GLU D 633 -43.03 -22.73 15.33
CA GLU D 633 -42.29 -23.33 16.44
C GLU D 633 -41.38 -22.34 17.16
N CYS D 634 -40.73 -21.45 16.42
CA CYS D 634 -39.87 -20.46 17.03
C CYS D 634 -40.69 -19.41 17.78
N THR D 635 -41.70 -18.86 17.12
CA THR D 635 -42.57 -17.85 17.72
C THR D 635 -43.24 -18.35 19.01
N ARG D 636 -43.72 -19.59 18.98
CA ARG D 636 -44.44 -20.15 20.13
C ARG D 636 -43.49 -20.52 21.26
N GLU D 637 -42.25 -20.86 20.91
CA GLU D 637 -41.25 -21.27 21.90
C GLU D 637 -40.73 -20.09 22.72
N ILE D 638 -40.45 -18.96 22.09
CA ILE D 638 -39.98 -17.80 22.84
C ILE D 638 -41.15 -16.95 23.37
N GLY D 639 -42.34 -17.19 22.83
CA GLY D 639 -43.55 -16.54 23.35
C GLY D 639 -43.70 -15.10 22.91
N SER D 640 -44.76 -14.46 23.39
CA SER D 640 -45.15 -13.13 22.94
C SER D 640 -44.53 -11.98 23.76
N ASP D 641 -43.72 -12.32 24.76
CA ASP D 641 -42.97 -11.32 25.52
C ASP D 641 -41.91 -10.61 24.68
N GLN D 642 -41.41 -11.31 23.67
CA GLN D 642 -40.42 -10.75 22.76
C GLN D 642 -41.03 -10.53 21.38
N ASN D 643 -40.39 -9.67 20.60
CA ASN D 643 -40.72 -9.50 19.19
C ASN D 643 -39.76 -10.35 18.35
N ILE D 644 -40.30 -11.30 17.61
CA ILE D 644 -39.50 -12.19 16.78
C ILE D 644 -39.34 -11.55 15.40
N GLN D 645 -38.13 -11.59 14.85
CA GLN D 645 -37.90 -11.27 13.45
C GLN D 645 -37.28 -12.51 12.82
N MET D 646 -37.71 -12.88 11.63
CA MET D 646 -37.18 -14.10 11.03
C MET D 646 -36.92 -13.93 9.53
N ALA D 647 -35.68 -14.21 9.13
CA ALA D 647 -35.26 -14.11 7.73
C ALA D 647 -34.70 -15.44 7.25
N PHE D 648 -35.19 -15.89 6.10
CA PHE D 648 -34.71 -17.13 5.50
C PHE D 648 -33.98 -16.78 4.22
N VAL D 649 -32.69 -17.09 4.20
CA VAL D 649 -31.77 -16.57 3.20
C VAL D 649 -31.22 -17.72 2.39
N THR D 650 -31.05 -17.49 1.09
CA THR D 650 -30.37 -18.45 0.24
C THR D 650 -29.24 -17.75 -0.54
N VAL D 651 -28.10 -18.45 -0.61
CA VAL D 651 -26.89 -17.91 -1.23
C VAL D 651 -26.59 -18.70 -2.51
N SER D 652 -26.31 -17.99 -3.59
CA SER D 652 -25.98 -18.62 -4.86
C SER D 652 -24.61 -18.21 -5.39
N HIS D 653 -23.91 -19.16 -6.00
CA HIS D 653 -22.66 -18.92 -6.68
C HIS D 653 -22.83 -18.99 -8.19
N ASP D 654 -23.58 -19.98 -8.66
CA ASP D 654 -23.78 -20.21 -10.08
C ASP D 654 -25.04 -19.45 -10.54
N HIS D 655 -24.84 -18.31 -11.17
CA HIS D 655 -25.96 -17.45 -11.58
C HIS D 655 -25.49 -16.55 -12.72
N PRO D 656 -26.43 -15.93 -13.45
CA PRO D 656 -26.00 -15.25 -14.67
C PRO D 656 -25.47 -13.81 -14.52
N PHE D 657 -25.40 -13.30 -13.29
CA PHE D 657 -25.00 -11.91 -13.06
C PHE D 657 -23.53 -11.76 -12.67
N VAL D 658 -22.93 -10.66 -13.12
CA VAL D 658 -21.59 -10.27 -12.68
C VAL D 658 -21.47 -8.74 -12.61
N LEU D 659 -20.76 -8.27 -11.60
CA LEU D 659 -20.59 -6.84 -11.34
C LEU D 659 -19.23 -6.35 -11.85
N ILE D 660 -19.26 -5.27 -12.64
CA ILE D 660 -18.05 -4.66 -13.19
C ILE D 660 -17.94 -3.25 -12.62
N ASP D 661 -16.80 -2.95 -12.00
CA ASP D 661 -16.51 -1.63 -11.46
C ASP D 661 -15.45 -0.94 -12.34
N ARG D 662 -15.92 -0.16 -13.32
CA ARG D 662 -15.04 0.42 -14.34
C ARG D 662 -14.01 1.42 -13.82
N SER D 663 -14.17 1.87 -12.58
CA SER D 663 -13.24 2.82 -11.95
C SER D 663 -12.11 2.17 -11.15
N GLU D 664 -12.04 0.85 -11.12
CA GLU D 664 -11.00 0.14 -10.35
C GLU D 664 -9.78 -0.12 -11.22
N ARG D 665 -8.67 0.54 -10.87
CA ARG D 665 -7.42 0.40 -11.61
C ARG D 665 -6.80 -0.99 -11.42
N GLY D 666 -6.98 -1.57 -10.23
CA GLY D 666 -6.41 -2.88 -9.91
C GLY D 666 -5.08 -2.75 -9.20
N LEU D 667 -4.43 -3.90 -8.95
CA LEU D 667 -3.13 -3.96 -8.29
C LEU D 667 -2.14 -4.68 -9.19
N GLU D 668 -0.85 -4.42 -8.97
CA GLU D 668 0.23 -5.07 -9.73
C GLU D 668 0.27 -6.56 -9.40
N ALA D 669 0.23 -7.41 -10.44
CA ALA D 669 0.14 -8.87 -10.28
C ALA D 669 0.99 -9.39 -9.12
N TYR D 670 2.26 -8.97 -9.13
CA TYR D 670 3.17 -9.17 -8.01
C TYR D 670 3.95 -7.87 -7.85
N LYS D 671 4.93 -7.85 -6.93
CA LYS D 671 5.81 -6.68 -6.76
C LYS D 671 7.09 -6.89 -7.56
N GLY D 672 7.21 -6.29 -8.75
CA GLY D 672 6.20 -5.41 -9.34
C GLY D 672 6.46 -5.13 -10.81
N SER D 673 5.70 -5.80 -11.67
CA SER D 673 5.81 -5.61 -13.13
C SER D 673 4.70 -4.68 -13.62
N THR D 674 4.47 -4.64 -14.93
CA THR D 674 3.37 -3.87 -15.50
C THR D 674 2.04 -4.59 -15.33
N ALA D 675 2.07 -5.93 -15.35
CA ALA D 675 0.86 -6.76 -15.25
C ALA D 675 0.03 -6.41 -14.01
N ARG D 676 -1.30 -6.44 -14.17
CA ARG D 676 -2.23 -6.07 -13.11
C ARG D 676 -3.28 -7.15 -12.87
N LYS D 677 -3.81 -7.18 -11.63
CA LYS D 677 -4.83 -8.15 -11.24
C LYS D 677 -6.04 -7.47 -10.59
N GLY D 678 -7.22 -8.02 -10.83
CA GLY D 678 -8.44 -7.48 -10.25
C GLY D 678 -8.87 -6.16 -10.86
N VAL D 679 -8.56 -5.97 -12.13
CA VAL D 679 -8.98 -4.77 -12.86
C VAL D 679 -10.48 -4.90 -13.08
N PHE D 680 -11.21 -3.86 -12.71
CA PHE D 680 -12.68 -3.81 -12.84
C PHE D 680 -13.44 -4.66 -11.80
N ALA D 681 -12.72 -5.27 -10.87
CA ALA D 681 -13.35 -6.09 -9.83
C ALA D 681 -13.88 -5.20 -8.73
N PRO D 682 -15.21 -5.31 -8.43
CA PRO D 682 -15.81 -4.51 -7.37
C PRO D 682 -15.14 -4.72 -6.00
N PRO D 683 -15.17 -3.69 -5.13
CA PRO D 683 -14.59 -3.84 -3.81
C PRO D 683 -15.41 -4.79 -2.94
N ARG D 684 -14.71 -5.49 -2.05
CA ARG D 684 -15.33 -6.46 -1.15
C ARG D 684 -16.36 -5.74 -0.30
N GLY D 685 -17.62 -6.19 -0.40
CA GLY D 685 -18.69 -5.60 0.38
C GLY D 685 -19.62 -4.71 -0.44
N ALA D 686 -19.39 -4.67 -1.76
CA ALA D 686 -20.34 -4.04 -2.68
C ALA D 686 -21.63 -4.84 -2.73
N ILE D 687 -22.76 -4.17 -2.55
CA ILE D 687 -24.08 -4.79 -2.56
C ILE D 687 -24.96 -4.09 -3.59
N SER D 688 -25.35 -4.81 -4.63
CA SER D 688 -26.17 -4.25 -5.70
C SER D 688 -27.59 -4.79 -5.62
N ARG D 689 -28.58 -3.93 -5.83
CA ARG D 689 -29.98 -4.35 -5.85
C ARG D 689 -30.35 -4.89 -7.24
N VAL D 690 -30.92 -6.09 -7.27
CA VAL D 690 -31.47 -6.67 -8.50
C VAL D 690 -32.99 -6.70 -8.42
N GLY D 691 -33.51 -7.03 -7.25
CA GLY D 691 -34.95 -7.04 -6.99
C GLY D 691 -35.23 -6.73 -5.53
N ARG D 692 -36.50 -6.80 -5.14
CA ARG D 692 -36.87 -6.54 -3.76
C ARG D 692 -36.19 -7.56 -2.85
N LEU D 693 -36.23 -8.82 -3.26
CA LEU D 693 -35.72 -9.93 -2.46
C LEU D 693 -34.25 -10.27 -2.71
N THR D 694 -33.62 -9.62 -3.68
CA THR D 694 -32.34 -10.11 -4.20
C THR D 694 -31.23 -9.07 -4.17
N ARG D 695 -30.02 -9.51 -3.84
CA ARG D 695 -28.83 -8.65 -3.80
C ARG D 695 -27.58 -9.38 -4.31
N LEU D 696 -26.79 -8.69 -5.12
CA LEU D 696 -25.50 -9.21 -5.57
C LEU D 696 -24.44 -8.76 -4.57
N LEU D 697 -23.55 -9.69 -4.19
CA LEU D 697 -22.56 -9.44 -3.15
C LEU D 697 -21.16 -9.78 -3.65
N ALA D 698 -20.29 -8.77 -3.68
CA ALA D 698 -18.90 -8.93 -4.09
C ALA D 698 -18.05 -9.35 -2.91
N VAL D 699 -17.30 -10.44 -3.08
CA VAL D 699 -16.47 -10.99 -2.01
C VAL D 699 -14.98 -10.92 -2.35
N ASN D 700 -14.64 -11.14 -3.62
CA ASN D 700 -13.24 -11.21 -4.05
C ASN D 700 -12.70 -9.88 -4.59
N SER D 701 -12.07 -9.11 -3.71
CA SER D 701 -11.49 -7.82 -4.06
C SER D 701 -10.14 -7.99 -4.75
N PRO D 702 -9.60 -6.88 -5.33
CA PRO D 702 -8.23 -6.85 -5.86
C PRO D 702 -7.19 -7.39 -4.88
N GLN D 703 -7.37 -7.10 -3.59
CA GLN D 703 -6.49 -7.59 -2.54
C GLN D 703 -6.41 -9.13 -2.50
N LEU D 704 -7.55 -9.80 -2.71
CA LEU D 704 -7.67 -11.25 -2.58
C LEU D 704 -7.55 -12.02 -3.91
N ILE D 705 -7.73 -11.33 -5.04
CA ILE D 705 -7.58 -11.97 -6.35
C ILE D 705 -6.12 -12.42 -6.52
N LYS D 706 -5.93 -13.59 -7.09
CA LYS D 706 -4.64 -14.30 -7.00
C LYS D 706 -3.58 -13.78 -7.95
N ARG D 707 -3.85 -13.85 -9.26
CA ARG D 707 -2.87 -13.41 -10.28
C ARG D 707 -3.51 -12.57 -11.38
N ALA D 708 -2.69 -12.11 -12.31
CA ALA D 708 -3.13 -11.28 -13.43
C ALA D 708 -4.24 -11.95 -14.25
N ASN D 709 -4.01 -13.21 -14.60
CA ASN D 709 -4.94 -13.95 -15.46
C ASN D 709 -6.14 -14.55 -14.74
N THR D 710 -6.27 -14.28 -13.44
CA THR D 710 -7.47 -14.62 -12.70
C THR D 710 -8.63 -13.82 -13.27
N PRO D 711 -9.71 -14.51 -13.70
CA PRO D 711 -10.88 -13.82 -14.25
C PRO D 711 -11.49 -12.76 -13.32
N LEU D 712 -12.44 -12.01 -13.84
CA LEU D 712 -13.25 -11.12 -13.02
C LEU D 712 -14.12 -12.01 -12.13
N PRO D 713 -14.17 -11.71 -10.81
CA PRO D 713 -14.98 -12.55 -9.93
C PRO D 713 -16.46 -12.44 -10.20
N THR D 714 -17.19 -13.54 -10.04
CA THR D 714 -18.63 -13.49 -9.98
C THR D 714 -19.01 -13.14 -8.54
N PRO D 715 -20.03 -12.31 -8.36
CA PRO D 715 -20.52 -12.05 -7.01
C PRO D 715 -21.38 -13.19 -6.50
N LEU D 716 -21.76 -13.14 -5.24
CA LEU D 716 -22.72 -14.07 -4.66
C LEU D 716 -24.11 -13.48 -4.76
N LEU D 717 -25.10 -14.32 -5.05
CA LEU D 717 -26.47 -13.87 -5.13
C LEU D 717 -27.14 -14.22 -3.82
N VAL D 718 -27.57 -13.20 -3.08
CA VAL D 718 -28.25 -13.38 -1.81
C VAL D 718 -29.73 -13.11 -2.00
N SER D 719 -30.58 -14.10 -1.70
CA SER D 719 -32.02 -13.98 -1.93
C SER D 719 -32.79 -14.23 -0.63
N LEU D 720 -33.85 -13.43 -0.42
CA LEU D 720 -34.67 -13.54 0.77
C LEU D 720 -35.96 -14.26 0.45
N HIS D 721 -36.32 -15.22 1.31
CA HIS D 721 -37.58 -15.95 1.17
C HIS D 721 -38.75 -14.94 1.32
N PRO D 722 -39.77 -15.04 0.45
CA PRO D 722 -40.84 -14.02 0.50
C PRO D 722 -41.69 -14.05 1.78
N ASP D 723 -41.80 -15.23 2.39
CA ASP D 723 -42.53 -15.40 3.65
C ASP D 723 -41.70 -14.99 4.89
N SER D 724 -40.49 -14.49 4.67
CA SER D 724 -39.65 -13.95 5.74
C SER D 724 -40.33 -12.77 6.43
N THR D 725 -40.37 -12.79 7.76
CA THR D 725 -40.96 -11.67 8.52
C THR D 725 -40.01 -10.48 8.61
N PHE D 726 -38.71 -10.73 8.44
CA PHE D 726 -37.67 -9.69 8.47
C PHE D 726 -37.16 -9.45 7.05
N LYS D 727 -37.23 -8.20 6.59
CA LYS D 727 -37.12 -7.89 5.16
C LYS D 727 -35.82 -7.17 4.73
N ASP D 728 -34.98 -6.75 5.68
CA ASP D 728 -33.80 -5.95 5.33
C ASP D 728 -32.69 -6.82 4.75
N VAL D 729 -32.80 -7.11 3.45
CA VAL D 729 -31.86 -8.01 2.79
C VAL D 729 -30.46 -7.39 2.62
N ASP D 730 -30.37 -6.06 2.63
CA ASP D 730 -29.06 -5.37 2.60
C ASP D 730 -28.22 -5.73 3.83
N TYR D 731 -28.86 -5.73 5.00
CA TYR D 731 -28.21 -6.14 6.25
C TYR D 731 -27.78 -7.61 6.21
N LEU D 732 -28.66 -8.46 5.68
CA LEU D 732 -28.42 -9.89 5.62
C LEU D 732 -27.23 -10.24 4.74
N ALA D 733 -27.06 -9.49 3.65
CA ALA D 733 -25.97 -9.72 2.71
C ALA D 733 -24.64 -9.33 3.34
N GLU D 734 -24.65 -8.23 4.09
CA GLU D 734 -23.50 -7.82 4.88
C GLU D 734 -23.14 -8.89 5.92
N GLN D 735 -24.16 -9.42 6.58
CA GLN D 735 -23.99 -10.50 7.55
C GLN D 735 -23.33 -11.72 6.88
N ALA D 736 -23.86 -12.12 5.73
CA ALA D 736 -23.29 -13.20 4.94
C ALA D 736 -21.81 -12.97 4.65
N LEU D 737 -21.45 -11.72 4.33
CA LEU D 737 -20.04 -11.36 4.11
C LEU D 737 -19.19 -11.50 5.38
N LYS D 738 -19.72 -11.08 6.52
CA LYS D 738 -19.01 -11.21 7.79
C LYS D 738 -18.74 -12.68 8.10
N PHE D 739 -19.67 -13.54 7.72
CA PHE D 739 -19.59 -14.98 8.04
C PHE D 739 -18.56 -15.73 7.21
N THR D 740 -18.12 -15.14 6.08
CA THR D 740 -17.01 -15.71 5.31
C THR D 740 -15.68 -15.47 6.01
N SER D 741 -15.57 -14.34 6.71
CA SER D 741 -14.35 -14.04 7.48
C SER D 741 -14.28 -14.81 8.80
N LEU D 742 -15.33 -15.59 9.11
CA LEU D 742 -15.41 -16.33 10.35
C LEU D 742 -14.75 -17.73 10.31
N SER D 743 -14.32 -18.17 9.12
CA SER D 743 -13.78 -19.54 8.95
C SER D 743 -12.41 -19.75 9.58
N TRP D 744 -12.31 -20.75 10.46
CA TRP D 744 -11.03 -21.08 11.11
C TRP D 744 -10.31 -22.26 10.41
N ARG D 745 -10.66 -22.51 9.15
CA ARG D 745 -9.90 -23.43 8.28
C ARG D 745 -8.69 -22.71 7.71
N SER D 746 -8.85 -21.42 7.49
CA SER D 746 -7.86 -20.65 6.78
C SER D 746 -7.78 -19.24 7.30
N THR D 747 -6.67 -18.59 7.01
CA THR D 747 -6.47 -17.20 7.37
C THR D 747 -7.24 -16.31 6.38
N LEU D 748 -7.38 -16.78 5.14
CA LEU D 748 -8.20 -16.13 4.13
C LEU D 748 -9.65 -16.51 4.36
N PRO D 749 -10.60 -15.68 3.90
CA PRO D 749 -12.01 -15.99 4.11
C PRO D 749 -12.50 -17.07 3.15
N ALA D 750 -13.59 -17.72 3.50
CA ALA D 750 -14.16 -18.79 2.67
C ALA D 750 -14.99 -18.22 1.52
N ALA D 751 -15.37 -19.10 0.59
CA ALA D 751 -16.19 -18.72 -0.57
C ALA D 751 -17.68 -18.58 -0.25
N THR D 752 -18.07 -18.94 0.98
CA THR D 752 -19.45 -18.95 1.41
C THR D 752 -19.43 -18.85 2.93
N PRO D 753 -20.49 -18.32 3.55
CA PRO D 753 -20.45 -18.13 5.01
C PRO D 753 -20.31 -19.44 5.77
N VAL D 754 -19.59 -19.40 6.90
CA VAL D 754 -19.33 -20.60 7.72
C VAL D 754 -20.60 -21.39 8.03
N THR D 755 -21.70 -20.68 8.29
CA THR D 755 -22.98 -21.31 8.59
C THR D 755 -23.34 -22.41 7.58
N ILE D 756 -23.13 -22.13 6.31
CA ILE D 756 -23.32 -23.14 5.29
C ILE D 756 -22.08 -24.02 5.17
N PHE D 757 -20.91 -23.40 5.23
CA PHE D 757 -19.64 -24.03 4.91
C PHE D 757 -19.26 -25.16 5.86
N TYR D 758 -19.29 -24.88 7.16
CA TYR D 758 -19.02 -25.88 8.17
C TYR D 758 -20.02 -27.01 8.09
N SER D 759 -21.29 -26.65 7.90
CA SER D 759 -22.36 -27.63 7.75
C SER D 759 -22.12 -28.61 6.61
N GLU D 760 -21.38 -28.19 5.58
CA GLU D 760 -21.06 -29.06 4.45
C GLU D 760 -19.92 -30.01 4.79
N ARG D 761 -18.95 -29.50 5.54
CA ARG D 761 -17.81 -30.32 5.97
C ARG D 761 -18.29 -31.40 6.94
N ILE D 762 -19.19 -31.02 7.84
CA ILE D 762 -19.74 -31.97 8.82
C ILE D 762 -20.54 -33.07 8.15
N ALA D 763 -21.36 -32.67 7.18
CA ALA D 763 -22.20 -33.62 6.45
C ALA D 763 -21.35 -34.62 5.69
N GLU D 764 -20.24 -34.17 5.12
CA GLU D 764 -19.38 -35.05 4.33
C GLU D 764 -18.63 -36.03 5.22
N LEU D 765 -18.14 -35.55 6.35
CA LEU D 765 -17.41 -36.43 7.28
C LEU D 765 -18.31 -37.48 7.92
N LEU D 766 -19.41 -37.05 8.52
CA LEU D 766 -20.33 -37.98 9.18
C LEU D 766 -20.96 -38.97 8.20
N GLY D 767 -21.11 -38.56 6.95
CA GLY D 767 -21.62 -39.46 5.92
C GLY D 767 -20.62 -40.56 5.58
N ARG D 768 -19.36 -40.17 5.41
CA ARG D 768 -18.29 -41.13 5.14
C ARG D 768 -18.09 -42.06 6.31
N LEU D 769 -18.16 -41.50 7.52
CA LEU D 769 -18.00 -42.27 8.74
C LEU D 769 -19.15 -43.25 8.98
N LYS D 770 -20.35 -42.91 8.52
CA LYS D 770 -21.51 -43.81 8.64
C LYS D 770 -21.23 -45.22 8.08
N SER D 771 -20.33 -45.32 7.09
CA SER D 771 -19.99 -46.60 6.48
C SER D 771 -18.76 -47.28 7.09
N ILE D 772 -18.03 -46.57 7.95
CA ILE D 772 -16.78 -47.09 8.50
C ILE D 772 -17.06 -48.01 9.68
N PRO D 773 -16.65 -49.29 9.59
CA PRO D 773 -16.88 -50.17 10.74
C PRO D 773 -16.20 -49.63 12.00
N ASN D 774 -16.86 -49.82 13.13
CA ASN D 774 -16.39 -49.35 14.45
C ASN D 774 -16.40 -47.85 14.65
N TRP D 775 -17.11 -47.11 13.78
CA TRP D 775 -17.33 -45.70 14.00
C TRP D 775 -18.47 -45.50 15.00
N SER D 776 -18.24 -44.66 16.00
CA SER D 776 -19.31 -44.18 16.86
C SER D 776 -19.21 -42.68 17.04
N SER D 777 -20.36 -42.01 17.05
CA SER D 777 -20.42 -40.57 17.28
C SER D 777 -20.56 -40.21 18.75
N ALA D 778 -20.54 -41.20 19.64
CA ALA D 778 -20.81 -40.99 21.06
C ALA D 778 -20.07 -39.79 21.65
N ASN D 779 -18.79 -39.62 21.30
CA ASN D 779 -17.97 -38.53 21.83
C ASN D 779 -18.15 -37.17 21.15
N LEU D 780 -18.94 -37.11 20.07
CA LEU D 780 -19.14 -35.85 19.37
C LEU D 780 -19.81 -34.80 20.26
N ASN D 781 -20.74 -35.22 21.08
CA ASN D 781 -21.42 -34.32 22.03
C ASN D 781 -20.90 -34.44 23.46
N ILE D 782 -19.77 -35.12 23.65
CA ILE D 782 -19.14 -35.25 24.97
C ILE D 782 -17.74 -34.64 24.93
N LYS D 783 -16.71 -35.42 24.61
CA LYS D 783 -15.34 -34.90 24.64
C LYS D 783 -15.08 -33.83 23.58
N LEU D 784 -15.80 -33.92 22.45
CA LEU D 784 -15.61 -33.06 21.30
C LEU D 784 -16.70 -32.00 21.18
N LYS D 785 -17.49 -31.81 22.23
CA LYS D 785 -18.63 -30.92 22.18
C LYS D 785 -18.26 -29.51 21.72
N TRP D 786 -17.13 -29.00 22.23
CA TRP D 786 -16.65 -27.65 21.94
C TRP D 786 -15.47 -27.64 20.97
N SER D 787 -15.13 -28.81 20.45
CA SER D 787 -14.03 -28.96 19.49
C SER D 787 -14.56 -28.71 18.10
N ARG D 788 -13.77 -28.03 17.26
CA ARG D 788 -14.16 -27.86 15.86
C ARG D 788 -13.45 -28.94 15.05
N TRP D 789 -13.84 -30.19 15.31
CA TRP D 789 -13.25 -31.40 14.68
C TRP D 789 -13.42 -31.48 13.17
N PHE D 790 -14.42 -30.76 12.65
CA PHE D 790 -14.79 -30.80 11.24
C PHE D 790 -13.89 -29.94 10.34
N LEU D 791 -13.16 -29.00 10.94
CA LEU D 791 -12.30 -28.08 10.17
C LEU D 791 -11.18 -28.80 9.43
#